data_7LUF
#
_entry.id   7LUF
#
_cell.length_a   181.300
_cell.length_b   181.300
_cell.length_c   233.685
_cell.angle_alpha   90.000
_cell.angle_beta   90.000
_cell.angle_gamma   90.000
#
_symmetry.space_group_name_H-M   'P 41'
#
loop_
_entity.id
_entity.type
_entity.pdbx_description
1 polymer 'DNA polymerase'
2 polymer "DNA (5'-D(P*AP*TP*GP*GP*TP*AP*GP*GP*GP*GP*AP*AP*GP*GP*AP*TP*CP*G)-3')"
3 polymer "DNA (5'-D(*CP*GP*AP*TP*CP*CP*TP*TP*CP*CP*CP*CP*TP*AP*C)-3')"
4 non-polymer N-(4-chlorobenzyl)-1-methyl-6-(morpholinomethyl)-4-oxo-1,4-dihydroquinoline-3-carboxamide
#
loop_
_entity_poly.entity_id
_entity_poly.type
_entity_poly.pdbx_seq_one_letter_code
_entity_poly.pdbx_strand_id
1 'polypeptide(L)'
;LEVLFQGPNFYNPYLAPVGTQQKPTGPTQRHTYYSECDEFRFIAPRVLDEDAPPEKRAGVHDGHLKRAPKVYCGGDERDV
LRVGSGGFWPRRSRLWGGVDHAPAGFNPTVTVFHVYDILENVEHAYGMRAAQFHARFMDAITPTGTVITLLGLTPEGHRV
AVHVYGTRQYFYMNKEEVDRHLQCRAPRDLCERMAAALRESPGASFRGISADHFEAEVVERTDVYYYETRPALFYRVYVR
SGRVLSYLCDNFCPAIKKYEGGVDATTRFILDNPGFVTFGWYRLKPGRNNTLAQPRAPMAFGTSSDVEFNCTADNLAIEG
GMSDLPAYKLMCFDIACKAGGEDELAFPVAGHPEDLVIQISCLLYDLSTTALEHVLLFSLGSCDLPESHLNELAARGLPT
PVVLEFDSEFEMLLAFMTLVKQYGPEFVTGYNIINFDWPFLLAKLTDIYKVPLDGYGRMNGRGVFRVWDIGQSHFQKRSK
IKVNGMVNIDMYGIITDKIKLSSYKLNAVAEAVLKDKKKDLSYRDIPAYYAAGPAQRGVIGEYCIQDSLLVGQLFFKFLP
HLELSAVARLAGINITRTIYDGQQIRVFTCLLRLADQKGFILPDTQGRFRGAGGEAPKRPAAAREDEERPEEEGEDEDER
EEGGGEREPEGARETAGRHVGYQGARVHDPTSGFHVNPVVGFDFASLYPSIIQAHNLCFSTLSLRADAVAHLEAGKDYLE
IEVGGRRLFFVKAHVRESLLSILLRDWLAMRKQIRSRIPQSSPEEAVLLDKQQAAIKVVCNSVYGFTGVQHGLLPCLHVA
ATVTTIGREMLLATREYVHARWAAFEQLLADFPEAADMRAPGPYSMRIIYGDTDSIFVLCRGLTAAGLTAMGDKMASHIS
RALFLPPIKLECEKTFTKLLLIAKKKYIGVIYGGKMLIKGVDLVRKNNCAFINRTSRALVDLLFYDDTVSGAAAALAERP
AEEWLARPLPEGLQAFGAVLVDAHRRITDPERDIQDFVLTAELSRHPRAYTNKRLAHLTVYYKLMARRAQVPSIKDRIPY
VIVAQTREVEETVARLAALRELDAAAPGDEPAPPAALPSPAKRPRETPSHADPPGGASKPRKLLVSELAEDPAYAIAHGV
ALNTDYYFSHLLGAACVTFKALFGNNAKITESLLKRFIPEVWH
;
A,B
2 'polydeoxyribonucleotide'
;(DA)(DA)(DT)(DG)(DG)(DT)(DA)(DG)(DG)(DG)(DG)(DA)(DA)(DG)(DG)(DA)(DT)(DC)(DG)(DT)
(DA)(DT)(DG)(DG)(DC)(DC)(DT)
;
C,E
3 'polydeoxyribonucleotide'
;(DA)(DG)(DG)(DC)(DC)(DA)(DT)(DA)(DC)(DG)(DA)(DT)(DC)(DC)(DT)(DT)(DC)(DC)(DC)(DC)
(DT)(DA)(DC)
;
D,F
#
loop_
_chem_comp.id
_chem_comp.type
_chem_comp.name
_chem_comp.formula
DA DNA linking 2'-DEOXYADENOSINE-5'-MONOPHOSPHATE 'C10 H14 N5 O6 P'
DC DNA linking 2'-DEOXYCYTIDINE-5'-MONOPHOSPHATE 'C9 H14 N3 O7 P'
DG DNA linking 2'-DEOXYGUANOSINE-5'-MONOPHOSPHATE 'C10 H14 N5 O7 P'
DT DNA linking THYMIDINE-5'-MONOPHOSPHATE 'C10 H15 N2 O8 P'
YE4 non-polymer N-(4-chlorobenzyl)-1-methyl-6-(morpholinomethyl)-4-oxo-1,4-dihydroquinoline-3-carboxamide 'C23 H24 Cl N3 O3'
#
# COMPACT_ATOMS: atom_id res chain seq x y z
N THR A 25 -35.07 28.13 5.13
CA THR A 25 -36.08 27.53 5.99
C THR A 25 -35.66 27.62 7.46
N GLY A 26 -34.35 27.54 7.69
CA GLY A 26 -33.81 27.51 9.03
C GLY A 26 -33.03 26.23 9.26
N PRO A 27 -32.26 26.19 10.34
CA PRO A 27 -31.47 24.98 10.62
C PRO A 27 -32.35 23.78 10.92
N THR A 28 -31.81 22.60 10.64
CA THR A 28 -32.48 21.35 10.97
C THR A 28 -32.01 20.76 12.29
N GLN A 29 -30.80 21.15 12.73
CA GLN A 29 -30.24 20.71 14.01
C GLN A 29 -29.88 21.99 14.75
N ARG A 30 -30.71 22.36 15.73
CA ARG A 30 -30.63 23.66 16.38
C ARG A 30 -29.22 23.94 16.91
N HIS A 31 -28.65 25.05 16.47
CA HIS A 31 -27.33 25.46 16.95
C HIS A 31 -27.45 26.00 18.38
N THR A 32 -26.76 25.35 19.32
CA THR A 32 -26.87 25.70 20.73
C THR A 32 -25.75 26.61 21.22
N TYR A 33 -24.71 26.84 20.42
CA TYR A 33 -23.69 27.79 20.82
C TYR A 33 -24.21 29.22 20.69
N TYR A 34 -23.87 30.05 21.67
CA TYR A 34 -24.41 31.41 21.72
C TYR A 34 -23.97 32.24 20.54
N SER A 35 -24.92 32.58 19.66
CA SER A 35 -24.72 33.54 18.60
C SER A 35 -25.40 34.88 18.87
N GLU A 36 -26.35 34.91 19.81
CA GLU A 36 -27.04 36.14 20.21
C GLU A 36 -27.04 36.24 21.72
N CYS A 37 -26.93 37.47 22.23
CA CYS A 37 -26.99 37.71 23.66
C CYS A 37 -27.42 39.15 23.91
N ASP A 38 -28.35 39.33 24.85
CA ASP A 38 -28.87 40.64 25.18
C ASP A 38 -28.76 41.02 26.66
N GLU A 39 -28.43 40.07 27.53
CA GLU A 39 -28.35 40.35 28.96
C GLU A 39 -27.57 39.22 29.62
N PHE A 40 -26.71 39.58 30.57
CA PHE A 40 -25.81 38.61 31.18
C PHE A 40 -25.44 39.06 32.59
N ARG A 41 -24.87 38.12 33.34
CA ARG A 41 -24.34 38.41 34.66
C ARG A 41 -22.96 39.05 34.53
N PHE A 42 -22.81 40.26 35.04
CA PHE A 42 -21.59 41.03 34.95
C PHE A 42 -20.85 40.92 36.28
N ILE A 43 -19.62 40.43 36.23
CA ILE A 43 -18.74 40.35 37.39
C ILE A 43 -17.36 40.86 36.97
N ALA A 44 -16.81 41.78 37.77
CA ALA A 44 -15.53 42.39 37.43
C ALA A 44 -14.97 43.06 38.67
N PRO A 45 -13.64 43.10 38.82
CA PRO A 45 -13.06 43.66 40.05
C PRO A 45 -13.15 45.19 40.06
N ARG A 46 -13.56 45.73 41.22
CA ARG A 46 -13.63 47.18 41.38
C ARG A 46 -12.26 47.83 41.34
N VAL A 47 -11.19 47.05 41.51
CA VAL A 47 -9.83 47.60 41.47
C VAL A 47 -9.52 48.22 40.12
N LEU A 48 -10.25 47.86 39.08
CA LEU A 48 -10.04 48.38 37.73
C LEU A 48 -10.76 49.70 37.49
N ASP A 49 -11.50 50.20 38.46
CA ASP A 49 -12.24 51.46 38.33
C ASP A 49 -11.39 52.58 38.94
N GLU A 50 -10.91 53.48 38.08
CA GLU A 50 -10.05 54.57 38.54
C GLU A 50 -10.83 55.77 39.05
N ASP A 51 -11.94 56.11 38.39
CA ASP A 51 -12.78 57.21 38.85
C ASP A 51 -13.44 56.93 40.18
N ALA A 52 -13.45 55.68 40.64
CA ALA A 52 -13.89 55.35 41.98
C ALA A 52 -12.79 55.68 42.98
N PRO A 53 -13.15 56.03 44.22
CA PRO A 53 -12.13 56.35 45.21
C PRO A 53 -11.29 55.14 45.53
N PRO A 54 -9.99 55.31 45.81
CA PRO A 54 -9.13 54.17 46.13
C PRO A 54 -9.61 53.35 47.32
N GLU A 55 -10.68 53.77 47.98
CA GLU A 55 -11.28 53.02 49.08
C GLU A 55 -12.47 52.19 48.66
N LYS A 56 -13.26 52.68 47.69
CA LYS A 56 -14.40 51.92 47.16
C LYS A 56 -14.03 51.08 45.96
N ARG A 57 -12.85 50.47 45.97
CA ARG A 57 -12.39 49.65 44.87
C ARG A 57 -11.92 48.28 45.30
N ALA A 58 -12.06 47.93 46.58
CA ALA A 58 -11.58 46.63 47.06
C ALA A 58 -12.48 45.51 46.56
N GLY A 59 -13.78 45.64 46.75
CA GLY A 59 -14.74 44.62 46.38
C GLY A 59 -14.77 44.29 44.89
N VAL A 60 -15.73 43.46 44.49
CA VAL A 60 -15.87 43.04 43.10
C VAL A 60 -17.32 43.23 42.67
N HIS A 61 -17.54 44.02 41.61
CA HIS A 61 -18.87 44.21 41.06
C HIS A 61 -19.46 42.88 40.62
N ASP A 62 -20.71 42.63 41.02
CA ASP A 62 -21.44 41.43 40.66
C ASP A 62 -22.91 41.78 40.53
N GLY A 63 -23.52 41.52 39.38
CA GLY A 63 -24.93 41.79 39.21
C GLY A 63 -25.35 41.64 37.77
N HIS A 64 -26.67 41.57 37.59
CA HIS A 64 -27.24 41.41 36.26
C HIS A 64 -27.09 42.70 35.46
N LEU A 65 -26.95 42.55 34.13
CA LEU A 65 -26.87 43.68 33.22
C LEU A 65 -27.54 43.31 31.91
N LYS A 66 -28.06 44.32 31.19
CA LYS A 66 -28.83 44.11 29.96
C LYS A 66 -28.21 44.92 28.82
N ARG A 67 -27.00 44.53 28.38
CA ARG A 67 -26.40 45.12 27.20
C ARG A 67 -25.69 44.03 26.39
N ALA A 68 -25.58 44.26 25.09
CA ALA A 68 -24.98 43.29 24.20
C ALA A 68 -23.50 43.09 24.53
N PRO A 69 -23.01 41.85 24.59
CA PRO A 69 -21.59 41.62 24.88
C PRO A 69 -20.69 42.23 23.81
N LYS A 70 -19.63 42.91 24.26
CA LYS A 70 -18.73 43.62 23.38
C LYS A 70 -17.29 43.34 23.77
N VAL A 71 -16.37 43.58 22.84
CA VAL A 71 -14.95 43.38 23.04
C VAL A 71 -14.21 44.56 22.42
N TYR A 72 -13.17 45.02 23.10
CA TYR A 72 -12.36 46.17 22.69
C TYR A 72 -11.02 45.66 22.17
N CYS A 73 -10.62 46.16 20.99
CA CYS A 73 -9.30 45.87 20.42
C CYS A 73 -8.77 47.12 19.74
N GLY A 74 -7.59 47.56 20.15
CA GLY A 74 -6.91 48.69 19.54
C GLY A 74 -7.75 49.94 19.37
N GLY A 75 -8.43 50.36 20.43
CA GLY A 75 -9.29 51.52 20.38
C GLY A 75 -10.63 51.31 19.71
N ASP A 76 -10.76 50.28 18.87
CA ASP A 76 -12.03 49.96 18.25
C ASP A 76 -12.80 48.99 19.13
N GLU A 77 -14.11 48.90 18.91
CA GLU A 77 -14.95 48.00 19.67
C GLU A 77 -15.93 47.29 18.74
N ARG A 78 -16.24 46.04 19.07
CA ARG A 78 -17.19 45.28 18.27
C ARG A 78 -17.88 44.25 19.17
N ASP A 79 -19.11 43.91 18.80
CA ASP A 79 -19.84 42.92 19.57
C ASP A 79 -19.13 41.57 19.50
N VAL A 80 -19.14 40.84 20.61
CA VAL A 80 -18.46 39.55 20.67
C VAL A 80 -19.04 38.61 19.62
N LEU A 81 -20.36 38.40 19.66
CA LEU A 81 -21.04 37.52 18.74
C LEU A 81 -21.33 38.17 17.39
N ARG A 82 -20.63 39.24 17.05
CA ARG A 82 -20.72 39.83 15.72
C ARG A 82 -19.65 39.20 14.84
N VAL A 83 -20.07 38.71 13.68
CA VAL A 83 -19.19 37.94 12.80
C VAL A 83 -19.28 38.56 11.41
N GLY A 84 -18.12 38.86 10.82
CA GLY A 84 -18.11 39.37 9.48
C GLY A 84 -16.98 40.31 9.13
N SER A 85 -17.38 41.42 8.51
CA SER A 85 -16.48 42.41 7.91
C SER A 85 -15.17 42.62 8.68
N GLY A 86 -15.28 43.04 9.93
CA GLY A 86 -14.08 43.29 10.72
C GLY A 86 -14.01 42.42 11.95
N GLY A 87 -12.94 41.64 12.08
CA GLY A 87 -12.77 40.76 13.21
C GLY A 87 -11.41 40.93 13.84
N PHE A 88 -11.34 40.57 15.12
CA PHE A 88 -10.12 40.70 15.90
C PHE A 88 -9.30 39.42 15.91
N TRP A 89 -9.97 38.27 15.92
CA TRP A 89 -9.37 36.95 15.88
C TRP A 89 -9.61 36.31 14.52
N PRO A 90 -8.86 35.28 14.14
CA PRO A 90 -9.12 34.60 12.88
C PRO A 90 -10.30 33.66 12.99
N ARG A 91 -10.97 33.46 11.85
CA ARG A 91 -12.20 32.68 11.80
C ARG A 91 -12.14 31.69 10.65
N ARG A 92 -12.40 30.42 10.95
CA ARG A 92 -12.51 29.37 9.95
C ARG A 92 -13.95 28.86 9.81
N SER A 93 -14.92 29.62 10.28
CA SER A 93 -16.30 29.17 10.29
C SER A 93 -16.98 29.49 8.95
N ARG A 94 -18.06 28.77 8.69
CA ARG A 94 -18.97 29.10 7.59
C ARG A 94 -20.35 29.46 8.14
N LEU A 95 -21.11 28.48 8.62
CA LEU A 95 -22.38 28.78 9.27
C LEU A 95 -22.13 29.43 10.63
N TRP A 96 -22.93 30.45 10.94
CA TRP A 96 -22.96 31.02 12.28
C TRP A 96 -24.40 31.46 12.55
N GLY A 97 -25.17 30.60 13.19
CA GLY A 97 -26.57 30.87 13.46
C GLY A 97 -27.41 31.08 12.22
N GLY A 98 -27.49 30.05 11.37
CA GLY A 98 -28.32 30.12 10.19
C GLY A 98 -27.91 31.12 9.14
N VAL A 99 -26.71 31.69 9.24
CA VAL A 99 -26.19 32.64 8.26
C VAL A 99 -25.07 31.96 7.49
N ASP A 100 -25.13 32.02 6.17
CA ASP A 100 -24.14 31.36 5.30
C ASP A 100 -23.06 32.39 4.95
N HIS A 101 -22.07 32.52 5.83
CA HIS A 101 -20.94 33.43 5.62
C HIS A 101 -19.92 32.81 4.66
N ALA A 102 -20.37 32.53 3.44
CA ALA A 102 -19.53 31.94 2.42
C ALA A 102 -19.81 32.64 1.10
N PRO A 103 -18.77 32.99 0.35
CA PRO A 103 -18.98 33.63 -0.96
C PRO A 103 -19.79 32.73 -1.88
N ALA A 104 -20.96 33.23 -2.30
CA ALA A 104 -21.84 32.48 -3.18
C ALA A 104 -21.08 31.94 -4.38
N GLY A 105 -21.47 30.73 -4.81
CA GLY A 105 -20.65 29.99 -5.75
C GLY A 105 -19.52 29.25 -5.09
N PHE A 106 -19.69 28.84 -3.84
CA PHE A 106 -18.67 28.12 -3.08
C PHE A 106 -19.07 26.65 -3.07
N ASN A 107 -18.64 25.94 -4.12
CA ASN A 107 -18.96 24.53 -4.30
C ASN A 107 -17.67 23.77 -4.63
N PRO A 108 -16.75 23.67 -3.68
CA PRO A 108 -15.50 22.95 -3.95
C PRO A 108 -15.75 21.46 -4.08
N THR A 109 -15.34 20.89 -5.20
CA THR A 109 -15.53 19.47 -5.45
C THR A 109 -14.47 18.68 -4.67
N VAL A 110 -14.92 17.92 -3.68
CA VAL A 110 -14.01 17.18 -2.79
C VAL A 110 -13.80 15.78 -3.35
N THR A 111 -12.53 15.38 -3.47
CA THR A 111 -12.16 14.04 -3.89
C THR A 111 -11.49 13.28 -2.75
N VAL A 112 -10.38 13.79 -2.22
CA VAL A 112 -9.69 13.17 -1.10
C VAL A 112 -9.81 14.09 0.11
N PHE A 113 -9.56 13.52 1.28
CA PHE A 113 -9.65 14.27 2.53
C PHE A 113 -9.03 13.45 3.66
N HIS A 114 -8.41 14.14 4.60
CA HIS A 114 -7.80 13.50 5.75
C HIS A 114 -8.76 13.46 6.93
N VAL A 115 -8.68 12.40 7.72
CA VAL A 115 -9.57 12.14 8.84
C VAL A 115 -8.71 11.99 10.09
N TYR A 116 -9.10 12.68 11.17
CA TYR A 116 -8.37 12.68 12.43
C TYR A 116 -9.19 12.16 13.60
N ASP A 117 -10.47 12.54 13.70
CA ASP A 117 -11.35 11.99 14.71
C ASP A 117 -12.65 11.55 14.06
N ILE A 118 -13.40 10.70 14.76
CA ILE A 118 -14.62 10.10 14.23
C ILE A 118 -15.71 10.18 15.28
N LEU A 119 -16.89 10.62 14.87
CA LEU A 119 -18.05 10.76 15.75
C LEU A 119 -19.05 9.66 15.47
N GLU A 120 -19.78 9.27 16.51
CA GLU A 120 -20.75 8.18 16.45
C GLU A 120 -22.05 8.71 17.03
N ASN A 121 -23.03 9.02 16.16
CA ASN A 121 -24.25 9.64 16.63
C ASN A 121 -25.46 8.88 16.11
N VAL A 122 -26.65 9.31 16.54
CA VAL A 122 -27.92 8.73 16.13
C VAL A 122 -28.71 9.79 15.39
N GLU A 123 -29.37 9.39 14.30
CA GLU A 123 -30.23 10.29 13.54
C GLU A 123 -31.54 9.59 13.21
N HIS A 124 -32.65 10.30 13.39
CA HIS A 124 -33.97 9.79 13.07
C HIS A 124 -34.47 10.39 11.77
N ALA A 125 -35.27 9.60 11.03
CA ALA A 125 -35.79 10.08 9.75
C ALA A 125 -36.83 11.18 9.96
N TYR A 126 -37.74 11.00 10.92
CA TYR A 126 -38.75 12.01 11.20
C TYR A 126 -38.13 13.37 11.48
N GLY A 127 -36.96 13.39 12.11
CA GLY A 127 -36.26 14.65 12.32
C GLY A 127 -35.71 15.23 11.03
N MET A 128 -35.07 14.39 10.22
CA MET A 128 -34.34 14.83 9.03
C MET A 128 -35.23 14.96 7.79
N ARG A 129 -36.54 14.74 7.92
CA ARG A 129 -37.40 14.86 6.75
C ARG A 129 -37.38 16.26 6.16
N ALA A 130 -37.05 17.27 6.96
CA ALA A 130 -36.88 18.62 6.41
C ALA A 130 -35.68 18.66 5.48
N ALA A 131 -34.53 18.15 5.93
CA ALA A 131 -33.35 18.12 5.09
C ALA A 131 -33.62 17.29 3.84
N GLN A 132 -33.13 17.77 2.70
CA GLN A 132 -33.35 17.12 1.42
C GLN A 132 -32.32 16.01 1.18
N PHE A 133 -32.33 15.02 2.07
CA PHE A 133 -31.45 13.88 1.90
C PHE A 133 -31.99 12.93 0.84
N HIS A 134 -31.08 12.12 0.29
CA HIS A 134 -31.46 11.07 -0.65
C HIS A 134 -32.26 9.98 0.06
N ALA A 135 -32.89 9.12 -0.74
CA ALA A 135 -33.73 8.07 -0.20
C ALA A 135 -32.91 7.05 0.58
N ARG A 136 -31.69 6.76 0.12
CA ARG A 136 -30.86 5.72 0.74
C ARG A 136 -30.63 6.00 2.21
N PHE A 137 -30.27 7.25 2.54
CA PHE A 137 -29.96 7.58 3.93
C PHE A 137 -31.21 7.53 4.80
N MET A 138 -32.34 8.04 4.29
CA MET A 138 -33.58 7.95 5.05
C MET A 138 -33.97 6.50 5.31
N ASP A 139 -33.69 5.61 4.36
CA ASP A 139 -33.88 4.18 4.63
C ASP A 139 -32.89 3.68 5.67
N ALA A 140 -31.68 4.23 5.68
CA ALA A 140 -30.70 3.80 6.67
C ALA A 140 -31.10 4.23 8.08
N ILE A 141 -31.81 5.35 8.21
CA ILE A 141 -32.17 5.88 9.53
C ILE A 141 -33.68 6.01 9.67
N THR A 142 -34.45 5.00 9.21
CA THR A 142 -35.90 5.17 9.14
C THR A 142 -36.54 5.37 10.51
N PRO A 143 -36.45 4.42 11.47
CA PRO A 143 -36.88 4.77 12.83
C PRO A 143 -35.76 5.55 13.50
N THR A 144 -34.60 4.91 13.57
CA THR A 144 -33.39 5.50 14.11
C THR A 144 -32.20 4.79 13.48
N GLY A 145 -31.16 5.55 13.15
CA GLY A 145 -29.98 4.97 12.55
C GLY A 145 -28.69 5.56 13.08
N THR A 146 -27.67 4.71 13.24
CA THR A 146 -26.36 5.17 13.70
C THR A 146 -25.56 5.71 12.53
N VAL A 147 -25.03 6.92 12.69
CA VAL A 147 -24.28 7.62 11.66
C VAL A 147 -22.85 7.82 12.15
N ILE A 148 -21.89 7.50 11.28
CA ILE A 148 -20.47 7.61 11.58
C ILE A 148 -19.93 8.83 10.85
N THR A 149 -19.53 9.86 11.58
CA THR A 149 -19.10 11.12 10.99
C THR A 149 -17.58 11.20 11.00
N LEU A 150 -16.98 11.20 9.82
CA LEU A 150 -15.54 11.40 9.67
C LEU A 150 -15.26 12.90 9.58
N LEU A 151 -14.41 13.41 10.46
CA LEU A 151 -14.05 14.81 10.51
C LEU A 151 -12.63 15.02 10.00
N GLY A 152 -12.40 16.11 9.29
CA GLY A 152 -11.04 16.43 8.88
C GLY A 152 -10.97 17.60 7.92
N LEU A 153 -10.00 17.52 7.01
CA LEU A 153 -9.73 18.60 6.07
C LEU A 153 -9.49 18.02 4.68
N THR A 154 -9.65 18.88 3.69
CA THR A 154 -9.22 18.63 2.33
C THR A 154 -7.79 19.13 2.14
N PRO A 155 -7.13 18.78 1.03
CA PRO A 155 -5.79 19.35 0.79
C PRO A 155 -5.81 20.85 0.62
N GLU A 156 -6.88 21.42 0.06
CA GLU A 156 -7.00 22.87 -0.02
C GLU A 156 -6.96 23.51 1.36
N GLY A 157 -7.66 22.91 2.33
CA GLY A 157 -7.69 23.44 3.68
C GLY A 157 -9.10 23.49 4.24
N HIS A 158 -10.08 23.16 3.42
CA HIS A 158 -11.49 23.23 3.84
C HIS A 158 -11.76 22.26 4.99
N ARG A 159 -12.51 22.73 5.98
CA ARG A 159 -13.03 21.84 7.00
C ARG A 159 -14.14 20.97 6.41
N VAL A 160 -14.10 19.67 6.67
CA VAL A 160 -14.98 18.73 6.01
C VAL A 160 -15.45 17.68 7.01
N ALA A 161 -16.71 17.24 6.85
CA ALA A 161 -17.31 16.22 7.67
C ALA A 161 -18.19 15.35 6.78
N VAL A 162 -17.83 14.09 6.64
CA VAL A 162 -18.57 13.14 5.78
C VAL A 162 -19.32 12.17 6.67
N HIS A 163 -20.61 12.03 6.41
CA HIS A 163 -21.50 11.20 7.22
C HIS A 163 -21.70 9.85 6.53
N VAL A 164 -21.37 8.77 7.23
CA VAL A 164 -21.46 7.42 6.71
C VAL A 164 -22.68 6.76 7.34
N TYR A 165 -23.63 6.40 6.49
CA TYR A 165 -24.86 5.71 6.87
C TYR A 165 -24.74 4.22 6.55
N GLY A 166 -25.40 3.40 7.34
CA GLY A 166 -25.44 1.97 7.14
C GLY A 166 -24.73 1.17 8.20
N THR A 167 -23.88 1.81 9.00
CA THR A 167 -23.17 1.11 10.06
C THR A 167 -24.16 0.61 11.10
N ARG A 168 -24.05 -0.66 11.46
CA ARG A 168 -24.96 -1.28 12.41
C ARG A 168 -24.17 -2.08 13.44
N GLN A 169 -24.47 -1.85 14.72
CA GLN A 169 -23.87 -2.68 15.75
C GLN A 169 -24.47 -4.08 15.65
N TYR A 170 -23.75 -5.07 16.20
CA TYR A 170 -24.32 -6.41 16.22
C TYR A 170 -23.62 -7.24 17.29
N PHE A 171 -24.37 -8.19 17.84
CA PHE A 171 -23.86 -9.06 18.89
C PHE A 171 -24.43 -10.47 18.73
N TYR A 172 -23.74 -11.43 19.34
CA TYR A 172 -24.09 -12.84 19.20
C TYR A 172 -24.62 -13.41 20.50
N MET A 173 -25.50 -14.39 20.38
CA MET A 173 -25.98 -15.19 21.51
C MET A 173 -26.12 -16.64 21.07
N ASN A 174 -25.80 -17.58 21.95
CA ASN A 174 -25.88 -18.99 21.58
C ASN A 174 -27.32 -19.37 21.23
N LYS A 175 -27.49 -20.03 20.09
CA LYS A 175 -28.85 -20.40 19.67
C LYS A 175 -29.42 -21.51 20.54
N GLU A 176 -28.66 -22.59 20.75
CA GLU A 176 -29.13 -23.67 21.60
C GLU A 176 -29.47 -23.18 23.00
N GLU A 177 -28.76 -22.15 23.47
CA GLU A 177 -29.02 -21.60 24.80
C GLU A 177 -30.22 -20.65 24.81
N VAL A 178 -30.45 -19.92 23.72
CA VAL A 178 -31.52 -18.93 23.69
C VAL A 178 -32.86 -19.59 23.35
N ASP A 179 -32.86 -20.49 22.37
CA ASP A 179 -34.06 -21.19 21.95
C ASP A 179 -34.82 -21.80 23.12
N ARG A 180 -34.10 -22.49 24.00
CA ARG A 180 -34.74 -23.24 25.07
C ARG A 180 -35.00 -22.38 26.30
N HIS A 181 -34.21 -21.32 26.50
CA HIS A 181 -34.42 -20.43 27.64
C HIS A 181 -35.60 -19.48 27.42
N LEU A 182 -35.74 -18.92 26.22
CA LEU A 182 -36.82 -17.99 25.91
C LEU A 182 -38.01 -18.65 25.22
N GLN A 183 -38.09 -19.98 25.23
CA GLN A 183 -39.21 -20.71 24.63
C GLN A 183 -39.54 -20.21 23.22
N CYS A 184 -38.50 -20.08 22.40
CA CYS A 184 -38.64 -19.63 21.03
C CYS A 184 -37.74 -20.47 20.14
N ARG A 185 -38.12 -20.65 18.88
CA ARG A 185 -37.38 -21.53 17.99
C ARG A 185 -37.24 -20.93 16.60
N ALA A 186 -37.07 -19.62 16.53
CA ALA A 186 -36.93 -18.92 15.25
C ALA A 186 -36.36 -17.54 15.50
N PRO A 187 -35.63 -16.97 14.54
CA PRO A 187 -35.04 -15.64 14.77
C PRO A 187 -36.08 -14.53 14.90
N ARG A 188 -37.14 -14.57 14.10
CA ARG A 188 -38.23 -13.61 14.24
C ARG A 188 -38.80 -13.64 15.65
N ASP A 189 -38.86 -14.83 16.26
CA ASP A 189 -39.28 -14.94 17.65
C ASP A 189 -38.36 -14.14 18.56
N LEU A 190 -37.04 -14.30 18.40
CA LEU A 190 -36.09 -13.53 19.19
C LEU A 190 -36.31 -12.03 19.02
N CYS A 191 -36.55 -11.60 17.77
CA CYS A 191 -36.86 -10.19 17.53
C CYS A 191 -38.08 -9.75 18.32
N GLU A 192 -39.14 -10.56 18.30
CA GLU A 192 -40.36 -10.24 19.03
C GLU A 192 -40.09 -10.09 20.52
N ARG A 193 -39.34 -11.05 21.09
CA ARG A 193 -39.08 -11.02 22.52
C ARG A 193 -38.22 -9.81 22.91
N MET A 194 -37.19 -9.51 22.10
CA MET A 194 -36.36 -8.34 22.37
C MET A 194 -37.19 -7.06 22.33
N ALA A 195 -38.00 -6.89 21.28
CA ALA A 195 -38.85 -5.70 21.18
C ALA A 195 -39.77 -5.58 22.38
N ALA A 196 -40.46 -6.68 22.71
CA ALA A 196 -41.36 -6.68 23.88
C ALA A 196 -40.61 -6.25 25.14
N ALA A 197 -39.51 -6.92 25.46
CA ALA A 197 -38.71 -6.57 26.63
C ALA A 197 -38.32 -5.10 26.62
N LEU A 198 -37.99 -4.55 25.44
CA LEU A 198 -37.62 -3.15 25.38
C LEU A 198 -38.82 -2.24 25.59
N ARG A 199 -40.03 -2.73 25.28
CA ARG A 199 -41.23 -1.94 25.50
C ARG A 199 -41.51 -1.76 26.98
N GLU A 200 -41.62 -2.88 27.71
CA GLU A 200 -41.81 -2.82 29.16
C GLU A 200 -40.52 -2.46 29.89
N SER A 201 -39.80 -1.47 29.35
CA SER A 201 -38.63 -0.88 29.98
C SER A 201 -39.09 -0.07 31.19
N PRO A 202 -38.14 0.37 32.05
CA PRO A 202 -38.52 1.27 33.15
C PRO A 202 -39.26 2.51 32.65
N GLY A 203 -38.56 3.41 31.96
CA GLY A 203 -39.07 4.70 31.56
C GLY A 203 -39.76 4.74 30.21
N ALA A 204 -40.00 3.59 29.58
CA ALA A 204 -40.61 3.52 28.26
C ALA A 204 -39.85 4.40 27.27
N SER A 205 -38.52 4.28 27.33
CA SER A 205 -37.65 5.05 26.44
C SER A 205 -37.93 4.69 24.99
N PHE A 206 -38.00 3.41 24.69
CA PHE A 206 -38.33 2.91 23.36
C PHE A 206 -39.78 2.43 23.43
N ARG A 207 -40.69 3.26 22.92
CA ARG A 207 -42.10 2.94 22.86
C ARG A 207 -42.50 2.75 21.41
N GLY A 208 -43.26 1.69 21.15
CA GLY A 208 -43.60 1.33 19.79
C GLY A 208 -42.53 0.55 19.05
N ILE A 209 -41.39 0.27 19.69
CA ILE A 209 -40.37 -0.56 19.04
C ILE A 209 -40.91 -1.96 18.83
N SER A 210 -40.76 -2.47 17.61
CA SER A 210 -41.37 -3.73 17.20
C SER A 210 -40.28 -4.68 16.71
N ALA A 211 -40.70 -5.92 16.44
CA ALA A 211 -39.75 -6.94 16.01
C ALA A 211 -39.14 -6.62 14.65
N ASP A 212 -39.86 -5.90 13.79
CA ASP A 212 -39.33 -5.59 12.47
C ASP A 212 -38.16 -4.61 12.52
N HIS A 213 -37.88 -4.01 13.68
CA HIS A 213 -36.76 -3.11 13.85
C HIS A 213 -35.43 -3.82 14.03
N PHE A 214 -35.44 -5.15 14.09
CA PHE A 214 -34.24 -5.94 14.31
C PHE A 214 -34.02 -6.92 13.17
N GLU A 215 -32.76 -7.27 12.95
CA GLU A 215 -32.40 -8.36 12.06
C GLU A 215 -31.65 -9.41 12.85
N ALA A 216 -31.94 -10.68 12.56
CA ALA A 216 -31.39 -11.79 13.32
C ALA A 216 -31.00 -12.89 12.35
N GLU A 217 -29.69 -13.06 12.15
CA GLU A 217 -29.17 -14.19 11.40
C GLU A 217 -28.87 -15.35 12.34
N VAL A 218 -28.82 -16.56 11.77
CA VAL A 218 -28.25 -17.72 12.42
C VAL A 218 -26.92 -18.00 11.74
N VAL A 219 -25.86 -18.18 12.52
CA VAL A 219 -24.52 -18.32 11.96
C VAL A 219 -23.69 -19.19 12.88
N GLU A 220 -22.77 -19.94 12.28
CA GLU A 220 -21.90 -20.84 13.02
C GLU A 220 -20.64 -20.09 13.44
N ARG A 221 -20.27 -20.22 14.72
CA ARG A 221 -19.10 -19.54 15.26
C ARG A 221 -18.52 -20.40 16.37
N THR A 222 -17.40 -19.94 16.94
CA THR A 222 -16.70 -20.69 17.97
C THR A 222 -16.29 -19.74 19.09
N ASP A 223 -16.59 -20.12 20.33
CA ASP A 223 -16.11 -19.36 21.47
C ASP A 223 -14.58 -19.41 21.51
N VAL A 224 -13.96 -18.25 21.76
CA VAL A 224 -12.51 -18.15 21.72
C VAL A 224 -11.85 -18.97 22.81
N TYR A 225 -12.56 -19.29 23.89
CA TYR A 225 -11.95 -19.89 25.06
C TYR A 225 -11.83 -21.40 24.90
N TYR A 226 -10.61 -21.91 25.08
CA TYR A 226 -10.29 -23.32 25.23
C TYR A 226 -10.35 -24.11 23.92
N TYR A 227 -9.39 -25.03 23.77
CA TYR A 227 -9.29 -25.85 22.56
C TYR A 227 -10.45 -26.81 22.42
N GLU A 228 -10.91 -27.40 23.53
CA GLU A 228 -12.03 -28.34 23.47
C GLU A 228 -13.27 -27.72 22.86
N THR A 229 -13.47 -26.42 23.03
CA THR A 229 -14.66 -25.74 22.52
C THR A 229 -14.79 -25.93 21.02
N ARG A 230 -15.94 -26.44 20.58
CA ARG A 230 -16.23 -26.69 19.19
C ARG A 230 -17.30 -25.74 18.68
N PRO A 231 -17.33 -25.48 17.36
CA PRO A 231 -18.32 -24.54 16.81
C PRO A 231 -19.76 -24.86 17.17
N ALA A 232 -20.61 -23.84 17.11
CA ALA A 232 -22.02 -23.95 17.45
C ALA A 232 -22.79 -22.84 16.75
N LEU A 233 -24.11 -22.87 16.91
CA LEU A 233 -25.00 -21.92 16.26
C LEU A 233 -25.28 -20.74 17.19
N PHE A 234 -25.16 -19.53 16.64
CA PHE A 234 -25.43 -18.30 17.36
C PHE A 234 -26.38 -17.43 16.55
N TYR A 235 -27.32 -16.81 17.25
CA TYR A 235 -28.09 -15.71 16.71
C TYR A 235 -27.21 -14.46 16.69
N ARG A 236 -26.98 -13.93 15.49
CA ARG A 236 -26.41 -12.60 15.32
C ARG A 236 -27.55 -11.59 15.23
N VAL A 237 -27.50 -10.58 16.09
CA VAL A 237 -28.55 -9.57 16.19
C VAL A 237 -27.95 -8.23 15.80
N TYR A 238 -28.54 -7.59 14.78
CA TYR A 238 -28.15 -6.26 14.34
C TYR A 238 -28.99 -5.21 15.05
N VAL A 239 -28.34 -4.17 15.57
CA VAL A 239 -28.99 -3.08 16.29
C VAL A 239 -28.52 -1.76 15.69
N ARG A 240 -29.46 -0.82 15.56
CA ARG A 240 -29.21 0.49 14.95
C ARG A 240 -28.90 1.60 15.95
N SER A 241 -29.18 1.38 17.24
CA SER A 241 -29.02 2.43 18.24
C SER A 241 -28.16 1.90 19.38
N GLY A 242 -27.09 2.64 19.71
CA GLY A 242 -26.26 2.28 20.84
C GLY A 242 -27.05 2.17 22.14
N ARG A 243 -28.06 3.03 22.32
CA ARG A 243 -28.92 2.95 23.49
C ARG A 243 -29.59 1.57 23.58
N VAL A 244 -30.22 1.13 22.48
CA VAL A 244 -30.94 -0.14 22.50
C VAL A 244 -29.98 -1.29 22.76
N LEU A 245 -28.83 -1.30 22.08
CA LEU A 245 -27.86 -2.37 22.28
C LEU A 245 -27.36 -2.40 23.72
N SER A 246 -27.10 -1.23 24.30
CA SER A 246 -26.64 -1.16 25.68
C SER A 246 -27.69 -1.70 26.64
N TYR A 247 -28.94 -1.27 26.48
CA TYR A 247 -30.00 -1.77 27.36
C TYR A 247 -30.17 -3.27 27.21
N LEU A 248 -30.12 -3.77 25.98
CA LEU A 248 -30.23 -5.20 25.75
C LEU A 248 -29.13 -5.97 26.49
N CYS A 249 -27.87 -5.62 26.22
CA CYS A 249 -26.76 -6.29 26.88
C CYS A 249 -26.86 -6.16 28.40
N ASP A 250 -27.42 -5.06 28.91
CA ASP A 250 -27.44 -4.86 30.36
C ASP A 250 -28.52 -5.70 31.05
N ASN A 251 -29.75 -5.72 30.52
CA ASN A 251 -30.81 -6.39 31.26
C ASN A 251 -31.83 -7.06 30.34
N PHE A 252 -31.40 -7.61 29.20
CA PHE A 252 -32.32 -8.41 28.39
C PHE A 252 -32.46 -9.81 28.98
N CYS A 253 -31.47 -10.66 28.72
CA CYS A 253 -31.48 -12.05 29.19
C CYS A 253 -30.16 -12.27 29.93
N PRO A 254 -30.12 -11.94 31.22
CA PRO A 254 -28.84 -11.91 31.95
C PRO A 254 -28.18 -13.27 32.08
N ALA A 255 -28.93 -14.37 31.99
CA ALA A 255 -28.39 -15.70 32.20
C ALA A 255 -27.79 -16.31 30.93
N ILE A 256 -27.60 -15.52 29.87
CA ILE A 256 -27.09 -16.03 28.60
C ILE A 256 -25.87 -15.22 28.20
N LYS A 257 -24.74 -15.91 28.06
CA LYS A 257 -23.51 -15.30 27.52
C LYS A 257 -23.80 -14.53 26.24
N LYS A 258 -23.36 -13.28 26.20
CA LYS A 258 -23.48 -12.43 25.02
C LYS A 258 -22.10 -12.08 24.50
N TYR A 259 -21.96 -12.12 23.17
CA TYR A 259 -20.66 -11.98 22.52
C TYR A 259 -20.58 -10.67 21.76
N GLU A 260 -19.46 -9.97 21.92
CA GLU A 260 -19.13 -8.77 21.15
C GLU A 260 -20.19 -7.68 21.28
N GLY A 261 -20.95 -7.69 22.37
CA GLY A 261 -21.99 -6.68 22.56
C GLY A 261 -21.46 -5.32 22.94
N GLY A 262 -20.20 -5.23 23.38
CA GLY A 262 -19.59 -3.96 23.70
C GLY A 262 -19.00 -3.22 22.51
N VAL A 263 -18.85 -3.90 21.37
CA VAL A 263 -18.21 -3.29 20.21
C VAL A 263 -19.06 -2.13 19.71
N ASP A 264 -18.48 -0.94 19.72
CA ASP A 264 -19.19 0.24 19.27
C ASP A 264 -19.24 0.30 17.74
N ALA A 265 -20.12 1.14 17.22
CA ALA A 265 -20.37 1.18 15.79
C ALA A 265 -19.16 1.66 15.00
N THR A 266 -18.33 2.52 15.58
CA THR A 266 -17.13 2.98 14.88
C THR A 266 -16.17 1.83 14.63
N THR A 267 -15.96 0.98 15.65
CA THR A 267 -15.11 -0.19 15.47
C THR A 267 -15.66 -1.11 14.39
N ARG A 268 -16.98 -1.25 14.32
CA ARG A 268 -17.57 -2.07 13.26
C ARG A 268 -17.34 -1.44 11.88
N PHE A 269 -17.50 -0.12 11.78
CA PHE A 269 -17.22 0.57 10.52
C PHE A 269 -15.77 0.35 10.09
N ILE A 270 -14.85 0.32 11.05
CA ILE A 270 -13.44 0.15 10.71
C ILE A 270 -13.15 -1.28 10.29
N LEU A 271 -13.56 -2.25 11.11
CA LEU A 271 -13.16 -3.63 10.88
C LEU A 271 -13.93 -4.28 9.73
N ASP A 272 -15.24 -4.03 9.64
CA ASP A 272 -16.07 -4.69 8.63
C ASP A 272 -15.81 -4.17 7.22
N ASN A 273 -15.26 -2.96 7.10
CA ASN A 273 -14.82 -2.44 5.81
C ASN A 273 -13.30 -2.57 5.74
N PRO A 274 -12.76 -3.60 5.10
CA PRO A 274 -11.32 -3.86 5.21
C PRO A 274 -10.50 -2.77 4.55
N GLY A 275 -9.38 -2.43 5.20
CA GLY A 275 -8.50 -1.39 4.73
C GLY A 275 -8.65 -0.07 5.46
N PHE A 276 -9.82 0.19 6.04
CA PHE A 276 -10.09 1.47 6.65
C PHE A 276 -9.25 1.68 7.91
N VAL A 277 -9.07 2.95 8.26
CA VAL A 277 -8.30 3.35 9.44
C VAL A 277 -9.05 4.47 10.14
N THR A 278 -8.63 4.77 11.37
CA THR A 278 -9.23 5.83 12.17
C THR A 278 -8.51 7.17 12.03
N PHE A 279 -7.48 7.24 11.19
CA PHE A 279 -6.66 8.44 11.06
C PHE A 279 -5.83 8.35 9.79
N GLY A 280 -6.23 9.06 8.73
CA GLY A 280 -5.52 8.97 7.48
C GLY A 280 -6.34 9.52 6.33
N TRP A 281 -5.87 9.26 5.12
CA TRP A 281 -6.38 9.90 3.92
C TRP A 281 -7.39 9.00 3.22
N TYR A 282 -8.64 9.42 3.22
CA TYR A 282 -9.71 8.74 2.49
C TYR A 282 -10.01 9.48 1.19
N ARG A 283 -10.81 8.83 0.35
CA ARG A 283 -11.24 9.36 -0.93
C ARG A 283 -12.67 8.92 -1.22
N LEU A 284 -13.47 9.87 -1.71
CA LEU A 284 -14.81 9.55 -2.18
C LEU A 284 -14.73 8.88 -3.54
N LYS A 285 -15.55 7.84 -3.74
CA LYS A 285 -15.52 7.06 -4.96
C LYS A 285 -16.93 6.59 -5.27
N PRO A 286 -17.19 6.14 -6.49
CA PRO A 286 -18.52 5.60 -6.81
C PRO A 286 -18.83 4.33 -6.03
N GLY A 287 -20.13 4.09 -5.82
CA GLY A 287 -20.57 3.02 -4.95
C GLY A 287 -21.26 1.85 -5.63
N ARG A 288 -22.16 1.18 -4.91
CA ARG A 288 -22.65 -0.13 -5.36
C ARG A 288 -23.51 -0.02 -6.61
N ASN A 289 -24.58 0.76 -6.55
CA ASN A 289 -25.43 0.99 -7.71
C ASN A 289 -24.97 2.20 -8.52
N ASN A 290 -23.65 2.30 -8.73
CA ASN A 290 -23.03 3.52 -9.26
C ASN A 290 -23.40 4.72 -8.40
N THR A 291 -23.51 4.49 -7.10
CA THR A 291 -23.90 5.52 -6.16
C THR A 291 -22.78 6.53 -5.97
N LEU A 292 -23.15 7.80 -5.87
CA LEU A 292 -22.21 8.86 -5.56
C LEU A 292 -22.59 9.48 -4.21
N ALA A 293 -21.60 10.08 -3.55
CA ALA A 293 -21.89 10.81 -2.33
C ALA A 293 -22.80 12.00 -2.64
N GLN A 294 -23.45 12.51 -1.58
CA GLN A 294 -24.34 13.65 -1.73
C GLN A 294 -23.89 14.75 -0.76
N PRO A 295 -23.70 15.97 -1.24
CA PRO A 295 -23.35 17.08 -0.33
C PRO A 295 -24.58 17.64 0.36
N ARG A 296 -24.41 17.94 1.64
CA ARG A 296 -25.52 18.46 2.45
C ARG A 296 -25.73 19.95 2.17
N ALA A 297 -26.99 20.36 2.20
CA ALA A 297 -27.30 21.78 2.20
C ALA A 297 -26.82 22.41 3.49
N PRO A 298 -26.35 23.66 3.43
CA PRO A 298 -25.82 24.31 4.65
C PRO A 298 -26.77 24.25 5.85
N MET A 299 -28.06 24.49 5.63
CA MET A 299 -29.02 24.45 6.74
C MET A 299 -29.24 23.04 7.28
N ALA A 300 -28.63 22.01 6.69
CA ALA A 300 -28.64 20.67 7.24
C ALA A 300 -27.35 20.32 7.95
N PHE A 301 -26.36 21.19 7.92
CA PHE A 301 -25.07 20.92 8.55
C PHE A 301 -25.22 20.63 10.03
N GLY A 302 -24.29 19.84 10.56
CA GLY A 302 -24.26 19.52 11.97
C GLY A 302 -22.88 19.71 12.56
N THR A 303 -22.02 20.46 11.87
CA THR A 303 -20.67 20.72 12.33
C THR A 303 -20.29 22.16 12.00
N SER A 304 -19.25 22.63 12.68
CA SER A 304 -18.63 23.90 12.33
C SER A 304 -17.66 23.69 11.18
N SER A 305 -18.15 23.11 10.08
CA SER A 305 -17.34 22.76 8.93
C SER A 305 -17.80 23.57 7.72
N ASP A 306 -16.95 23.60 6.70
CA ASP A 306 -17.27 24.37 5.50
C ASP A 306 -18.11 23.58 4.50
N VAL A 307 -17.83 22.30 4.32
CA VAL A 307 -18.62 21.42 3.47
C VAL A 307 -18.86 20.12 4.22
N GLU A 308 -20.03 19.51 3.98
CA GLU A 308 -20.37 18.22 4.55
C GLU A 308 -20.91 17.31 3.46
N PHE A 309 -20.97 16.01 3.78
CA PHE A 309 -21.32 15.00 2.79
C PHE A 309 -22.09 13.86 3.47
N ASN A 310 -22.96 13.24 2.69
CA ASN A 310 -23.62 12.00 3.05
C ASN A 310 -23.21 10.92 2.07
N CYS A 311 -22.92 9.72 2.58
CA CYS A 311 -22.47 8.64 1.74
C CYS A 311 -22.57 7.33 2.51
N THR A 312 -22.71 6.23 1.78
CA THR A 312 -22.56 4.91 2.36
C THR A 312 -21.10 4.50 2.34
N ALA A 313 -20.80 3.38 3.00
CA ALA A 313 -19.41 3.00 3.22
C ALA A 313 -18.69 2.61 1.94
N ASP A 314 -19.41 2.15 0.92
CA ASP A 314 -18.75 1.80 -0.33
C ASP A 314 -18.40 3.02 -1.17
N ASN A 315 -18.86 4.21 -0.79
CA ASN A 315 -18.41 5.44 -1.43
C ASN A 315 -17.05 5.89 -0.94
N LEU A 316 -16.42 5.13 -0.06
CA LEU A 316 -15.13 5.49 0.53
C LEU A 316 -14.06 4.49 0.13
N ALA A 317 -12.84 5.00 -0.03
CA ALA A 317 -11.67 4.17 -0.26
C ALA A 317 -10.47 4.85 0.38
N ILE A 318 -9.37 4.12 0.50
CA ILE A 318 -8.14 4.66 1.05
C ILE A 318 -7.29 5.19 -0.10
N GLU A 319 -6.55 6.27 0.15
CA GLU A 319 -5.59 6.82 -0.79
C GLU A 319 -4.20 6.53 -0.27
N GLY A 320 -3.36 5.93 -1.12
CA GLY A 320 -2.08 5.40 -0.68
C GLY A 320 -0.93 6.39 -0.71
N GLY A 321 -0.77 7.09 -1.84
CA GLY A 321 0.34 8.02 -1.99
C GLY A 321 0.41 9.07 -0.90
N MET A 322 -0.74 9.45 -0.35
CA MET A 322 -0.79 10.49 0.67
C MET A 322 -0.06 10.04 1.93
N SER A 323 0.78 10.92 2.48
CA SER A 323 1.56 10.60 3.67
C SER A 323 1.72 11.75 4.66
N ASP A 324 1.51 13.00 4.27
CA ASP A 324 1.78 14.15 5.12
C ASP A 324 0.49 14.71 5.70
N LEU A 325 0.61 15.34 6.87
CA LEU A 325 -0.53 15.95 7.54
C LEU A 325 -1.07 17.12 6.71
N PRO A 326 -2.35 17.46 6.89
CA PRO A 326 -2.87 18.68 6.27
C PRO A 326 -2.83 19.87 7.22
N ALA A 327 -3.48 20.97 6.85
CA ALA A 327 -3.39 22.22 7.59
C ALA A 327 -4.23 22.21 8.87
N TYR A 328 -4.04 21.20 9.72
CA TYR A 328 -4.73 21.17 11.00
C TYR A 328 -4.18 22.26 11.92
N LYS A 329 -5.05 22.81 12.75
CA LYS A 329 -4.69 23.89 13.64
C LYS A 329 -4.63 23.41 15.09
N LEU A 330 -3.65 23.93 15.83
CA LEU A 330 -3.42 23.58 17.22
C LEU A 330 -3.44 24.84 18.06
N MET A 331 -4.35 24.88 19.02
CA MET A 331 -4.44 26.00 19.97
C MET A 331 -3.78 25.58 21.28
N CYS A 332 -2.69 26.26 21.64
CA CYS A 332 -2.09 26.10 22.96
C CYS A 332 -2.56 27.25 23.84
N PHE A 333 -2.96 26.91 25.06
CA PHE A 333 -3.57 27.94 25.90
C PHE A 333 -3.25 27.71 27.37
N ASP A 334 -3.10 28.82 28.09
CA ASP A 334 -2.93 28.82 29.54
C ASP A 334 -3.80 29.91 30.13
N ILE A 335 -4.20 29.74 31.39
CA ILE A 335 -5.05 30.72 32.05
C ILE A 335 -4.43 31.14 33.38
N ALA A 336 -4.89 32.28 33.90
CA ALA A 336 -4.49 32.80 35.19
C ALA A 336 -5.70 33.49 35.82
N CYS A 337 -5.90 33.24 37.10
CA CYS A 337 -7.09 33.68 37.82
C CYS A 337 -6.69 34.35 39.13
N LYS A 338 -7.63 35.13 39.69
CA LYS A 338 -7.39 35.86 40.93
C LYS A 338 -8.60 35.74 41.83
N ALA A 339 -8.34 35.69 43.14
CA ALA A 339 -9.41 35.64 44.13
C ALA A 339 -10.12 36.99 44.22
N GLY A 340 -11.23 37.00 44.94
CA GLY A 340 -12.03 38.20 45.09
C GLY A 340 -12.61 38.38 46.49
N GLY A 341 -12.55 37.34 47.30
CA GLY A 341 -13.12 37.37 48.64
C GLY A 341 -12.40 38.28 49.62
N GLU A 342 -12.66 38.08 50.92
CA GLU A 342 -12.01 38.89 51.94
C GLU A 342 -10.49 38.79 51.84
N ASP A 343 -9.98 37.58 51.62
CA ASP A 343 -8.55 37.36 51.42
C ASP A 343 -8.31 37.24 49.92
N GLU A 344 -7.75 38.30 49.33
CA GLU A 344 -7.41 38.25 47.91
C GLU A 344 -6.07 37.57 47.66
N LEU A 345 -5.32 37.24 48.72
CA LEU A 345 -4.06 36.56 48.59
C LEU A 345 -4.21 35.04 48.67
N ALA A 346 -5.42 34.53 48.84
CA ALA A 346 -5.66 33.11 48.86
C ALA A 346 -5.84 32.58 47.43
N PHE A 347 -5.88 31.27 47.30
CA PHE A 347 -6.01 30.71 45.96
C PHE A 347 -7.47 30.77 45.50
N PRO A 348 -7.70 31.11 44.23
CA PRO A 348 -9.08 31.26 43.76
C PRO A 348 -9.86 29.95 43.79
N VAL A 349 -11.18 30.07 43.69
CA VAL A 349 -12.08 28.94 43.60
C VAL A 349 -13.13 29.26 42.54
N ALA A 350 -13.17 28.45 41.47
CA ALA A 350 -14.12 28.71 40.39
C ALA A 350 -15.57 28.68 40.86
N GLY A 351 -15.85 28.00 41.97
CA GLY A 351 -17.21 27.98 42.49
C GLY A 351 -17.64 29.29 43.12
N HIS A 352 -16.69 30.04 43.66
CA HIS A 352 -17.01 31.36 44.22
C HIS A 352 -17.15 32.38 43.10
N PRO A 353 -18.30 33.03 42.95
CA PRO A 353 -18.43 34.06 41.90
C PRO A 353 -17.51 35.25 42.10
N GLU A 354 -16.85 35.38 43.25
CA GLU A 354 -15.94 36.50 43.48
C GLU A 354 -14.59 36.26 42.81
N ASP A 355 -14.03 35.07 42.96
CA ASP A 355 -12.80 34.74 42.27
C ASP A 355 -13.08 34.59 40.78
N LEU A 356 -12.27 35.26 39.96
CA LEU A 356 -12.56 35.39 38.54
C LEU A 356 -11.37 34.91 37.71
N VAL A 357 -11.62 34.69 36.43
CA VAL A 357 -10.59 34.35 35.46
C VAL A 357 -10.08 35.66 34.88
N ILE A 358 -8.85 36.03 35.23
CA ILE A 358 -8.36 37.34 34.82
C ILE A 358 -7.78 37.31 33.41
N GLN A 359 -6.97 36.31 33.08
CA GLN A 359 -6.29 36.34 31.78
C GLN A 359 -6.20 34.94 31.19
N ILE A 360 -6.19 34.91 29.85
CA ILE A 360 -6.11 33.67 29.07
C ILE A 360 -5.19 33.94 27.88
N SER A 361 -4.02 33.31 27.88
CA SER A 361 -3.12 33.35 26.73
C SER A 361 -3.46 32.20 25.79
N CYS A 362 -3.60 32.51 24.50
CA CYS A 362 -4.06 31.53 23.52
C CYS A 362 -3.33 31.77 22.20
N LEU A 363 -2.44 30.85 21.82
CA LEU A 363 -1.69 30.98 20.59
C LEU A 363 -1.98 29.77 19.70
N LEU A 364 -2.27 30.05 18.43
CA LEU A 364 -2.66 29.04 17.47
C LEU A 364 -1.57 28.85 16.42
N TYR A 365 -1.14 27.59 16.26
CA TYR A 365 -0.15 27.13 15.30
C TYR A 365 -0.81 26.31 14.21
N ASP A 366 -0.08 26.16 13.10
CA ASP A 366 -0.43 25.23 12.03
C ASP A 366 0.39 23.97 12.19
N LEU A 367 -0.28 22.82 12.25
CA LEU A 367 0.39 21.56 12.56
C LEU A 367 1.15 20.97 11.39
N SER A 368 0.81 21.35 10.16
CA SER A 368 1.55 20.83 9.01
C SER A 368 2.87 21.56 8.81
N THR A 369 2.97 22.80 9.27
CA THR A 369 4.17 23.61 9.10
C THR A 369 4.86 23.92 10.42
N THR A 370 4.39 23.35 11.53
CA THR A 370 4.84 23.64 12.89
C THR A 370 5.21 25.11 13.10
N ALA A 371 4.44 26.02 12.51
CA ALA A 371 4.69 27.45 12.60
C ALA A 371 3.57 28.10 13.42
N LEU A 372 3.95 29.06 14.25
CA LEU A 372 2.98 29.83 15.01
C LEU A 372 2.34 30.87 14.10
N GLU A 373 1.01 30.87 14.05
CA GLU A 373 0.29 31.76 13.16
C GLU A 373 -0.41 32.91 13.87
N HIS A 374 -0.93 32.71 15.09
CA HIS A 374 -1.58 33.81 15.79
C HIS A 374 -1.32 33.72 17.29
N VAL A 375 -1.27 34.87 17.94
CA VAL A 375 -1.16 34.98 19.40
C VAL A 375 -2.25 35.94 19.88
N LEU A 376 -3.01 35.52 20.90
CA LEU A 376 -4.10 36.31 21.43
C LEU A 376 -4.03 36.31 22.95
N LEU A 377 -4.38 37.46 23.53
CA LEU A 377 -4.44 37.65 24.98
C LEU A 377 -5.85 38.12 25.34
N PHE A 378 -6.59 37.26 26.04
CA PHE A 378 -7.87 37.65 26.62
C PHE A 378 -7.60 38.16 28.03
N SER A 379 -8.09 39.36 28.34
CA SER A 379 -7.77 39.98 29.61
C SER A 379 -8.99 40.70 30.18
N LEU A 380 -9.13 40.67 31.50
CA LEU A 380 -10.12 41.47 32.19
C LEU A 380 -9.42 42.76 32.62
N GLY A 381 -9.72 43.85 31.93
CA GLY A 381 -9.03 45.10 32.16
C GLY A 381 -7.93 45.22 31.13
N SER A 382 -8.07 46.17 30.19
CA SER A 382 -7.10 46.33 29.11
C SER A 382 -5.69 46.50 29.64
N CYS A 383 -4.69 46.22 28.81
CA CYS A 383 -3.31 46.24 29.25
C CYS A 383 -2.39 46.45 28.05
N ASP A 384 -1.13 46.75 28.34
CA ASP A 384 -0.07 46.84 27.35
C ASP A 384 1.09 45.96 27.78
N LEU A 385 1.46 45.01 26.95
CA LEU A 385 2.50 44.04 27.29
C LEU A 385 3.86 44.75 27.40
N PRO A 386 4.70 44.34 28.36
CA PRO A 386 6.01 44.98 28.52
C PRO A 386 6.83 44.94 27.23
N GLU A 387 7.75 45.91 27.12
CA GLU A 387 8.49 46.10 25.87
C GLU A 387 9.64 45.11 25.71
N SER A 388 10.26 44.67 26.81
CA SER A 388 11.24 43.58 26.70
C SER A 388 10.61 42.35 26.05
N HIS A 389 9.40 42.00 26.50
CA HIS A 389 8.67 40.88 25.93
C HIS A 389 8.42 41.09 24.43
N LEU A 390 7.84 42.23 24.08
CA LEU A 390 7.54 42.52 22.68
C LEU A 390 8.78 42.47 21.81
N ASN A 391 9.89 43.02 22.31
CA ASN A 391 11.13 43.02 21.54
C ASN A 391 11.65 41.61 21.32
N GLU A 392 11.71 40.82 22.40
CA GLU A 392 12.13 39.43 22.27
C GLU A 392 11.27 38.68 21.25
N LEU A 393 9.95 38.81 21.36
CA LEU A 393 9.05 38.11 20.45
C LEU A 393 9.26 38.55 19.01
N ALA A 394 9.11 39.85 18.74
CA ALA A 394 9.24 40.35 17.37
C ALA A 394 10.63 40.06 16.78
N ALA A 395 11.65 39.93 17.62
CA ALA A 395 12.97 39.58 17.12
C ALA A 395 13.09 38.08 16.86
N ARG A 396 12.32 37.26 17.56
CA ARG A 396 12.35 35.82 17.35
C ARG A 396 11.46 35.37 16.19
N GLY A 397 11.18 36.26 15.24
CA GLY A 397 10.35 35.91 14.10
C GLY A 397 8.89 35.62 14.41
N LEU A 398 8.48 35.74 15.67
CA LEU A 398 7.12 35.42 16.07
C LEU A 398 6.17 36.52 15.65
N PRO A 399 4.87 36.24 15.59
CA PRO A 399 3.90 37.26 15.21
C PRO A 399 3.71 38.30 16.31
N THR A 400 2.99 39.36 15.96
CA THR A 400 2.74 40.46 16.89
C THR A 400 1.52 40.13 17.76
N PRO A 401 1.67 40.05 19.08
CA PRO A 401 0.53 39.71 19.93
C PRO A 401 -0.62 40.69 19.76
N VAL A 402 -1.84 40.17 19.89
CA VAL A 402 -3.06 40.96 19.81
C VAL A 402 -3.82 40.77 21.12
N VAL A 403 -4.02 41.88 21.83
CA VAL A 403 -4.69 41.86 23.13
C VAL A 403 -6.17 42.16 22.93
N LEU A 404 -7.01 41.43 23.67
CA LEU A 404 -8.46 41.63 23.65
C LEU A 404 -8.89 42.12 25.02
N GLU A 405 -9.45 43.32 25.07
CA GLU A 405 -9.86 43.95 26.32
C GLU A 405 -11.33 43.66 26.60
N PHE A 406 -11.61 43.23 27.83
CA PHE A 406 -12.98 42.94 28.24
C PHE A 406 -13.29 43.66 29.54
N ASP A 407 -14.57 43.98 29.73
CA ASP A 407 -15.01 44.65 30.94
C ASP A 407 -15.51 43.67 32.00
N SER A 408 -16.04 42.52 31.58
CA SER A 408 -16.56 41.51 32.50
C SER A 408 -15.90 40.17 32.20
N GLU A 409 -16.09 39.23 33.12
CA GLU A 409 -15.59 37.87 32.89
C GLU A 409 -16.43 37.14 31.86
N PHE A 410 -17.75 37.39 31.85
CA PHE A 410 -18.63 36.73 30.89
C PHE A 410 -18.23 37.05 29.46
N GLU A 411 -17.99 38.33 29.16
CA GLU A 411 -17.63 38.71 27.79
C GLU A 411 -16.33 38.03 27.37
N MET A 412 -15.34 38.01 28.26
CA MET A 412 -14.07 37.37 27.95
C MET A 412 -14.24 35.88 27.67
N LEU A 413 -14.94 35.18 28.56
CA LEU A 413 -15.11 33.73 28.39
C LEU A 413 -15.96 33.42 27.16
N LEU A 414 -17.04 34.19 26.93
CA LEU A 414 -17.86 34.01 25.75
C LEU A 414 -17.04 34.22 24.47
N ALA A 415 -16.18 35.24 24.45
CA ALA A 415 -15.33 35.46 23.29
C ALA A 415 -14.36 34.30 23.09
N PHE A 416 -13.82 33.77 24.19
CA PHE A 416 -12.90 32.63 24.09
C PHE A 416 -13.61 31.42 23.49
N MET A 417 -14.82 31.13 23.97
CA MET A 417 -15.58 29.99 23.44
C MET A 417 -16.00 30.23 21.99
N THR A 418 -16.35 31.47 21.65
CA THR A 418 -16.69 31.82 20.28
C THR A 418 -15.49 31.64 19.36
N LEU A 419 -14.29 31.98 19.85
CA LEU A 419 -13.07 31.70 19.11
C LEU A 419 -12.89 30.20 18.90
N VAL A 420 -13.08 29.42 19.97
CA VAL A 420 -12.99 27.97 19.87
C VAL A 420 -13.92 27.43 18.79
N LYS A 421 -15.15 27.97 18.73
CA LYS A 421 -16.14 27.46 17.79
C LYS A 421 -15.86 27.93 16.36
N GLN A 422 -15.41 29.18 16.19
CA GLN A 422 -15.23 29.73 14.86
C GLN A 422 -13.92 29.25 14.22
N TYR A 423 -12.81 29.40 14.93
CA TYR A 423 -11.54 28.92 14.40
C TYR A 423 -11.50 27.39 14.37
N GLY A 424 -12.18 26.75 15.31
CA GLY A 424 -12.28 25.31 15.36
C GLY A 424 -10.94 24.62 15.40
N PRO A 425 -10.21 24.77 16.51
CA PRO A 425 -8.90 24.11 16.61
C PRO A 425 -9.04 22.61 16.67
N GLU A 426 -8.56 21.92 15.63
CA GLU A 426 -8.63 20.45 15.63
C GLU A 426 -7.82 19.86 16.76
N PHE A 427 -6.77 20.54 17.22
CA PHE A 427 -5.99 20.09 18.34
C PHE A 427 -5.83 21.21 19.37
N VAL A 428 -5.74 20.82 20.64
CA VAL A 428 -5.69 21.78 21.74
C VAL A 428 -4.71 21.25 22.78
N THR A 429 -3.78 22.09 23.22
CA THR A 429 -2.76 21.69 24.17
C THR A 429 -2.51 22.80 25.19
N GLY A 430 -1.77 22.44 26.22
CA GLY A 430 -1.40 23.34 27.31
C GLY A 430 -0.58 22.60 28.34
N TYR A 431 -0.60 23.04 29.59
CA TYR A 431 0.09 22.34 30.66
C TYR A 431 -0.83 22.28 31.87
N ASN A 432 -1.05 21.06 32.37
CA ASN A 432 -2.00 20.80 33.45
C ASN A 432 -3.35 21.46 33.19
N ILE A 433 -3.81 21.38 31.94
CA ILE A 433 -5.12 21.93 31.58
C ILE A 433 -6.25 20.94 31.83
N ILE A 434 -5.93 19.73 32.27
CA ILE A 434 -6.95 18.74 32.59
C ILE A 434 -7.46 18.91 34.01
N ASN A 435 -6.58 19.27 34.94
CA ASN A 435 -6.94 19.39 36.35
C ASN A 435 -7.23 20.81 36.80
N PHE A 436 -6.89 21.82 35.99
CA PHE A 436 -7.10 23.20 36.41
C PHE A 436 -7.83 24.03 35.36
N ASP A 437 -7.16 24.31 34.23
CA ASP A 437 -7.62 25.28 33.25
C ASP A 437 -9.03 24.99 32.74
N TRP A 438 -9.19 23.87 32.02
CA TRP A 438 -10.51 23.51 31.49
C TRP A 438 -11.55 23.36 32.59
N PRO A 439 -11.30 22.66 33.71
CA PRO A 439 -12.32 22.60 34.76
C PRO A 439 -12.70 23.96 35.30
N PHE A 440 -11.73 24.85 35.51
CA PHE A 440 -12.05 26.20 35.98
C PHE A 440 -12.95 26.93 34.99
N LEU A 441 -12.53 26.99 33.72
CA LEU A 441 -13.31 27.69 32.70
C LEU A 441 -14.72 27.11 32.58
N LEU A 442 -14.83 25.78 32.55
CA LEU A 442 -16.14 25.17 32.32
C LEU A 442 -17.02 25.26 33.56
N ALA A 443 -16.43 25.22 34.76
CA ALA A 443 -17.21 25.46 35.97
C ALA A 443 -17.76 26.88 35.98
N LYS A 444 -16.96 27.84 35.54
CA LYS A 444 -17.46 29.20 35.37
C LYS A 444 -18.63 29.24 34.39
N LEU A 445 -18.42 28.66 33.21
CA LEU A 445 -19.45 28.72 32.16
C LEU A 445 -20.72 27.96 32.55
N THR A 446 -20.60 26.96 33.43
CA THR A 446 -21.73 26.10 33.75
C THR A 446 -22.43 26.51 35.04
N ASP A 447 -21.72 26.38 36.17
CA ASP A 447 -22.36 26.60 37.47
C ASP A 447 -22.75 28.05 37.70
N ILE A 448 -21.96 29.00 37.19
CA ILE A 448 -22.17 30.41 37.52
C ILE A 448 -22.96 31.11 36.41
N TYR A 449 -22.44 31.08 35.19
CA TYR A 449 -23.01 31.83 34.09
C TYR A 449 -24.05 31.07 33.29
N LYS A 450 -24.24 29.78 33.58
CA LYS A 450 -25.26 28.94 32.94
C LYS A 450 -25.18 28.98 31.41
N VAL A 451 -24.22 28.27 30.84
CA VAL A 451 -24.03 28.24 29.39
C VAL A 451 -24.02 26.80 28.91
N PRO A 452 -24.71 26.46 27.81
CA PRO A 452 -24.64 25.10 27.28
C PRO A 452 -23.37 24.89 26.46
N LEU A 453 -22.76 23.73 26.64
CA LEU A 453 -21.49 23.40 26.00
C LEU A 453 -21.63 22.43 24.83
N ASP A 454 -22.79 21.78 24.68
CA ASP A 454 -22.96 20.73 23.69
C ASP A 454 -22.80 21.22 22.25
N GLY A 455 -22.74 22.52 22.02
CA GLY A 455 -22.59 23.03 20.67
C GLY A 455 -21.27 23.72 20.43
N TYR A 456 -20.47 23.88 21.48
CA TYR A 456 -19.20 24.57 21.39
C TYR A 456 -18.05 23.64 21.02
N GLY A 457 -18.35 22.40 20.66
CA GLY A 457 -17.37 21.50 20.05
C GLY A 457 -17.37 21.65 18.55
N ARG A 458 -17.11 20.53 17.87
CA ARG A 458 -17.25 20.53 16.42
C ARG A 458 -18.71 20.45 15.98
N MET A 459 -19.54 19.73 16.74
CA MET A 459 -20.96 19.64 16.45
C MET A 459 -21.68 20.92 16.83
N ASN A 460 -22.71 21.26 16.05
CA ASN A 460 -23.52 22.43 16.33
C ASN A 460 -24.33 22.26 17.63
N GLY A 461 -24.44 21.04 18.14
CA GLY A 461 -25.23 20.79 19.33
C GLY A 461 -25.26 19.31 19.62
N ARG A 462 -25.66 18.99 20.86
CA ARG A 462 -25.80 17.62 21.34
C ARG A 462 -24.46 16.89 21.39
N GLY A 463 -23.36 17.62 21.40
CA GLY A 463 -22.03 17.03 21.40
C GLY A 463 -21.57 16.65 22.79
N VAL A 464 -20.26 16.50 22.93
CA VAL A 464 -19.63 16.03 24.16
C VAL A 464 -18.61 17.07 24.61
N PHE A 465 -18.70 17.48 25.89
CA PHE A 465 -17.80 18.47 26.45
C PHE A 465 -17.59 18.22 27.93
N ARG A 466 -17.43 16.96 28.32
CA ARG A 466 -17.29 16.58 29.72
C ARG A 466 -15.83 16.54 30.16
N VAL A 467 -15.64 16.57 31.48
CA VAL A 467 -14.31 16.55 32.10
C VAL A 467 -14.38 15.64 33.31
N TRP A 468 -13.63 14.54 33.27
CA TRP A 468 -13.64 13.53 34.32
C TRP A 468 -12.51 13.74 35.33
N ASP A 469 -12.84 13.69 36.61
CA ASP A 469 -11.86 13.70 37.68
C ASP A 469 -11.78 12.31 38.31
N ILE A 470 -10.90 12.16 39.29
CA ILE A 470 -10.80 10.89 40.02
C ILE A 470 -11.82 10.90 41.15
N GLY A 471 -11.60 11.76 42.15
CA GLY A 471 -12.44 11.92 43.33
C GLY A 471 -12.51 10.64 44.16
N GLN A 472 -13.60 10.53 44.93
CA GLN A 472 -13.85 9.34 45.74
C GLN A 472 -14.38 8.17 44.94
N SER A 473 -13.81 7.92 43.77
CA SER A 473 -14.24 6.84 42.89
C SER A 473 -13.27 5.67 43.00
N HIS A 474 -13.78 4.47 42.72
CA HIS A 474 -12.97 3.27 42.72
C HIS A 474 -12.57 2.82 41.32
N PHE A 475 -13.49 2.91 40.36
CA PHE A 475 -13.22 2.39 39.02
C PHE A 475 -12.24 3.28 38.25
N GLN A 476 -12.45 4.59 38.29
CA GLN A 476 -11.62 5.51 37.53
C GLN A 476 -10.18 5.53 38.07
N LYS A 477 -9.23 5.66 37.15
CA LYS A 477 -7.81 5.68 37.48
C LYS A 477 -7.07 6.82 36.80
N ARG A 478 -7.79 7.74 36.13
CA ARG A 478 -7.15 8.79 35.36
C ARG A 478 -8.18 9.87 35.06
N SER A 479 -7.74 11.13 35.11
CA SER A 479 -8.57 12.26 34.72
C SER A 479 -8.58 12.38 33.20
N LYS A 480 -9.75 12.68 32.65
CA LYS A 480 -9.90 12.75 31.20
C LYS A 480 -10.60 14.03 30.79
N ILE A 481 -10.34 14.45 29.55
CA ILE A 481 -11.04 15.55 28.90
C ILE A 481 -11.42 15.07 27.50
N LYS A 482 -12.72 15.06 27.21
CA LYS A 482 -13.22 14.61 25.92
C LYS A 482 -14.10 15.69 25.32
N VAL A 483 -13.71 16.18 24.15
CA VAL A 483 -14.47 17.18 23.40
C VAL A 483 -14.59 16.68 21.97
N ASN A 484 -15.82 16.59 21.47
CA ASN A 484 -16.05 16.02 20.15
C ASN A 484 -15.34 16.86 19.09
N GLY A 485 -14.60 16.17 18.22
CA GLY A 485 -13.85 16.83 17.17
C GLY A 485 -12.66 17.63 17.63
N MET A 486 -12.36 17.64 18.92
CA MET A 486 -11.26 18.43 19.48
C MET A 486 -10.34 17.50 20.26
N VAL A 487 -9.11 17.33 19.77
CA VAL A 487 -8.14 16.43 20.36
C VAL A 487 -7.34 17.22 21.41
N ASN A 488 -7.56 16.91 22.68
CA ASN A 488 -6.86 17.56 23.78
C ASN A 488 -5.65 16.72 24.16
N ILE A 489 -4.47 17.34 24.09
CA ILE A 489 -3.20 16.68 24.44
C ILE A 489 -2.55 17.51 25.53
N ASP A 490 -2.66 17.06 26.78
CA ASP A 490 -2.09 17.77 27.92
C ASP A 490 -0.61 17.41 28.02
N MET A 491 0.25 18.36 27.69
CA MET A 491 1.69 18.12 27.72
C MET A 491 2.19 17.70 29.10
N TYR A 492 1.42 17.97 30.15
CA TYR A 492 1.76 17.50 31.49
C TYR A 492 1.97 15.99 31.51
N GLY A 493 0.94 15.24 31.15
CA GLY A 493 1.06 13.79 31.10
C GLY A 493 2.13 13.31 30.14
N ILE A 494 2.27 14.00 29.00
CA ILE A 494 3.31 13.65 28.03
C ILE A 494 4.68 13.68 28.69
N ILE A 495 4.98 14.76 29.43
CA ILE A 495 6.27 14.88 30.07
C ILE A 495 6.38 13.89 31.24
N THR A 496 5.30 13.69 31.98
CA THR A 496 5.32 12.75 33.08
C THR A 496 5.64 11.33 32.62
N ASP A 497 5.22 10.98 31.41
CA ASP A 497 5.54 9.66 30.87
C ASP A 497 6.89 9.60 30.19
N LYS A 498 7.34 10.69 29.55
CA LYS A 498 8.56 10.64 28.75
C LYS A 498 9.81 11.08 29.49
N ILE A 499 9.69 11.87 30.56
CA ILE A 499 10.85 12.42 31.25
C ILE A 499 10.75 12.06 32.73
N LYS A 500 11.92 11.85 33.35
CA LYS A 500 12.04 11.38 34.72
C LYS A 500 12.54 12.52 35.59
N LEU A 501 11.66 13.07 36.43
CA LEU A 501 11.99 14.20 37.28
C LEU A 501 11.44 13.98 38.68
N SER A 502 11.81 14.87 39.59
CA SER A 502 11.26 14.88 40.94
C SER A 502 10.07 15.82 41.09
N SER A 503 10.04 16.89 40.30
CA SER A 503 8.93 17.82 40.28
C SER A 503 8.70 18.28 38.85
N TYR A 504 7.45 18.52 38.51
CA TYR A 504 7.06 18.84 37.14
C TYR A 504 6.43 20.22 37.04
N LYS A 505 6.99 21.19 37.77
CA LYS A 505 6.67 22.58 37.50
C LYS A 505 7.14 22.94 36.10
N LEU A 506 6.31 23.73 35.39
CA LEU A 506 6.57 23.99 33.97
C LEU A 506 7.96 24.59 33.75
N ASN A 507 8.41 25.45 34.67
CA ASN A 507 9.73 26.07 34.50
C ASN A 507 10.85 25.05 34.71
N ALA A 508 10.69 24.15 35.68
CA ALA A 508 11.67 23.08 35.89
C ALA A 508 11.76 22.20 34.64
N VAL A 509 10.61 21.79 34.11
CA VAL A 509 10.58 20.98 32.89
C VAL A 509 11.26 21.73 31.74
N ALA A 510 10.97 23.02 31.61
CA ALA A 510 11.59 23.81 30.54
C ALA A 510 13.10 23.83 30.67
N GLU A 511 13.61 24.18 31.85
CA GLU A 511 15.05 24.20 32.07
C GLU A 511 15.69 22.83 31.87
N ALA A 512 14.97 21.76 32.20
CA ALA A 512 15.55 20.43 32.12
C ALA A 512 15.55 19.85 30.71
N VAL A 513 14.58 20.24 29.88
CA VAL A 513 14.45 19.67 28.53
C VAL A 513 15.04 20.59 27.47
N LEU A 514 14.63 21.86 27.47
CA LEU A 514 15.09 22.80 26.46
C LEU A 514 16.31 23.59 26.89
N LYS A 515 16.71 23.50 28.16
CA LYS A 515 17.77 24.34 28.72
C LYS A 515 17.45 25.82 28.54
N ASP A 516 16.17 26.16 28.74
CA ASP A 516 15.66 27.52 28.59
C ASP A 516 14.87 27.86 29.84
N LYS A 517 15.51 28.52 30.80
CA LYS A 517 14.83 28.93 32.02
C LYS A 517 13.96 30.15 31.74
N LYS A 518 12.82 30.22 32.44
CA LYS A 518 11.87 31.30 32.30
C LYS A 518 11.32 31.63 33.69
N LYS A 519 10.57 32.72 33.77
CA LYS A 519 10.17 33.26 35.06
C LYS A 519 9.09 32.39 35.70
N ASP A 520 9.22 32.16 36.99
CA ASP A 520 8.20 31.48 37.77
C ASP A 520 7.11 32.48 38.18
N LEU A 521 6.02 31.94 38.72
CA LEU A 521 4.90 32.78 39.13
C LEU A 521 4.13 32.06 40.23
N SER A 522 3.47 32.84 41.08
CA SER A 522 2.63 32.30 42.13
C SER A 522 1.39 33.16 42.27
N TYR A 523 0.33 32.57 42.82
CA TYR A 523 -0.89 33.34 43.03
C TYR A 523 -0.71 34.37 44.14
N ARG A 524 0.20 34.13 45.08
CA ARG A 524 0.45 35.09 46.14
C ARG A 524 0.82 36.46 45.59
N ASP A 525 1.33 36.53 44.36
CA ASP A 525 1.75 37.78 43.77
C ASP A 525 0.77 38.33 42.74
N ILE A 526 -0.31 37.63 42.43
CA ILE A 526 -1.12 38.07 41.29
C ILE A 526 -1.96 39.32 41.59
N PRO A 527 -2.62 39.46 42.75
CA PRO A 527 -3.48 40.65 42.91
C PRO A 527 -2.73 41.96 42.84
N ALA A 528 -1.56 42.05 43.49
CA ALA A 528 -0.76 43.26 43.44
C ALA A 528 -0.45 43.67 42.01
N TYR A 529 0.12 42.74 41.23
CA TYR A 529 0.42 43.01 39.83
C TYR A 529 -0.83 43.47 39.08
N TYR A 530 -2.01 43.01 39.50
CA TYR A 530 -3.23 43.43 38.84
C TYR A 530 -3.58 44.87 39.21
N ALA A 531 -3.47 45.22 40.49
CA ALA A 531 -3.96 46.51 40.97
C ALA A 531 -3.17 47.68 40.40
N ALA A 532 -1.86 47.50 40.15
CA ALA A 532 -1.02 48.62 39.79
C ALA A 532 -1.45 49.28 38.48
N GLY A 533 -2.03 48.51 37.56
CA GLY A 533 -2.54 49.08 36.33
C GLY A 533 -2.31 48.22 35.11
N PRO A 534 -2.46 48.81 33.92
CA PRO A 534 -2.35 48.02 32.68
C PRO A 534 -0.96 47.48 32.40
N ALA A 535 0.10 48.12 32.90
CA ALA A 535 1.44 47.63 32.62
C ALA A 535 1.82 46.48 33.55
N GLN A 536 1.52 46.62 34.85
CA GLN A 536 1.78 45.51 35.77
C GLN A 536 0.85 44.33 35.54
N ARG A 537 -0.23 44.49 34.77
CA ARG A 537 -1.03 43.37 34.31
C ARG A 537 -0.58 42.85 32.95
N GLY A 538 -0.04 43.72 32.10
CA GLY A 538 0.67 43.25 30.94
C GLY A 538 1.84 42.36 31.31
N VAL A 539 2.38 42.56 32.52
CA VAL A 539 3.41 41.64 33.03
C VAL A 539 2.82 40.23 33.18
N ILE A 540 1.62 40.13 33.76
CA ILE A 540 0.93 38.86 33.85
C ILE A 540 0.70 38.29 32.46
N GLY A 541 0.35 39.16 31.50
CA GLY A 541 0.20 38.71 30.13
C GLY A 541 1.47 38.12 29.56
N GLU A 542 2.60 38.80 29.79
CA GLU A 542 3.89 38.28 29.37
C GLU A 542 4.16 36.91 29.97
N TYR A 543 3.85 36.74 31.26
CA TYR A 543 4.09 35.46 31.91
C TYR A 543 3.24 34.35 31.30
N CYS A 544 1.97 34.63 31.05
CA CYS A 544 1.10 33.64 30.43
C CYS A 544 1.57 33.28 29.02
N ILE A 545 1.95 34.29 28.24
CA ILE A 545 2.39 34.04 26.87
C ILE A 545 3.70 33.25 26.85
N GLN A 546 4.59 33.52 27.81
CA GLN A 546 5.84 32.78 27.90
C GLN A 546 5.57 31.32 28.27
N ASP A 547 4.68 31.08 29.23
CA ASP A 547 4.26 29.72 29.55
C ASP A 547 3.72 29.01 28.31
N SER A 548 2.85 29.68 27.56
CA SER A 548 2.24 29.05 26.38
C SER A 548 3.28 28.77 25.30
N LEU A 549 4.23 29.68 25.11
CA LEU A 549 5.31 29.44 24.15
C LEU A 549 6.15 28.24 24.56
N LEU A 550 6.47 28.14 25.85
CA LEU A 550 7.24 27.00 26.33
C LEU A 550 6.49 25.69 26.11
N VAL A 551 5.19 25.69 26.39
CA VAL A 551 4.38 24.49 26.15
C VAL A 551 4.40 24.12 24.67
N GLY A 552 4.18 25.10 23.80
CA GLY A 552 4.27 24.83 22.36
C GLY A 552 5.60 24.21 21.96
N GLN A 553 6.70 24.77 22.46
CA GLN A 553 8.02 24.22 22.17
C GLN A 553 8.12 22.76 22.60
N LEU A 554 7.65 22.45 23.83
CA LEU A 554 7.64 21.07 24.28
C LEU A 554 6.84 20.18 23.34
N PHE A 555 5.61 20.61 23.03
CA PHE A 555 4.74 19.89 22.10
C PHE A 555 5.48 19.53 20.82
N PHE A 556 6.04 20.53 20.14
CA PHE A 556 6.66 20.26 18.86
C PHE A 556 8.07 19.69 18.98
N LYS A 557 8.60 19.55 20.19
CA LYS A 557 9.77 18.70 20.37
C LYS A 557 9.38 17.23 20.44
N PHE A 558 8.38 16.90 21.25
CA PHE A 558 8.03 15.50 21.45
C PHE A 558 7.03 14.97 20.44
N LEU A 559 6.34 15.84 19.71
CA LEU A 559 5.39 15.45 18.67
C LEU A 559 4.39 14.40 19.13
N PRO A 560 3.63 14.67 20.21
CA PRO A 560 2.73 13.63 20.72
C PRO A 560 1.58 13.34 19.77
N HIS A 561 1.15 14.31 18.96
CA HIS A 561 0.05 14.09 18.04
C HIS A 561 0.39 13.01 17.03
N LEU A 562 1.60 13.04 16.47
CA LEU A 562 1.99 12.02 15.49
C LEU A 562 2.10 10.64 16.14
N GLU A 563 2.72 10.58 17.32
CA GLU A 563 2.82 9.32 18.06
C GLU A 563 1.44 8.69 18.29
N LEU A 564 0.53 9.47 18.88
CA LEU A 564 -0.77 8.91 19.22
C LEU A 564 -1.62 8.64 17.98
N SER A 565 -1.46 9.43 16.93
CA SER A 565 -2.18 9.15 15.69
C SER A 565 -1.68 7.86 15.05
N ALA A 566 -0.37 7.60 15.12
CA ALA A 566 0.15 6.34 14.62
C ALA A 566 -0.39 5.16 15.43
N VAL A 567 -0.44 5.31 16.75
CA VAL A 567 -1.03 4.25 17.60
C VAL A 567 -2.47 4.01 17.20
N ALA A 568 -3.24 5.09 17.02
CA ALA A 568 -4.64 4.98 16.63
C ALA A 568 -4.79 4.26 15.30
N ARG A 569 -3.98 4.65 14.31
CA ARG A 569 -4.01 3.99 13.01
C ARG A 569 -3.72 2.50 13.15
N LEU A 570 -2.75 2.14 14.00
CA LEU A 570 -2.40 0.73 14.15
C LEU A 570 -3.52 -0.07 14.81
N ALA A 571 -4.16 0.50 15.84
CA ALA A 571 -5.09 -0.26 16.66
C ALA A 571 -6.54 -0.16 16.20
N GLY A 572 -6.83 0.59 15.13
CA GLY A 572 -8.20 0.74 14.69
C GLY A 572 -9.09 1.46 15.68
N ILE A 573 -8.52 2.33 16.51
CA ILE A 573 -9.25 3.07 17.53
C ILE A 573 -9.05 4.56 17.25
N ASN A 574 -10.06 5.37 17.58
CA ASN A 574 -9.96 6.78 17.30
C ASN A 574 -8.99 7.46 18.27
N ILE A 575 -8.52 8.65 17.87
CA ILE A 575 -7.44 9.32 18.59
C ILE A 575 -7.83 9.59 20.05
N THR A 576 -9.09 9.93 20.29
CA THR A 576 -9.53 10.25 21.65
C THR A 576 -9.40 9.05 22.57
N ARG A 577 -9.98 7.90 22.18
CA ARG A 577 -9.87 6.70 22.99
C ARG A 577 -8.42 6.19 23.02
N THR A 578 -7.65 6.47 21.97
CA THR A 578 -6.21 6.18 22.02
C THR A 578 -5.58 6.88 23.22
N ILE A 579 -5.85 8.16 23.37
CA ILE A 579 -5.24 8.93 24.46
C ILE A 579 -5.80 8.49 25.81
N TYR A 580 -7.10 8.67 26.00
CA TYR A 580 -7.67 8.70 27.35
C TYR A 580 -8.39 7.43 27.77
N ASP A 581 -8.48 6.38 26.94
CA ASP A 581 -9.35 5.26 27.26
C ASP A 581 -8.62 3.94 27.52
N GLY A 582 -7.33 3.96 27.81
CA GLY A 582 -6.63 2.76 28.22
C GLY A 582 -5.89 2.06 27.11
N GLN A 583 -5.10 1.05 27.51
CA GLN A 583 -4.39 0.17 26.59
C GLN A 583 -5.15 -1.11 26.24
N GLN A 584 -5.93 -1.67 27.15
CA GLN A 584 -6.66 -2.91 26.87
C GLN A 584 -7.48 -2.82 25.59
N ILE A 585 -8.04 -1.65 25.31
CA ILE A 585 -8.94 -1.50 24.17
C ILE A 585 -8.22 -1.77 22.85
N ARG A 586 -6.94 -1.39 22.75
CA ARG A 586 -6.21 -1.55 21.50
C ARG A 586 -5.97 -3.02 21.19
N VAL A 587 -5.36 -3.75 22.13
CA VAL A 587 -5.14 -5.18 21.96
C VAL A 587 -6.47 -5.89 21.73
N PHE A 588 -7.50 -5.50 22.49
CA PHE A 588 -8.82 -6.11 22.31
C PHE A 588 -9.33 -5.92 20.89
N THR A 589 -9.17 -4.71 20.33
CA THR A 589 -9.68 -4.44 18.99
C THR A 589 -8.93 -5.24 17.94
N CYS A 590 -7.60 -5.29 18.03
CA CYS A 590 -6.85 -6.06 17.05
C CYS A 590 -7.16 -7.55 17.15
N LEU A 591 -7.26 -8.08 18.37
CA LEU A 591 -7.62 -9.48 18.56
C LEU A 591 -9.03 -9.76 18.09
N LEU A 592 -9.94 -8.80 18.25
CA LEU A 592 -11.30 -8.95 17.72
C LEU A 592 -11.28 -9.06 16.21
N ARG A 593 -10.53 -8.17 15.55
CA ARG A 593 -10.36 -8.26 14.10
C ARG A 593 -9.90 -9.66 13.70
N LEU A 594 -8.81 -10.14 14.32
CA LEU A 594 -8.26 -11.42 13.90
C LEU A 594 -9.20 -12.58 14.19
N ALA A 595 -9.88 -12.55 15.34
CA ALA A 595 -10.75 -13.66 15.73
C ALA A 595 -11.99 -13.72 14.85
N ASP A 596 -12.62 -12.57 14.60
CA ASP A 596 -13.72 -12.55 13.63
C ASP A 596 -13.25 -13.03 12.26
N GLN A 597 -12.01 -12.70 11.89
CA GLN A 597 -11.47 -13.18 10.63
C GLN A 597 -11.37 -14.70 10.61
N LYS A 598 -10.93 -15.31 11.72
CA LYS A 598 -10.64 -16.74 11.75
C LYS A 598 -11.75 -17.58 12.33
N GLY A 599 -12.93 -17.01 12.59
CA GLY A 599 -14.10 -17.79 12.92
C GLY A 599 -14.53 -17.79 14.38
N PHE A 600 -13.90 -16.98 15.23
CA PHE A 600 -14.27 -16.91 16.64
C PHE A 600 -15.16 -15.70 16.87
N ILE A 601 -15.73 -15.65 18.07
CA ILE A 601 -16.45 -14.47 18.56
C ILE A 601 -16.08 -14.27 20.02
N LEU A 602 -15.78 -13.03 20.39
CA LEU A 602 -15.26 -12.75 21.71
C LEU A 602 -16.39 -12.65 22.71
N PRO A 603 -16.39 -13.45 23.78
CA PRO A 603 -17.45 -13.35 24.79
C PRO A 603 -17.27 -12.09 25.64
N ASP A 604 -18.40 -11.54 26.06
CA ASP A 604 -18.41 -10.36 26.93
C ASP A 604 -18.45 -10.80 28.38
N THR A 605 -17.51 -10.32 29.17
CA THR A 605 -17.51 -10.51 30.61
C THR A 605 -17.91 -9.20 31.27
N GLN A 606 -17.74 -9.12 32.59
CA GLN A 606 -18.03 -7.92 33.38
C GLN A 606 -19.54 -7.68 33.44
N VAL A 660 -3.29 -9.79 43.45
CA VAL A 660 -2.21 -10.60 42.89
C VAL A 660 -2.78 -11.92 42.37
N GLY A 661 -2.77 -12.06 41.04
CA GLY A 661 -3.43 -13.17 40.39
C GLY A 661 -2.62 -14.44 40.20
N TYR A 662 -1.36 -14.32 39.78
CA TYR A 662 -0.57 -15.47 39.40
C TYR A 662 0.88 -15.24 39.77
N GLN A 663 1.63 -16.33 39.84
CA GLN A 663 3.04 -16.26 40.21
C GLN A 663 3.85 -15.57 39.11
N GLY A 664 4.58 -14.54 39.48
CA GLY A 664 5.41 -13.81 38.54
C GLY A 664 6.76 -14.46 38.34
N ALA A 665 7.79 -13.63 38.20
CA ALA A 665 9.15 -14.14 38.02
C ALA A 665 9.81 -14.37 39.38
N ARG A 666 10.98 -15.02 39.34
CA ARG A 666 11.77 -15.32 40.52
C ARG A 666 13.16 -14.71 40.32
N VAL A 667 13.47 -13.68 41.10
CA VAL A 667 14.79 -13.06 41.01
C VAL A 667 15.83 -14.04 41.54
N HIS A 668 16.91 -14.22 40.79
CA HIS A 668 17.97 -15.13 41.19
C HIS A 668 18.65 -14.58 42.44
N ASP A 669 18.57 -15.33 43.54
CA ASP A 669 19.18 -14.97 44.82
C ASP A 669 20.66 -14.64 44.65
N PRO A 670 21.03 -13.36 44.68
CA PRO A 670 22.43 -13.00 44.40
C PRO A 670 23.31 -13.08 45.62
N THR A 671 24.55 -13.51 45.41
CA THR A 671 25.58 -13.40 46.45
C THR A 671 26.26 -12.04 46.26
N SER A 672 26.06 -11.16 47.23
CA SER A 672 26.33 -9.73 47.08
C SER A 672 27.83 -9.46 47.00
N GLY A 673 28.18 -8.18 46.94
CA GLY A 673 29.56 -7.74 47.04
C GLY A 673 30.02 -7.00 45.80
N PHE A 674 31.28 -6.55 45.89
CA PHE A 674 31.97 -5.88 44.79
C PHE A 674 32.71 -6.92 43.96
N HIS A 675 32.52 -6.87 42.65
CA HIS A 675 33.16 -7.79 41.72
C HIS A 675 34.03 -6.98 40.77
N VAL A 676 35.32 -7.32 40.73
CA VAL A 676 36.30 -6.59 39.93
C VAL A 676 36.64 -7.40 38.68
N ASN A 677 36.50 -8.72 38.75
CA ASN A 677 36.68 -9.56 37.60
C ASN A 677 35.60 -9.27 36.56
N PRO A 678 35.84 -9.60 35.28
CA PRO A 678 34.87 -9.26 34.25
C PRO A 678 33.53 -9.95 34.48
N VAL A 679 32.46 -9.20 34.24
CA VAL A 679 31.09 -9.72 34.33
C VAL A 679 30.45 -9.59 32.95
N VAL A 680 29.68 -10.60 32.55
CA VAL A 680 29.01 -10.60 31.26
C VAL A 680 27.51 -10.58 31.48
N GLY A 681 26.81 -9.79 30.66
CA GLY A 681 25.38 -9.65 30.74
C GLY A 681 24.62 -10.15 29.53
N PHE A 682 23.97 -11.30 29.67
CA PHE A 682 23.07 -11.85 28.67
C PHE A 682 21.63 -11.49 29.02
N ASP A 683 20.81 -11.31 27.98
CA ASP A 683 19.38 -11.14 28.20
C ASP A 683 18.62 -11.55 26.95
N PHE A 684 17.35 -11.88 27.15
CA PHE A 684 16.48 -12.33 26.06
C PHE A 684 15.84 -11.14 25.35
N ALA A 685 15.69 -11.25 24.04
CA ALA A 685 15.02 -10.24 23.24
C ALA A 685 13.53 -10.53 23.25
N SER A 686 12.76 -9.68 23.94
CA SER A 686 11.31 -9.82 24.08
C SER A 686 10.95 -11.23 24.55
N LEU A 687 11.32 -11.52 25.80
CA LEU A 687 11.19 -12.87 26.33
C LEU A 687 9.75 -13.35 26.32
N TYR A 688 8.84 -12.56 26.91
CA TYR A 688 7.44 -12.99 27.02
C TYR A 688 6.77 -13.11 25.66
N PRO A 689 6.85 -12.12 24.76
CA PRO A 689 6.26 -12.32 23.42
C PRO A 689 6.86 -13.50 22.66
N SER A 690 8.18 -13.70 22.76
CA SER A 690 8.79 -14.84 22.09
C SER A 690 8.33 -16.16 22.68
N ILE A 691 8.10 -16.21 24.00
CA ILE A 691 7.52 -17.39 24.61
C ILE A 691 6.14 -17.67 24.02
N ILE A 692 5.30 -16.63 23.97
CA ILE A 692 3.96 -16.78 23.41
C ILE A 692 4.04 -17.31 21.97
N GLN A 693 4.95 -16.75 21.17
CA GLN A 693 5.09 -17.17 19.78
C GLN A 693 5.55 -18.62 19.70
N ALA A 694 6.59 -18.99 20.44
CA ALA A 694 7.19 -20.31 20.32
C ALA A 694 6.24 -21.40 20.79
N HIS A 695 5.56 -21.20 21.92
CA HIS A 695 4.74 -22.25 22.50
C HIS A 695 3.27 -22.13 22.13
N ASN A 696 2.93 -21.30 21.15
CA ASN A 696 1.58 -21.24 20.58
C ASN A 696 0.53 -20.97 21.65
N LEU A 697 0.83 -20.06 22.58
CA LEU A 697 -0.08 -19.75 23.66
C LEU A 697 -1.17 -18.81 23.18
N CYS A 698 -2.41 -19.10 23.59
CA CYS A 698 -3.58 -18.33 23.17
C CYS A 698 -4.80 -18.82 23.94
N PHE A 699 -5.85 -18.00 23.90
CA PHE A 699 -7.14 -18.43 24.44
C PHE A 699 -7.62 -19.71 23.78
N SER A 700 -7.46 -19.81 22.46
CA SER A 700 -8.02 -20.91 21.69
C SER A 700 -7.16 -22.18 21.72
N THR A 701 -5.91 -22.09 22.16
CA THR A 701 -5.03 -23.25 22.21
C THR A 701 -4.89 -23.81 23.62
N LEU A 702 -5.51 -23.20 24.61
CA LEU A 702 -5.44 -23.65 25.99
C LEU A 702 -6.49 -24.72 26.26
N SER A 703 -6.21 -25.58 27.24
CA SER A 703 -7.21 -26.51 27.74
C SER A 703 -6.88 -26.87 29.18
N LEU A 704 -7.93 -27.07 29.97
CA LEU A 704 -7.80 -27.42 31.38
C LEU A 704 -8.09 -28.88 31.66
N ARG A 705 -8.45 -29.65 30.63
CA ARG A 705 -8.93 -31.01 30.82
C ARG A 705 -8.19 -31.97 29.90
N ALA A 706 -7.79 -33.12 30.45
CA ALA A 706 -7.01 -34.09 29.70
C ALA A 706 -7.81 -34.70 28.54
N ASP A 707 -9.08 -35.02 28.78
CA ASP A 707 -9.90 -35.66 27.76
C ASP A 707 -10.00 -34.85 26.49
N ALA A 708 -9.79 -33.53 26.58
CA ALA A 708 -9.79 -32.70 25.37
C ALA A 708 -8.57 -33.00 24.49
N VAL A 709 -7.41 -33.19 25.11
CA VAL A 709 -6.18 -33.46 24.40
C VAL A 709 -5.78 -34.93 24.45
N ALA A 710 -6.68 -35.80 24.91
CA ALA A 710 -6.36 -37.21 25.04
C ALA A 710 -6.32 -37.95 23.71
N HIS A 711 -6.66 -37.29 22.60
CA HIS A 711 -6.69 -37.93 21.29
C HIS A 711 -5.50 -37.56 20.42
N LEU A 712 -4.50 -36.86 20.95
CA LEU A 712 -3.29 -36.57 20.22
C LEU A 712 -2.08 -36.96 21.06
N GLU A 713 -0.96 -37.14 20.37
CA GLU A 713 0.26 -37.61 21.02
C GLU A 713 0.89 -36.50 21.84
N ALA A 714 1.19 -36.80 23.11
CA ALA A 714 1.78 -35.81 24.00
C ALA A 714 3.16 -35.39 23.49
N GLY A 715 3.57 -34.20 23.90
CA GLY A 715 4.86 -33.67 23.50
C GLY A 715 4.92 -33.26 22.04
N LYS A 716 4.48 -34.15 21.16
CA LYS A 716 4.55 -33.92 19.72
C LYS A 716 3.39 -33.07 19.22
N ASP A 717 2.22 -33.16 19.87
CA ASP A 717 1.04 -32.43 19.44
C ASP A 717 0.58 -31.35 20.43
N TYR A 718 0.92 -31.48 21.70
CA TYR A 718 0.58 -30.46 22.68
C TYR A 718 1.69 -30.37 23.72
N LEU A 719 1.61 -29.31 24.53
CA LEU A 719 2.57 -29.05 25.60
C LEU A 719 1.83 -29.17 26.92
N GLU A 720 2.26 -30.15 27.73
CA GLU A 720 1.77 -30.31 29.10
C GLU A 720 2.69 -29.54 30.04
N ILE A 721 2.10 -28.73 30.91
CA ILE A 721 2.89 -27.94 31.85
C ILE A 721 2.08 -27.77 33.13
N GLU A 722 2.76 -27.69 34.26
CA GLU A 722 2.07 -27.49 35.53
C GLU A 722 2.24 -26.04 35.95
N VAL A 723 1.12 -25.31 36.04
CA VAL A 723 1.11 -23.91 36.38
C VAL A 723 0.17 -23.71 37.57
N GLY A 724 0.67 -23.04 38.61
CA GLY A 724 -0.10 -22.77 39.81
C GLY A 724 -0.81 -23.97 40.40
N GLY A 725 -0.06 -25.06 40.60
CA GLY A 725 -0.65 -26.28 41.14
C GLY A 725 -1.78 -26.85 40.32
N ARG A 726 -1.72 -26.72 38.99
CA ARG A 726 -2.76 -27.28 38.14
C ARG A 726 -2.19 -27.53 36.76
N ARG A 727 -2.58 -28.66 36.16
CA ARG A 727 -2.07 -29.03 34.85
C ARG A 727 -2.75 -28.21 33.76
N LEU A 728 -1.95 -27.77 32.80
CA LEU A 728 -2.42 -27.03 31.64
C LEU A 728 -1.89 -27.71 30.39
N PHE A 729 -2.71 -27.69 29.35
CA PHE A 729 -2.34 -28.22 28.04
C PHE A 729 -2.47 -27.10 27.03
N PHE A 730 -1.43 -26.92 26.23
CA PHE A 730 -1.43 -25.94 25.15
C PHE A 730 -1.17 -26.69 23.85
N VAL A 731 -2.22 -26.84 23.04
CA VAL A 731 -2.07 -27.56 21.79
C VAL A 731 -1.02 -26.85 20.94
N LYS A 732 -0.20 -27.62 20.25
CA LYS A 732 0.92 -27.04 19.52
C LYS A 732 0.40 -26.31 18.28
N ALA A 733 1.34 -25.78 17.50
CA ALA A 733 0.99 -24.85 16.43
C ALA A 733 0.23 -25.57 15.31
N HIS A 734 0.76 -26.72 14.86
CA HIS A 734 0.18 -27.39 13.70
C HIS A 734 -1.24 -27.89 13.94
N VAL A 735 -1.67 -27.98 15.20
CA VAL A 735 -3.05 -28.36 15.49
C VAL A 735 -3.98 -27.16 15.31
N ARG A 736 -3.81 -26.15 16.17
CA ARG A 736 -4.59 -24.91 16.10
C ARG A 736 -3.64 -23.75 16.33
N GLU A 737 -3.53 -22.85 15.36
CA GLU A 737 -2.60 -21.74 15.48
C GLU A 737 -3.12 -20.70 16.47
N SER A 738 -2.19 -20.13 17.24
CA SER A 738 -2.53 -19.17 18.27
C SER A 738 -2.83 -17.80 17.65
N LEU A 739 -3.92 -17.18 18.11
CA LEU A 739 -4.25 -15.83 17.65
C LEU A 739 -3.20 -14.83 18.11
N LEU A 740 -2.79 -14.92 19.38
CA LEU A 740 -1.77 -14.03 19.91
C LEU A 740 -0.45 -14.17 19.16
N SER A 741 -0.06 -15.41 18.87
CA SER A 741 1.17 -15.64 18.10
C SER A 741 1.08 -14.98 16.74
N ILE A 742 -0.09 -15.04 16.10
CA ILE A 742 -0.24 -14.43 14.78
C ILE A 742 -0.12 -12.92 14.86
N LEU A 743 -0.83 -12.31 15.82
CA LEU A 743 -0.71 -10.87 16.03
C LEU A 743 0.74 -10.46 16.23
N LEU A 744 1.44 -11.20 17.10
CA LEU A 744 2.82 -10.83 17.42
C LEU A 744 3.74 -10.99 16.21
N ARG A 745 3.63 -12.11 15.49
CA ARG A 745 4.48 -12.31 14.33
C ARG A 745 4.24 -11.24 13.27
N ASP A 746 2.98 -10.93 12.99
CA ASP A 746 2.67 -9.93 11.98
C ASP A 746 3.20 -8.56 12.40
N TRP A 747 2.96 -8.16 13.65
CA TRP A 747 3.47 -6.89 14.15
C TRP A 747 4.99 -6.83 14.06
N LEU A 748 5.68 -7.92 14.40
CA LEU A 748 7.14 -7.92 14.38
C LEU A 748 7.66 -7.80 12.95
N ALA A 749 7.08 -8.56 12.02
CA ALA A 749 7.50 -8.46 10.63
C ALA A 749 7.26 -7.06 10.07
N MET A 750 6.13 -6.45 10.46
CA MET A 750 5.84 -5.09 10.01
C MET A 750 6.85 -4.08 10.57
N ARG A 751 7.17 -4.21 11.86
CA ARG A 751 8.17 -3.35 12.47
C ARG A 751 9.52 -3.48 11.76
N LYS A 752 9.94 -4.72 11.50
CA LYS A 752 11.21 -4.92 10.80
C LYS A 752 11.18 -4.32 9.40
N GLN A 753 10.06 -4.49 8.69
CA GLN A 753 9.96 -3.93 7.35
C GLN A 753 10.11 -2.42 7.38
N ILE A 754 9.34 -1.73 8.24
CA ILE A 754 9.41 -0.28 8.24
C ILE A 754 10.75 0.22 8.76
N ARG A 755 11.38 -0.51 9.69
CA ARG A 755 12.69 -0.11 10.17
C ARG A 755 13.77 -0.30 9.11
N SER A 756 13.57 -1.24 8.19
CA SER A 756 14.52 -1.39 7.08
C SER A 756 14.46 -0.23 6.10
N ARG A 757 13.47 0.65 6.20
CA ARG A 757 13.36 1.80 5.31
C ARG A 757 13.87 3.10 5.91
N ILE A 758 14.27 3.11 7.19
CA ILE A 758 14.72 4.36 7.81
C ILE A 758 15.91 4.97 7.08
N PRO A 759 16.99 4.23 6.75
CA PRO A 759 18.13 4.84 6.05
C PRO A 759 17.75 5.59 4.79
N GLN A 760 17.25 4.89 3.78
CA GLN A 760 16.94 5.48 2.48
C GLN A 760 15.67 6.32 2.48
N SER A 761 15.39 7.02 3.57
CA SER A 761 14.19 7.85 3.69
C SER A 761 14.58 9.25 4.16
N SER A 762 13.89 10.25 3.63
CA SER A 762 14.09 11.61 4.09
C SER A 762 13.78 11.70 5.59
N PRO A 763 14.51 12.54 6.33
CA PRO A 763 14.26 12.65 7.78
C PRO A 763 12.81 13.01 8.11
N GLU A 764 12.18 13.87 7.29
CA GLU A 764 10.76 14.13 7.43
C GLU A 764 9.95 12.85 7.49
N GLU A 765 10.17 11.95 6.53
CA GLU A 765 9.50 10.65 6.55
C GLU A 765 10.01 9.76 7.68
N ALA A 766 11.29 9.91 8.05
CA ALA A 766 11.88 9.04 9.06
C ALA A 766 11.26 9.27 10.44
N VAL A 767 10.85 10.50 10.73
CA VAL A 767 10.16 10.75 12.01
C VAL A 767 8.87 9.96 12.09
N LEU A 768 8.06 10.00 11.02
CA LEU A 768 6.83 9.23 10.97
C LEU A 768 7.11 7.73 11.09
N LEU A 769 8.13 7.25 10.38
CA LEU A 769 8.47 5.82 10.46
C LEU A 769 8.84 5.43 11.88
N ASP A 770 9.59 6.29 12.58
CA ASP A 770 9.98 5.99 13.96
C ASP A 770 8.77 5.94 14.88
N LYS A 771 7.85 6.91 14.73
CA LYS A 771 6.62 6.86 15.53
C LYS A 771 5.84 5.58 15.26
N GLN A 772 5.79 5.15 14.00
CA GLN A 772 5.10 3.91 13.65
C GLN A 772 5.71 2.71 14.38
N GLN A 773 7.03 2.54 14.26
CA GLN A 773 7.67 1.40 14.91
C GLN A 773 7.53 1.46 16.42
N ALA A 774 7.54 2.67 16.99
CA ALA A 774 7.31 2.81 18.43
C ALA A 774 5.93 2.29 18.82
N ALA A 775 4.90 2.67 18.06
CA ALA A 775 3.55 2.17 18.33
C ALA A 775 3.49 0.64 18.25
N ILE A 776 4.14 0.07 17.24
CA ILE A 776 4.16 -1.39 17.10
C ILE A 776 4.77 -2.04 18.33
N LYS A 777 5.93 -1.53 18.77
CA LYS A 777 6.57 -2.11 19.96
C LYS A 777 5.68 -1.95 21.18
N VAL A 778 4.95 -0.83 21.28
CA VAL A 778 4.04 -0.62 22.41
C VAL A 778 3.01 -1.74 22.47
N VAL A 779 2.30 -1.97 21.35
CA VAL A 779 1.24 -2.98 21.39
C VAL A 779 1.81 -4.38 21.61
N CYS A 780 3.00 -4.65 21.04
CA CYS A 780 3.63 -5.95 21.25
C CYS A 780 3.90 -6.19 22.73
N ASN A 781 4.50 -5.21 23.42
CA ASN A 781 4.72 -5.36 24.85
C ASN A 781 3.42 -5.29 25.65
N SER A 782 2.32 -4.81 25.05
CA SER A 782 1.04 -4.76 25.73
C SER A 782 0.27 -6.07 25.69
N VAL A 783 0.61 -6.96 24.75
CA VAL A 783 -0.11 -8.24 24.62
C VAL A 783 -0.19 -9.00 25.95
N TYR A 784 0.96 -9.35 26.51
CA TYR A 784 1.00 -10.17 27.72
C TYR A 784 0.23 -9.50 28.87
N GLY A 785 0.49 -8.21 29.10
CA GLY A 785 -0.26 -7.48 30.10
C GLY A 785 -1.76 -7.60 29.91
N PHE A 786 -2.22 -7.38 28.68
CA PHE A 786 -3.65 -7.57 28.38
C PHE A 786 -4.11 -8.95 28.80
N THR A 787 -3.30 -9.97 28.53
CA THR A 787 -3.69 -11.32 28.91
C THR A 787 -3.80 -11.46 30.43
N GLY A 788 -3.00 -10.70 31.19
CA GLY A 788 -2.97 -10.86 32.63
C GLY A 788 -3.81 -9.92 33.48
N VAL A 789 -4.88 -9.35 32.93
CA VAL A 789 -5.71 -8.39 33.67
C VAL A 789 -6.95 -9.12 34.15
N GLN A 790 -6.89 -9.64 35.38
CA GLN A 790 -8.05 -10.31 35.96
C GLN A 790 -9.22 -9.35 36.04
N HIS A 791 -10.39 -9.81 35.59
CA HIS A 791 -11.65 -9.07 35.53
C HIS A 791 -11.63 -7.95 34.50
N GLY A 792 -10.61 -7.89 33.65
CA GLY A 792 -10.58 -6.98 32.53
C GLY A 792 -11.37 -7.52 31.35
N LEU A 793 -11.14 -6.92 30.19
CA LEU A 793 -11.78 -7.38 28.97
C LEU A 793 -11.02 -8.59 28.42
N LEU A 794 -11.76 -9.67 28.15
CA LEU A 794 -11.22 -10.93 27.64
C LEU A 794 -9.96 -11.36 28.39
N PRO A 795 -10.04 -11.61 29.69
CA PRO A 795 -8.86 -12.02 30.45
C PRO A 795 -8.65 -13.53 30.43
N CYS A 796 -7.38 -13.91 30.56
CA CYS A 796 -7.01 -15.33 30.67
C CYS A 796 -5.68 -15.39 31.44
N LEU A 797 -5.79 -15.44 32.77
CA LEU A 797 -4.60 -15.49 33.61
C LEU A 797 -3.78 -16.75 33.39
N HIS A 798 -4.40 -17.81 32.87
CA HIS A 798 -3.63 -19.04 32.59
C HIS A 798 -2.50 -18.76 31.62
N VAL A 799 -2.75 -17.95 30.59
CA VAL A 799 -1.72 -17.64 29.60
C VAL A 799 -0.58 -16.86 30.25
N ALA A 800 -0.90 -15.85 31.05
CA ALA A 800 0.13 -15.04 31.71
C ALA A 800 0.97 -15.88 32.65
N ALA A 801 0.32 -16.70 33.47
CA ALA A 801 1.05 -17.54 34.40
C ALA A 801 1.91 -18.56 33.67
N THR A 802 1.42 -19.10 32.56
CA THR A 802 2.24 -20.00 31.74
C THR A 802 3.45 -19.27 31.19
N VAL A 803 3.28 -18.03 30.75
CA VAL A 803 4.40 -17.26 30.21
C VAL A 803 5.46 -17.06 31.29
N THR A 804 5.04 -16.65 32.49
CA THR A 804 6.01 -16.41 33.56
C THR A 804 6.69 -17.70 33.98
N THR A 805 5.95 -18.81 34.05
CA THR A 805 6.54 -20.08 34.44
C THR A 805 7.56 -20.56 33.41
N ILE A 806 7.21 -20.45 32.11
CA ILE A 806 8.14 -20.82 31.05
C ILE A 806 9.40 -19.95 31.11
N GLY A 807 9.23 -18.66 31.38
CA GLY A 807 10.39 -17.79 31.49
C GLY A 807 11.32 -18.18 32.63
N ARG A 808 10.73 -18.47 33.79
CA ARG A 808 11.51 -18.94 34.93
C ARG A 808 12.27 -20.22 34.58
N GLU A 809 11.57 -21.19 33.98
CA GLU A 809 12.21 -22.44 33.57
C GLU A 809 13.37 -22.17 32.61
N MET A 810 13.16 -21.27 31.65
CA MET A 810 14.19 -20.97 30.67
C MET A 810 15.42 -20.36 31.32
N LEU A 811 15.22 -19.42 32.24
CA LEU A 811 16.36 -18.83 32.94
C LEU A 811 17.12 -19.87 33.74
N LEU A 812 16.39 -20.72 34.49
CA LEU A 812 17.04 -21.79 35.23
C LEU A 812 17.86 -22.70 34.31
N ALA A 813 17.27 -23.07 33.17
CA ALA A 813 17.97 -23.97 32.25
C ALA A 813 19.21 -23.33 31.66
N THR A 814 19.13 -22.03 31.33
CA THR A 814 20.30 -21.31 30.83
C THR A 814 21.41 -21.30 31.88
N ARG A 815 21.06 -21.02 33.14
CA ARG A 815 22.04 -21.06 34.22
C ARG A 815 22.71 -22.42 34.29
N GLU A 816 21.92 -23.49 34.37
CA GLU A 816 22.49 -24.81 34.55
C GLU A 816 23.33 -25.23 33.35
N TYR A 817 22.93 -24.83 32.14
CA TYR A 817 23.71 -25.15 30.94
C TYR A 817 25.06 -24.45 30.96
N VAL A 818 25.07 -23.15 31.26
CA VAL A 818 26.35 -22.44 31.34
C VAL A 818 27.24 -23.05 32.41
N HIS A 819 26.67 -23.37 33.57
CA HIS A 819 27.45 -23.99 34.64
C HIS A 819 28.07 -25.30 34.20
N ALA A 820 27.26 -26.20 33.65
CA ALA A 820 27.71 -27.57 33.40
C ALA A 820 28.59 -27.71 32.16
N ARG A 821 28.36 -26.89 31.13
CA ARG A 821 29.08 -27.10 29.88
C ARG A 821 30.40 -26.35 29.80
N TRP A 822 30.56 -25.25 30.55
CA TRP A 822 31.74 -24.41 30.45
C TRP A 822 32.40 -24.22 31.82
N ALA A 823 32.38 -25.28 32.64
CA ALA A 823 33.12 -25.25 33.88
C ALA A 823 34.62 -25.37 33.64
N ALA A 824 35.03 -26.12 32.62
CA ALA A 824 36.43 -26.30 32.29
C ALA A 824 36.82 -25.38 31.13
N PHE A 825 37.96 -24.69 31.28
CA PHE A 825 38.45 -23.83 30.20
C PHE A 825 38.70 -24.63 28.93
N GLU A 826 38.96 -25.93 29.06
CA GLU A 826 39.08 -26.81 27.89
C GLU A 826 37.88 -26.64 26.96
N GLN A 827 36.67 -26.70 27.52
CA GLN A 827 35.46 -26.60 26.70
C GLN A 827 35.31 -25.18 26.12
N LEU A 828 35.64 -24.16 26.91
CA LEU A 828 35.54 -22.79 26.43
C LEU A 828 36.45 -22.59 25.22
N LEU A 829 37.63 -23.20 25.23
CA LEU A 829 38.50 -23.14 24.06
C LEU A 829 37.98 -24.02 22.93
N ALA A 830 37.41 -25.18 23.28
CA ALA A 830 36.93 -26.13 22.28
C ALA A 830 35.84 -25.51 21.42
N ASP A 831 34.78 -25.01 22.06
CA ASP A 831 33.68 -24.44 21.28
C ASP A 831 34.12 -23.18 20.53
N PHE A 832 34.92 -22.34 21.17
CA PHE A 832 35.35 -21.08 20.59
C PHE A 832 36.87 -21.02 20.59
N PRO A 833 37.53 -21.12 19.44
CA PRO A 833 38.98 -20.92 19.40
C PRO A 833 39.35 -19.46 19.55
N GLU A 834 38.86 -18.83 20.62
CA GLU A 834 39.08 -17.42 20.88
C GLU A 834 39.48 -17.12 22.32
N ALA A 835 39.30 -18.04 23.26
CA ALA A 835 39.72 -17.83 24.63
C ALA A 835 41.22 -17.96 24.81
N ALA A 836 41.94 -18.45 23.80
CA ALA A 836 43.40 -18.46 23.83
C ALA A 836 43.94 -17.05 24.05
N ASP A 837 43.49 -16.10 23.23
CA ASP A 837 43.89 -14.70 23.36
C ASP A 837 43.03 -14.00 24.41
N MET A 838 42.57 -14.76 25.42
CA MET A 838 41.73 -14.18 26.45
C MET A 838 41.92 -14.85 27.81
N ARG A 839 42.88 -15.75 27.97
CA ARG A 839 43.12 -16.38 29.26
C ARG A 839 43.80 -15.41 30.20
N ALA A 840 43.19 -15.16 31.34
CA ALA A 840 43.68 -14.20 32.32
C ALA A 840 44.65 -14.87 33.28
N PRO A 841 45.39 -14.08 34.09
CA PRO A 841 46.30 -14.66 35.07
C PRO A 841 45.66 -15.69 35.99
N GLY A 842 44.61 -15.30 36.71
CA GLY A 842 44.04 -16.12 37.75
C GLY A 842 43.39 -17.40 37.25
N PRO A 843 42.76 -18.14 38.17
CA PRO A 843 42.12 -19.40 37.78
C PRO A 843 40.80 -19.16 37.05
N TYR A 844 40.42 -20.16 36.25
CA TYR A 844 39.25 -20.06 35.40
C TYR A 844 38.00 -20.51 36.15
N SER A 845 36.97 -19.67 36.12
CA SER A 845 35.66 -20.03 36.64
C SER A 845 34.60 -19.31 35.81
N MET A 846 33.42 -19.92 35.72
CA MET A 846 32.28 -19.32 35.04
C MET A 846 31.03 -19.71 35.81
N ARG A 847 30.40 -18.74 36.47
CA ARG A 847 29.25 -19.00 37.31
C ARG A 847 28.25 -17.87 37.17
N ILE A 848 26.98 -18.23 37.08
CA ILE A 848 25.91 -17.24 37.12
C ILE A 848 25.92 -16.58 38.49
N ILE A 849 26.03 -15.25 38.52
CA ILE A 849 26.03 -14.52 39.76
C ILE A 849 24.72 -13.77 39.98
N TYR A 850 24.03 -13.34 38.92
CA TYR A 850 22.79 -12.60 39.13
C TYR A 850 21.80 -12.92 38.02
N GLY A 851 20.50 -12.78 38.33
CA GLY A 851 19.46 -12.99 37.35
C GLY A 851 18.11 -12.43 37.75
N ASP A 852 17.41 -11.83 36.78
CA ASP A 852 16.09 -11.25 37.07
C ASP A 852 15.23 -11.38 35.81
N THR A 853 14.18 -12.19 35.89
CA THR A 853 13.17 -12.33 34.83
C THR A 853 13.76 -12.84 33.52
N ASP A 854 14.62 -12.06 32.87
CA ASP A 854 15.17 -12.43 31.57
C ASP A 854 16.62 -12.03 31.44
N SER A 855 17.34 -11.97 32.55
CA SER A 855 18.71 -11.50 32.55
C SER A 855 19.60 -12.53 33.22
N ILE A 856 20.87 -12.54 32.82
CA ILE A 856 21.87 -13.39 33.45
C ILE A 856 23.17 -12.59 33.48
N PHE A 857 23.73 -12.43 34.67
CA PHE A 857 25.04 -11.84 34.88
C PHE A 857 25.95 -12.97 35.35
N VAL A 858 27.00 -13.22 34.57
CA VAL A 858 27.91 -14.34 34.79
C VAL A 858 29.30 -13.79 35.08
N LEU A 859 29.95 -14.37 36.08
CA LEU A 859 31.30 -13.95 36.48
C LEU A 859 32.34 -14.74 35.71
N CYS A 860 33.37 -14.05 35.24
CA CYS A 860 34.38 -14.70 34.40
C CYS A 860 35.79 -14.52 34.97
N ARG A 861 36.01 -15.02 36.18
CA ARG A 861 37.36 -15.04 36.74
C ARG A 861 38.22 -16.01 35.96
N GLY A 862 39.39 -15.53 35.52
CA GLY A 862 40.27 -16.31 34.67
C GLY A 862 40.16 -16.00 33.20
N LEU A 863 39.36 -15.00 32.83
CA LEU A 863 39.24 -14.54 31.46
C LEU A 863 39.48 -13.05 31.41
N THR A 864 40.04 -12.58 30.29
CA THR A 864 40.30 -11.17 30.10
C THR A 864 39.10 -10.53 29.42
N ALA A 865 38.71 -9.35 29.91
CA ALA A 865 37.61 -8.60 29.31
C ALA A 865 38.01 -7.94 27.99
N ALA A 866 38.81 -8.62 27.18
CA ALA A 866 39.25 -8.09 25.90
C ALA A 866 38.09 -8.09 24.91
N GLY A 867 37.70 -9.28 24.45
CA GLY A 867 36.57 -9.41 23.55
C GLY A 867 35.47 -10.24 24.17
N LEU A 868 35.26 -10.10 25.48
CA LEU A 868 34.21 -10.86 26.14
C LEU A 868 32.84 -10.56 25.54
N THR A 869 32.62 -9.32 25.08
CA THR A 869 31.38 -9.00 24.38
C THR A 869 31.26 -9.81 23.09
N ALA A 870 32.30 -9.78 22.26
CA ALA A 870 32.23 -10.41 20.94
C ALA A 870 32.26 -11.93 21.00
N MET A 871 32.74 -12.51 22.11
CA MET A 871 32.66 -13.96 22.28
C MET A 871 31.39 -14.38 23.00
N GLY A 872 30.89 -13.53 23.91
CA GLY A 872 29.60 -13.80 24.52
C GLY A 872 28.46 -13.71 23.52
N ASP A 873 28.64 -12.91 22.46
CA ASP A 873 27.68 -12.95 21.36
C ASP A 873 27.55 -14.37 20.79
N LYS A 874 28.69 -14.97 20.43
CA LYS A 874 28.67 -16.34 19.92
C LYS A 874 28.16 -17.31 20.97
N MET A 875 28.49 -17.07 22.24
CA MET A 875 27.99 -17.90 23.33
C MET A 875 26.47 -17.90 23.38
N ALA A 876 25.87 -16.71 23.40
CA ALA A 876 24.43 -16.59 23.47
C ALA A 876 23.76 -17.18 22.22
N SER A 877 24.37 -16.97 21.04
CA SER A 877 23.86 -17.60 19.84
C SER A 877 23.85 -19.12 19.98
N HIS A 878 24.95 -19.68 20.51
CA HIS A 878 25.05 -21.12 20.74
C HIS A 878 23.95 -21.60 21.68
N ILE A 879 23.77 -20.90 22.80
CA ILE A 879 22.76 -21.28 23.78
C ILE A 879 21.37 -21.23 23.16
N SER A 880 21.08 -20.18 22.40
CA SER A 880 19.76 -20.05 21.76
C SER A 880 19.51 -21.19 20.78
N ARG A 881 20.49 -21.47 19.92
CA ARG A 881 20.35 -22.57 18.97
C ARG A 881 20.15 -23.91 19.70
N ALA A 882 20.88 -24.13 20.79
CA ALA A 882 20.93 -25.44 21.41
C ALA A 882 19.83 -25.69 22.43
N LEU A 883 19.15 -24.65 22.91
CA LEU A 883 18.22 -24.82 24.03
C LEU A 883 16.79 -24.41 23.75
N PHE A 884 16.53 -23.47 22.85
CA PHE A 884 15.22 -22.85 22.77
C PHE A 884 14.69 -22.85 21.33
N LEU A 885 13.38 -23.04 21.21
CA LEU A 885 12.73 -22.96 19.92
C LEU A 885 12.62 -21.50 19.47
N PRO A 886 12.65 -21.25 18.16
CA PRO A 886 12.50 -19.87 17.68
C PRO A 886 11.10 -19.35 17.97
N PRO A 887 10.90 -18.03 18.01
CA PRO A 887 11.90 -16.98 17.75
C PRO A 887 12.65 -16.55 19.02
N ILE A 888 12.65 -17.39 20.06
CA ILE A 888 13.38 -17.08 21.27
C ILE A 888 14.85 -16.83 20.91
N LYS A 889 15.40 -15.73 21.43
CA LYS A 889 16.75 -15.32 21.11
C LYS A 889 17.43 -14.74 22.34
N LEU A 890 18.61 -15.25 22.66
CA LEU A 890 19.43 -14.73 23.75
C LEU A 890 20.56 -13.91 23.15
N GLU A 891 20.77 -12.70 23.68
CA GLU A 891 21.80 -11.82 23.20
C GLU A 891 22.73 -11.41 24.34
N CYS A 892 23.96 -11.09 23.98
CA CYS A 892 24.94 -10.53 24.90
C CYS A 892 24.94 -9.01 24.72
N GLU A 893 24.52 -8.29 25.76
CA GLU A 893 24.34 -6.85 25.63
C GLU A 893 25.50 -6.06 26.21
N LYS A 894 25.92 -6.38 27.43
CA LYS A 894 26.88 -5.56 28.16
C LYS A 894 27.93 -6.46 28.82
N THR A 895 29.11 -5.88 29.04
CA THR A 895 30.16 -6.50 29.84
C THR A 895 30.70 -5.46 30.81
N PHE A 896 30.60 -5.76 32.10
CA PHE A 896 31.03 -4.82 33.13
C PHE A 896 32.48 -5.07 33.52
N THR A 897 33.18 -3.97 33.82
CA THR A 897 34.53 -4.08 34.38
C THR A 897 34.48 -4.28 35.89
N LYS A 898 33.67 -3.47 36.58
CA LYS A 898 33.39 -3.64 38.00
C LYS A 898 31.90 -3.54 38.21
N LEU A 899 31.40 -4.26 39.21
CA LEU A 899 29.97 -4.33 39.44
C LEU A 899 29.68 -4.55 40.91
N LEU A 900 28.62 -3.90 41.40
CA LEU A 900 28.26 -3.94 42.81
C LEU A 900 26.91 -4.63 42.96
N LEU A 901 26.91 -5.88 43.41
CA LEU A 901 25.66 -6.57 43.72
C LEU A 901 25.25 -6.16 45.13
N ILE A 902 24.29 -5.25 45.22
CA ILE A 902 23.86 -4.72 46.50
C ILE A 902 22.81 -5.64 47.14
N ALA A 903 21.67 -5.78 46.49
CA ALA A 903 20.57 -6.59 47.00
C ALA A 903 19.72 -7.03 45.81
N LYS A 904 18.58 -7.66 46.12
CA LYS A 904 17.67 -8.10 45.07
C LYS A 904 17.14 -6.89 44.30
N LYS A 905 17.31 -6.93 42.97
CA LYS A 905 16.79 -5.90 42.06
C LYS A 905 17.43 -4.53 42.32
N LYS A 906 18.63 -4.50 42.87
CA LYS A 906 19.37 -3.26 43.10
C LYS A 906 20.85 -3.50 42.87
N TYR A 907 21.46 -2.72 41.98
CA TYR A 907 22.88 -2.90 41.70
C TYR A 907 23.41 -1.71 40.91
N ILE A 908 24.72 -1.52 41.02
CA ILE A 908 25.44 -0.45 40.33
C ILE A 908 26.69 -1.05 39.73
N GLY A 909 27.04 -0.61 38.51
CA GLY A 909 28.16 -1.18 37.80
C GLY A 909 28.79 -0.20 36.84
N VAL A 910 29.99 -0.55 36.40
CA VAL A 910 30.74 0.23 35.41
C VAL A 910 30.83 -0.61 34.15
N ILE A 911 30.28 -0.08 33.05
CA ILE A 911 30.33 -0.78 31.77
C ILE A 911 31.75 -0.73 31.23
N TYR A 912 32.09 -1.72 30.40
CA TYR A 912 33.40 -1.73 29.74
C TYR A 912 33.64 -0.48 28.90
N GLY A 913 32.59 0.23 28.52
CA GLY A 913 32.69 1.45 27.75
C GLY A 913 32.87 2.70 28.58
N GLY A 914 33.11 2.56 29.88
CA GLY A 914 33.28 3.70 30.76
C GLY A 914 32.01 4.32 31.28
N LYS A 915 30.85 3.90 30.77
CA LYS A 915 29.57 4.45 31.20
C LYS A 915 29.09 3.75 32.47
N MET A 916 28.56 4.53 33.39
CA MET A 916 28.07 4.01 34.66
C MET A 916 26.63 3.55 34.51
N LEU A 917 26.23 2.62 35.39
CA LEU A 917 24.89 2.05 35.36
C LEU A 917 24.39 1.92 36.78
N ILE A 918 23.23 2.50 37.06
CA ILE A 918 22.67 2.57 38.42
C ILE A 918 21.23 2.10 38.35
N LYS A 919 20.89 1.06 39.12
CA LYS A 919 19.53 0.54 39.08
C LYS A 919 19.07 0.21 40.49
N GLY A 920 17.86 0.67 40.84
CA GLY A 920 17.20 0.32 42.08
C GLY A 920 17.49 1.24 43.24
N VAL A 921 18.71 1.78 43.33
CA VAL A 921 19.15 2.55 44.49
C VAL A 921 18.43 3.89 44.54
N ASP A 922 18.50 4.55 45.70
CA ASP A 922 17.92 5.88 45.88
C ASP A 922 18.44 6.90 44.88
N LEU A 923 19.54 6.60 44.19
CA LEU A 923 20.08 7.53 43.20
C LEU A 923 19.05 7.84 42.12
N VAL A 924 18.48 6.80 41.51
CA VAL A 924 17.48 7.01 40.47
C VAL A 924 16.11 7.34 41.05
N ARG A 925 15.85 6.96 42.30
CA ARG A 925 14.57 7.21 42.94
C ARG A 925 14.37 8.69 43.16
N LYS A 926 13.54 9.32 42.33
CA LYS A 926 13.33 10.76 42.39
C LYS A 926 12.40 11.17 43.54
N ASN A 927 12.51 10.47 44.66
CA ASN A 927 11.82 10.84 45.88
C ASN A 927 12.75 11.46 46.91
N ASN A 928 14.06 11.43 46.66
CA ASN A 928 15.04 11.92 47.61
C ASN A 928 15.46 13.35 47.27
N CYS A 929 16.14 13.96 48.22
CA CYS A 929 16.64 15.33 48.07
C CYS A 929 17.89 15.34 47.20
N ALA A 930 18.03 16.38 46.38
CA ALA A 930 19.15 16.45 45.45
C ALA A 930 20.50 16.41 46.16
N PHE A 931 20.57 16.90 47.41
CA PHE A 931 21.84 16.92 48.14
C PHE A 931 22.36 15.52 48.41
N ILE A 932 21.54 14.67 49.03
CA ILE A 932 21.96 13.29 49.29
C ILE A 932 22.21 12.56 47.98
N ASN A 933 21.46 12.89 46.93
CA ASN A 933 21.70 12.28 45.61
C ASN A 933 23.11 12.59 45.12
N ARG A 934 23.47 13.87 45.08
CA ARG A 934 24.81 14.27 44.65
C ARG A 934 25.89 13.65 45.53
N THR A 935 25.65 13.61 46.84
CA THR A 935 26.65 13.08 47.76
C THR A 935 26.90 11.59 47.51
N SER A 936 25.84 10.78 47.57
CA SER A 936 25.96 9.35 47.31
C SER A 936 26.53 9.09 45.92
N ARG A 937 26.17 9.94 44.95
CA ARG A 937 26.79 9.84 43.63
C ARG A 937 28.30 9.95 43.76
N ALA A 938 28.80 11.09 44.25
CA ALA A 938 30.24 11.29 44.43
C ALA A 938 30.88 10.10 45.14
N LEU A 939 30.22 9.55 46.15
CA LEU A 939 30.75 8.38 46.85
C LEU A 939 30.96 7.21 45.89
N VAL A 940 29.89 6.84 45.17
CA VAL A 940 29.98 5.70 44.25
C VAL A 940 30.97 5.99 43.12
N ASP A 941 30.93 7.20 42.57
CA ASP A 941 31.88 7.65 41.56
C ASP A 941 33.31 7.41 42.01
N LEU A 942 33.63 7.77 43.26
CA LEU A 942 34.95 7.49 43.79
C LEU A 942 35.19 5.99 43.88
N LEU A 943 34.19 5.24 44.35
CA LEU A 943 34.35 3.79 44.48
C LEU A 943 34.67 3.13 43.16
N PHE A 944 34.21 3.70 42.04
CA PHE A 944 34.46 3.09 40.73
C PHE A 944 35.55 3.77 39.94
N TYR A 945 35.75 5.08 40.11
CA TYR A 945 36.69 5.83 39.29
C TYR A 945 37.91 6.29 40.09
N ASP A 946 38.25 5.55 41.14
CA ASP A 946 39.45 5.80 41.94
C ASP A 946 40.10 4.45 42.23
N ASP A 947 41.37 4.31 41.86
CA ASP A 947 42.05 3.03 41.98
C ASP A 947 42.29 2.65 43.44
N THR A 948 42.59 3.63 44.29
CA THR A 948 42.93 3.34 45.68
C THR A 948 41.74 2.75 46.43
N VAL A 949 40.57 3.39 46.35
CA VAL A 949 39.41 2.86 47.06
C VAL A 949 38.93 1.55 46.45
N SER A 950 39.19 1.33 45.15
CA SER A 950 38.87 0.04 44.56
C SER A 950 39.74 -1.06 45.15
N GLY A 951 41.04 -0.82 45.23
CA GLY A 951 41.92 -1.74 45.94
C GLY A 951 41.54 -1.89 47.40
N ALA A 952 41.00 -0.84 48.01
CA ALA A 952 40.51 -0.92 49.38
C ALA A 952 39.33 -1.88 49.50
N ALA A 953 38.38 -1.77 48.57
CA ALA A 953 37.29 -2.74 48.53
C ALA A 953 37.81 -4.16 48.34
N ALA A 954 38.82 -4.32 47.49
CA ALA A 954 39.48 -5.63 47.34
C ALA A 954 40.08 -6.09 48.66
N ALA A 955 40.68 -5.18 49.42
CA ALA A 955 41.25 -5.53 50.72
C ALA A 955 40.15 -5.96 51.68
N LEU A 956 39.03 -5.24 51.68
CA LEU A 956 37.88 -5.66 52.48
C LEU A 956 37.42 -7.06 52.07
N ALA A 957 37.54 -7.38 50.78
CA ALA A 957 37.17 -8.71 50.30
C ALA A 957 38.18 -9.75 50.76
N GLU A 958 39.44 -9.37 50.95
CA GLU A 958 40.48 -10.31 51.31
C GLU A 958 40.16 -11.02 52.62
N ARG A 959 39.42 -10.36 53.50
CA ARG A 959 39.06 -10.85 54.83
C ARG A 959 37.54 -10.99 54.92
N PRO A 960 37.04 -11.83 55.83
CA PRO A 960 35.58 -12.07 55.88
C PRO A 960 34.73 -10.86 56.24
N ALA A 961 35.32 -9.76 56.70
CA ALA A 961 34.64 -8.54 57.11
C ALA A 961 33.97 -8.65 58.48
N GLU A 962 33.74 -9.87 58.98
CA GLU A 962 33.10 -10.04 60.28
C GLU A 962 33.99 -9.54 61.41
N GLU A 963 35.29 -9.80 61.32
CA GLU A 963 36.26 -9.37 62.34
C GLU A 963 36.39 -7.85 62.45
N TRP A 964 36.03 -7.12 61.38
CA TRP A 964 36.36 -5.71 61.23
C TRP A 964 35.66 -4.79 62.24
N LEU A 965 34.72 -5.30 63.04
CA LEU A 965 34.19 -4.46 64.11
C LEU A 965 35.29 -4.02 65.07
N ALA A 966 36.36 -4.81 65.18
CA ALA A 966 37.51 -4.44 65.99
C ALA A 966 38.75 -4.09 65.17
N ARG A 967 38.73 -4.30 63.86
CA ARG A 967 39.92 -4.09 63.05
C ARG A 967 39.82 -2.73 62.37
N PRO A 968 40.93 -2.20 61.85
CA PRO A 968 40.87 -0.89 61.21
C PRO A 968 40.60 -0.97 59.72
N LEU A 969 39.95 0.07 59.22
CA LEU A 969 39.68 0.19 57.80
C LEU A 969 40.95 0.57 57.06
N PRO A 970 41.20 0.00 55.88
CA PRO A 970 42.42 0.33 55.14
C PRO A 970 42.45 1.79 54.73
N GLU A 971 43.66 2.26 54.42
CA GLU A 971 43.89 3.70 54.23
C GLU A 971 43.08 4.26 53.06
N GLY A 972 42.85 3.46 52.02
CA GLY A 972 42.18 3.97 50.82
C GLY A 972 40.85 4.64 51.12
N LEU A 973 40.08 4.06 52.05
CA LEU A 973 38.76 4.56 52.40
C LEU A 973 38.75 6.00 52.93
N GLN A 974 39.93 6.55 53.26
CA GLN A 974 40.00 7.89 53.85
C GLN A 974 39.14 8.91 53.12
N ALA A 975 39.17 8.89 51.78
CA ALA A 975 38.44 9.88 50.98
C ALA A 975 36.99 10.01 51.43
N PHE A 976 36.34 8.88 51.74
CA PHE A 976 34.94 8.92 52.16
C PHE A 976 34.73 9.97 53.25
N GLY A 977 35.48 9.84 54.34
CA GLY A 977 35.32 10.75 55.48
C GLY A 977 35.20 12.18 55.01
N ALA A 978 36.14 12.58 54.16
CA ALA A 978 36.15 13.95 53.63
C ALA A 978 34.78 14.34 53.10
N VAL A 979 34.32 13.63 52.06
CA VAL A 979 33.04 13.97 51.45
C VAL A 979 31.95 13.99 52.51
N LEU A 980 31.96 13.00 53.41
CA LEU A 980 30.91 12.91 54.42
C LEU A 980 30.88 14.19 55.26
N VAL A 981 32.05 14.65 55.71
CA VAL A 981 32.04 15.82 56.58
C VAL A 981 31.66 17.05 55.79
N ASP A 982 32.05 17.11 54.50
CA ASP A 982 31.61 18.23 53.67
C ASP A 982 30.09 18.33 53.71
N ALA A 983 29.42 17.18 53.65
CA ALA A 983 27.97 17.15 53.76
C ALA A 983 27.48 17.99 54.92
N HIS A 984 28.02 17.72 56.12
CA HIS A 984 27.58 18.42 57.31
C HIS A 984 27.63 19.92 57.12
N ARG A 985 28.72 20.43 56.53
CA ARG A 985 28.83 21.83 56.20
C ARG A 985 27.57 22.28 55.47
N ARG A 986 27.39 21.75 54.26
CA ARG A 986 26.26 22.13 53.41
C ARG A 986 24.92 21.98 54.12
N ILE A 987 24.87 21.21 55.21
CA ILE A 987 23.59 21.06 55.92
C ILE A 987 23.32 22.29 56.77
N THR A 988 24.26 22.67 57.63
CA THR A 988 23.96 23.72 58.59
C THR A 988 24.34 25.12 58.12
N ASP A 989 25.42 25.24 57.35
CA ASP A 989 25.86 26.49 56.77
C ASP A 989 24.77 27.13 55.91
N PRO A 990 24.23 28.29 56.31
CA PRO A 990 23.26 28.98 55.46
C PRO A 990 23.85 29.46 54.14
N GLU A 991 23.02 30.13 53.34
CA GLU A 991 23.23 30.48 51.93
C GLU A 991 23.26 29.26 51.02
N ARG A 992 22.82 28.10 51.49
CA ARG A 992 22.54 26.97 50.63
C ARG A 992 21.13 27.08 50.06
N ASP A 993 20.93 26.47 48.90
CA ASP A 993 19.61 26.44 48.29
C ASP A 993 18.73 25.43 49.00
N ILE A 994 17.57 25.88 49.48
CA ILE A 994 16.63 24.96 50.14
C ILE A 994 16.02 24.02 49.12
N GLN A 995 15.88 24.46 47.86
CA GLN A 995 15.43 23.57 46.80
C GLN A 995 16.38 22.40 46.62
N ASP A 996 17.67 22.59 46.94
CA ASP A 996 18.62 21.50 46.97
C ASP A 996 18.37 20.53 48.12
N PHE A 997 17.33 20.79 48.94
CA PHE A 997 17.03 19.99 50.12
C PHE A 997 15.57 19.55 50.18
N VAL A 998 14.85 19.61 49.06
CA VAL A 998 13.43 19.29 49.05
C VAL A 998 13.24 17.81 48.75
N LEU A 999 12.33 17.19 49.48
CA LEU A 999 11.85 15.84 49.20
C LEU A 999 10.56 15.91 48.39
N THR A 1000 10.28 14.84 47.65
CA THR A 1000 9.08 14.77 46.82
C THR A 1000 8.40 13.42 47.02
N ALA A 1001 7.08 13.40 46.87
CA ALA A 1001 6.33 12.16 47.00
C ALA A 1001 5.02 12.28 46.24
N GLU A 1002 4.68 11.25 45.46
CA GLU A 1002 3.45 11.29 44.67
C GLU A 1002 2.22 11.03 45.53
N LEU A 1003 1.15 11.76 45.23
CA LEU A 1003 -0.15 11.57 45.87
C LEU A 1003 -0.94 10.58 45.02
N SER A 1004 -1.00 9.33 45.45
CA SER A 1004 -1.57 8.27 44.62
C SER A 1004 -3.08 8.39 44.53
N ARG A 1005 -3.78 8.27 45.67
CA ARG A 1005 -5.23 8.19 45.71
C ARG A 1005 -5.83 9.49 46.22
N HIS A 1006 -7.16 9.54 46.17
CA HIS A 1006 -7.90 10.52 46.95
C HIS A 1006 -7.59 10.27 48.42
N PRO A 1007 -7.14 11.28 49.18
CA PRO A 1007 -6.62 11.02 50.53
C PRO A 1007 -7.60 10.35 51.48
N ARG A 1008 -8.91 10.53 51.28
CA ARG A 1008 -9.88 9.92 52.19
C ARG A 1008 -9.72 8.41 52.25
N ALA A 1009 -9.30 7.78 51.15
CA ALA A 1009 -9.03 6.34 51.13
C ALA A 1009 -7.55 6.13 51.43
N TYR A 1010 -7.23 6.07 52.72
CA TYR A 1010 -5.86 5.82 53.16
C TYR A 1010 -5.85 4.98 54.44
N THR A 1011 -4.84 4.11 54.54
CA THR A 1011 -4.71 3.18 55.65
C THR A 1011 -3.85 3.72 56.79
N ASN A 1012 -2.74 4.40 56.49
CA ASN A 1012 -1.94 5.02 57.53
C ASN A 1012 -2.48 6.40 57.92
N LYS A 1013 -2.72 7.25 56.92
CA LYS A 1013 -3.17 8.63 57.12
C LYS A 1013 -2.10 9.46 57.82
N ARG A 1014 -0.94 8.87 58.09
CA ARG A 1014 0.18 9.57 58.74
C ARG A 1014 1.37 9.46 57.81
N LEU A 1015 1.37 10.31 56.77
CA LEU A 1015 2.44 10.37 55.81
C LEU A 1015 2.87 11.83 55.62
N ALA A 1016 4.12 12.01 55.19
CA ALA A 1016 4.68 13.34 55.04
C ALA A 1016 3.86 14.18 54.08
N HIS A 1017 3.75 13.72 52.83
CA HIS A 1017 3.00 14.47 51.82
C HIS A 1017 1.53 14.60 52.19
N LEU A 1018 0.99 13.68 52.98
CA LEU A 1018 -0.39 13.84 53.45
C LEU A 1018 -0.51 14.96 54.47
N THR A 1019 0.43 15.02 55.42
CA THR A 1019 0.49 16.15 56.34
C THR A 1019 0.58 17.46 55.57
N VAL A 1020 1.47 17.50 54.58
CA VAL A 1020 1.63 18.72 53.79
C VAL A 1020 0.35 19.04 53.02
N TYR A 1021 -0.33 18.00 52.52
CA TYR A 1021 -1.59 18.19 51.81
C TYR A 1021 -2.62 18.87 52.69
N TYR A 1022 -2.89 18.29 53.86
CA TYR A 1022 -3.90 18.87 54.74
C TYR A 1022 -3.50 20.25 55.22
N LYS A 1023 -2.21 20.48 55.46
CA LYS A 1023 -1.77 21.82 55.86
C LYS A 1023 -1.99 22.83 54.75
N LEU A 1024 -1.59 22.48 53.51
CA LEU A 1024 -1.87 23.34 52.36
C LEU A 1024 -3.37 23.60 52.22
N MET A 1025 -4.20 22.60 52.53
CA MET A 1025 -5.64 22.79 52.42
C MET A 1025 -6.15 23.81 53.43
N ALA A 1026 -5.72 23.67 54.69
CA ALA A 1026 -6.16 24.62 55.71
C ALA A 1026 -5.69 26.04 55.40
N ARG A 1027 -4.52 26.18 54.79
CA ARG A 1027 -3.95 27.49 54.47
C ARG A 1027 -4.51 28.09 53.18
N ARG A 1028 -5.51 27.46 52.57
CA ARG A 1028 -6.08 27.95 51.30
C ARG A 1028 -5.01 28.12 50.23
N ALA A 1029 -4.11 27.15 50.13
CA ALA A 1029 -3.01 27.20 49.17
C ALA A 1029 -3.45 26.53 47.87
N GLN A 1030 -2.51 26.12 47.04
CA GLN A 1030 -2.85 25.45 45.79
C GLN A 1030 -3.07 23.98 46.08
N VAL A 1031 -4.33 23.57 46.13
CA VAL A 1031 -4.69 22.18 46.37
C VAL A 1031 -4.06 21.36 45.25
N PRO A 1032 -3.17 20.42 45.55
CA PRO A 1032 -2.51 19.66 44.48
C PRO A 1032 -3.51 18.74 43.79
N SER A 1033 -3.33 18.59 42.48
CA SER A 1033 -4.20 17.72 41.72
C SER A 1033 -4.06 16.28 42.22
N ILE A 1034 -5.05 15.45 41.88
CA ILE A 1034 -5.25 14.16 42.50
C ILE A 1034 -4.10 13.17 42.29
N LYS A 1035 -3.15 13.45 41.38
CA LYS A 1035 -2.08 12.47 41.15
C LYS A 1035 -0.73 13.11 40.82
N ASP A 1036 -0.41 14.27 41.40
CA ASP A 1036 0.88 14.90 41.17
C ASP A 1036 1.85 14.55 42.30
N ARG A 1037 3.06 15.10 42.20
CA ARG A 1037 4.08 14.95 43.22
C ARG A 1037 4.05 16.18 44.12
N ILE A 1038 3.98 15.95 45.42
CA ILE A 1038 4.00 17.00 46.43
C ILE A 1038 5.43 17.15 46.93
N PRO A 1039 5.99 18.35 46.94
CA PRO A 1039 7.29 18.58 47.59
C PRO A 1039 7.10 19.01 49.04
N TYR A 1040 8.14 18.73 49.84
CA TYR A 1040 8.08 19.01 51.27
C TYR A 1040 9.49 19.02 51.84
N VAL A 1041 9.61 19.57 53.05
CA VAL A 1041 10.86 19.61 53.81
C VAL A 1041 10.55 19.31 55.27
N ILE A 1042 11.60 19.09 56.05
CA ILE A 1042 11.47 18.62 57.42
C ILE A 1042 11.89 19.73 58.37
N VAL A 1043 10.95 20.16 59.22
CA VAL A 1043 11.21 21.19 60.23
C VAL A 1043 11.93 20.55 61.43
N ALA A 1044 12.62 21.40 62.20
CA ALA A 1044 13.20 21.03 63.48
C ALA A 1044 12.25 21.39 64.61
N GLN A 1045 12.37 20.67 65.72
CA GLN A 1045 11.45 20.85 66.84
C GLN A 1045 11.64 22.23 67.49
N THR A 1046 10.54 22.96 67.64
CA THR A 1046 10.52 24.26 68.30
C THR A 1046 9.32 24.32 69.22
N ARG A 1047 9.22 25.43 69.97
CA ARG A 1047 8.05 25.64 70.82
C ARG A 1047 6.79 25.83 69.98
N GLU A 1048 6.88 26.63 68.91
CA GLU A 1048 5.75 26.83 68.03
C GLU A 1048 5.34 25.53 67.35
N VAL A 1049 6.32 24.73 66.94
CA VAL A 1049 6.02 23.47 66.26
C VAL A 1049 5.21 22.54 67.17
N GLU A 1050 5.72 22.30 68.39
CA GLU A 1050 5.03 21.40 69.31
C GLU A 1050 3.69 21.98 69.76
N GLU A 1051 3.62 23.30 69.93
CA GLU A 1051 2.36 23.93 70.34
C GLU A 1051 1.30 23.78 69.27
N THR A 1052 1.67 24.05 68.01
CA THR A 1052 0.71 23.87 66.92
C THR A 1052 0.37 22.40 66.70
N VAL A 1053 1.31 21.48 66.97
CA VAL A 1053 1.00 20.07 66.87
C VAL A 1053 -0.08 19.69 67.87
N ALA A 1054 0.09 20.07 69.14
CA ALA A 1054 -0.92 19.78 70.15
C ALA A 1054 -2.25 20.48 69.84
N ARG A 1055 -2.17 21.70 69.30
CA ARG A 1055 -3.39 22.44 68.98
C ARG A 1055 -4.16 21.78 67.84
N LEU A 1056 -3.46 21.39 66.77
CA LEU A 1056 -4.12 20.69 65.67
C LEU A 1056 -4.66 19.34 66.11
N ALA A 1057 -3.93 18.65 66.99
CA ALA A 1057 -4.43 17.38 67.51
C ALA A 1057 -5.73 17.57 68.27
N ALA A 1058 -5.78 18.57 69.15
CA ALA A 1058 -7.02 18.85 69.89
C ALA A 1058 -8.15 19.26 68.95
N LEU A 1059 -7.83 20.08 67.94
CA LEU A 1059 -8.86 20.49 66.98
C LEU A 1059 -9.43 19.29 66.23
N ARG A 1060 -8.56 18.36 65.82
CA ARG A 1060 -9.03 17.16 65.14
C ARG A 1060 -9.88 16.30 66.07
N GLU A 1061 -9.43 16.11 67.31
CA GLU A 1061 -10.15 15.28 68.27
C GLU A 1061 -11.56 15.80 68.53
N LEU A 1104 10.10 13.32 68.09
CA LEU A 1104 8.73 13.35 67.60
C LEU A 1104 8.62 12.60 66.28
N VAL A 1105 7.44 12.00 66.05
CA VAL A 1105 7.20 11.33 64.78
C VAL A 1105 7.21 12.36 63.65
N SER A 1106 7.36 11.86 62.41
CA SER A 1106 7.55 12.74 61.26
C SER A 1106 6.34 13.61 60.94
N GLU A 1107 5.88 14.40 61.91
CA GLU A 1107 4.91 15.45 61.66
C GLU A 1107 5.56 16.70 61.10
N LEU A 1108 6.86 16.86 61.28
CA LEU A 1108 7.60 18.05 60.86
C LEU A 1108 7.82 17.97 59.35
N ALA A 1109 6.77 18.30 58.62
CA ALA A 1109 6.78 18.36 57.16
C ALA A 1109 6.07 19.65 56.76
N GLU A 1110 6.67 20.39 55.83
CA GLU A 1110 6.14 21.71 55.50
C GLU A 1110 6.40 22.02 54.04
N ASP A 1111 5.49 22.80 53.46
CA ASP A 1111 5.67 23.28 52.09
C ASP A 1111 6.95 24.11 52.03
N PRO A 1112 7.82 23.86 51.06
CA PRO A 1112 8.98 24.77 50.87
C PRO A 1112 8.58 26.24 50.78
N ALA A 1113 7.44 26.56 50.17
CA ALA A 1113 7.01 27.94 50.04
C ALA A 1113 6.78 28.59 51.41
N TYR A 1114 5.86 28.01 52.19
CA TYR A 1114 5.56 28.58 53.51
C TYR A 1114 6.78 28.55 54.42
N ALA A 1115 7.59 27.49 54.34
CA ALA A 1115 8.71 27.30 55.25
C ALA A 1115 9.92 28.13 54.87
N ILE A 1116 9.89 28.82 53.73
CA ILE A 1116 10.95 29.74 53.35
C ILE A 1116 10.58 31.18 53.67
N ALA A 1117 9.32 31.56 53.48
CA ALA A 1117 8.89 32.91 53.79
C ALA A 1117 8.64 33.12 55.28
N HIS A 1118 8.43 32.05 56.03
CA HIS A 1118 8.36 32.10 57.48
C HIS A 1118 9.70 31.83 58.14
N GLY A 1119 10.76 31.71 57.35
CA GLY A 1119 12.10 31.51 57.89
C GLY A 1119 12.27 30.26 58.70
N VAL A 1120 11.49 29.22 58.42
CA VAL A 1120 11.57 28.00 59.21
C VAL A 1120 12.87 27.27 58.90
N ALA A 1121 13.43 26.61 59.91
CA ALA A 1121 14.71 25.94 59.80
C ALA A 1121 14.53 24.43 59.65
N LEU A 1122 15.48 23.80 58.96
CA LEU A 1122 15.39 22.39 58.66
C LEU A 1122 15.81 21.56 59.86
N ASN A 1123 15.47 20.27 59.81
CA ASN A 1123 15.94 19.30 60.81
C ASN A 1123 17.31 18.83 60.36
N THR A 1124 18.34 19.53 60.83
CA THR A 1124 19.72 19.21 60.45
C THR A 1124 20.08 17.76 60.77
N ASP A 1125 19.61 17.25 61.91
CA ASP A 1125 19.93 15.88 62.30
C ASP A 1125 19.39 14.86 61.30
N TYR A 1126 18.16 15.07 60.83
CA TYR A 1126 17.50 14.09 59.97
C TYR A 1126 18.24 13.89 58.65
N TYR A 1127 18.64 14.99 58.01
CA TYR A 1127 19.24 14.89 56.69
C TYR A 1127 20.61 14.23 56.75
N PHE A 1128 21.38 14.48 57.81
CA PHE A 1128 22.66 13.80 57.96
C PHE A 1128 22.46 12.32 58.32
N SER A 1129 21.49 12.03 59.19
CA SER A 1129 21.20 10.64 59.53
C SER A 1129 20.75 9.85 58.30
N HIS A 1130 20.03 10.50 57.37
CA HIS A 1130 19.64 9.79 56.16
C HIS A 1130 20.72 9.76 55.09
N LEU A 1131 21.63 10.74 55.06
CA LEU A 1131 22.82 10.55 54.25
C LEU A 1131 23.59 9.31 54.72
N LEU A 1132 23.71 9.15 56.04
CA LEU A 1132 24.37 7.97 56.58
C LEU A 1132 23.57 6.70 56.32
N GLY A 1133 22.23 6.79 56.37
CA GLY A 1133 21.41 5.64 56.04
C GLY A 1133 21.54 5.20 54.60
N ALA A 1134 21.53 6.17 53.67
CA ALA A 1134 21.72 5.84 52.26
C ALA A 1134 23.09 5.24 52.02
N ALA A 1135 24.12 5.80 52.68
CA ALA A 1135 25.46 5.21 52.57
C ALA A 1135 25.48 3.78 53.09
N CYS A 1136 24.85 3.55 54.25
CA CYS A 1136 24.78 2.21 54.82
C CYS A 1136 24.09 1.24 53.87
N VAL A 1137 22.96 1.66 53.31
CA VAL A 1137 22.19 0.79 52.41
C VAL A 1137 22.99 0.48 51.15
N THR A 1138 23.71 1.48 50.62
CA THR A 1138 24.45 1.27 49.38
C THR A 1138 25.72 0.46 49.59
N PHE A 1139 26.34 0.55 50.76
CA PHE A 1139 27.66 -0.03 50.99
C PHE A 1139 27.65 -1.19 51.97
N LYS A 1140 26.46 -1.66 52.39
CA LYS A 1140 26.42 -2.90 53.16
C LYS A 1140 26.95 -4.09 52.37
N ALA A 1141 26.89 -4.01 51.03
CA ALA A 1141 27.35 -5.09 50.17
C ALA A 1141 28.78 -5.51 50.50
N LEU A 1142 29.68 -4.54 50.65
CA LEU A 1142 31.10 -4.83 50.85
C LEU A 1142 31.39 -5.47 52.20
N PHE A 1143 30.41 -5.62 53.08
CA PHE A 1143 30.64 -6.22 54.39
C PHE A 1143 29.73 -7.41 54.63
N GLY A 1144 29.72 -8.37 53.71
CA GLY A 1144 28.87 -9.53 53.80
C GLY A 1144 27.40 -9.20 53.94
N ASN A 1145 27.01 -8.04 53.42
CA ASN A 1145 25.63 -7.53 53.46
C ASN A 1145 25.03 -7.61 54.86
N ASN A 1146 25.75 -7.03 55.82
CA ASN A 1146 25.21 -6.81 57.16
C ASN A 1146 25.01 -5.30 57.36
N ALA A 1147 23.83 -4.92 57.85
CA ALA A 1147 23.48 -3.52 57.97
C ALA A 1147 24.01 -2.90 59.27
N LYS A 1148 23.82 -3.59 60.40
CA LYS A 1148 24.27 -3.07 61.69
C LYS A 1148 25.79 -2.90 61.72
N ILE A 1149 26.51 -3.93 61.25
CA ILE A 1149 27.96 -3.85 61.20
C ILE A 1149 28.40 -2.68 60.33
N THR A 1150 27.69 -2.46 59.22
CA THR A 1150 28.05 -1.40 58.30
C THR A 1150 27.82 -0.04 58.93
N GLU A 1151 26.69 0.16 59.61
CA GLU A 1151 26.45 1.40 60.33
C GLU A 1151 27.53 1.65 61.37
N SER A 1152 27.90 0.61 62.13
CA SER A 1152 28.94 0.75 63.13
C SER A 1152 30.26 1.22 62.50
N LEU A 1153 30.80 0.44 61.56
CA LEU A 1153 32.07 0.84 60.97
C LEU A 1153 31.97 2.07 60.07
N LEU A 1154 30.76 2.52 59.74
CA LEU A 1154 30.60 3.82 59.10
C LEU A 1154 30.72 4.95 60.11
N LYS A 1155 30.31 4.72 61.35
CA LYS A 1155 30.54 5.72 62.40
C LYS A 1155 32.00 6.13 62.49
N ARG A 1156 32.92 5.29 61.99
CA ARG A 1156 34.35 5.60 61.97
C ARG A 1156 34.73 6.59 60.88
N PHE A 1157 33.75 7.21 60.22
CA PHE A 1157 33.98 8.26 59.26
C PHE A 1157 33.32 9.57 59.68
N ILE A 1158 32.68 9.59 60.85
CA ILE A 1158 31.97 10.76 61.34
C ILE A 1158 32.46 11.06 62.75
N PRO A 1159 32.80 12.31 63.06
CA PRO A 1159 33.14 12.67 64.44
C PRO A 1159 32.05 12.25 65.42
N GLU A 1160 32.48 11.74 66.58
CA GLU A 1160 31.56 11.18 67.56
C GLU A 1160 30.57 12.21 68.09
N VAL A 1161 30.84 13.50 67.92
CA VAL A 1161 29.96 14.54 68.44
C VAL A 1161 28.70 14.64 67.58
N TRP A 1162 28.59 13.78 66.57
CA TRP A 1162 27.42 13.75 65.71
C TRP A 1162 26.62 12.46 65.81
N HIS A 1163 27.19 11.39 66.37
CA HIS A 1163 26.49 10.12 66.55
C HIS A 1163 25.17 10.31 67.31
N ASN D 9 13.12 -33.65 21.54
CA ASN D 9 12.33 -33.19 20.39
C ASN D 9 11.82 -34.38 19.59
N PHE D 10 11.03 -34.10 18.54
CA PHE D 10 10.41 -35.13 17.72
C PHE D 10 10.73 -34.87 16.26
N TYR D 11 10.33 -35.82 15.41
CA TYR D 11 10.66 -35.80 13.99
C TYR D 11 9.96 -36.98 13.33
N ASN D 12 9.98 -36.99 12.01
CA ASN D 12 9.49 -38.09 11.20
C ASN D 12 10.64 -38.68 10.40
N PRO D 13 11.15 -39.86 10.75
CA PRO D 13 12.34 -40.39 10.08
C PRO D 13 12.21 -40.51 8.58
N TYR D 14 11.00 -40.78 8.07
CA TYR D 14 10.81 -40.91 6.63
C TYR D 14 10.85 -39.56 5.90
N LEU D 15 10.96 -38.45 6.63
CA LEU D 15 10.98 -37.11 6.03
C LEU D 15 12.21 -36.31 6.39
N ALA D 16 12.67 -36.37 7.64
CA ALA D 16 13.77 -35.53 8.08
C ALA D 16 15.08 -35.95 7.42
N PRO D 17 15.90 -35.01 6.97
CA PRO D 17 17.17 -35.35 6.32
C PRO D 17 18.28 -35.59 7.32
N VAL D 18 19.20 -36.47 6.94
CA VAL D 18 20.33 -36.81 7.80
C VAL D 18 21.64 -36.40 7.16
N GLY D 26 27.95 -34.68 -6.35
CA GLY D 26 27.35 -34.44 -7.65
C GLY D 26 26.02 -33.72 -7.55
N PRO D 27 25.53 -33.22 -8.69
CA PRO D 27 24.25 -32.52 -8.70
C PRO D 27 23.08 -33.44 -8.38
N THR D 28 22.00 -32.82 -7.88
CA THR D 28 20.76 -33.54 -7.63
C THR D 28 19.79 -33.43 -8.80
N GLN D 29 19.94 -32.40 -9.63
CA GLN D 29 19.14 -32.22 -10.84
C GLN D 29 20.10 -32.08 -12.00
N ARG D 30 20.21 -33.14 -12.81
CA ARG D 30 21.24 -33.22 -13.85
C ARG D 30 21.20 -32.00 -14.77
N HIS D 31 22.33 -31.32 -14.88
CA HIS D 31 22.48 -30.19 -15.78
C HIS D 31 22.61 -30.71 -17.21
N THR D 32 21.69 -30.29 -18.08
CA THR D 32 21.67 -30.78 -19.46
C THR D 32 22.36 -29.83 -20.42
N TYR D 33 22.72 -28.62 -19.99
CA TYR D 33 23.49 -27.74 -20.85
C TYR D 33 24.94 -28.22 -20.90
N TYR D 34 25.52 -28.13 -22.10
CA TYR D 34 26.86 -28.67 -22.33
C TYR D 34 27.91 -27.95 -21.48
N SER D 35 28.50 -28.69 -20.53
CA SER D 35 29.65 -28.19 -19.77
C SER D 35 30.97 -28.82 -20.20
N GLU D 36 30.93 -29.98 -20.86
CA GLU D 36 32.11 -30.65 -21.38
C GLU D 36 31.85 -31.08 -22.82
N CYS D 37 32.88 -31.01 -23.65
CA CYS D 37 32.79 -31.44 -25.04
C CYS D 37 34.17 -31.82 -25.54
N ASP D 38 34.26 -32.96 -26.24
CA ASP D 38 35.51 -33.46 -26.76
C ASP D 38 35.52 -33.70 -28.26
N GLU D 39 34.36 -33.65 -28.92
CA GLU D 39 34.26 -33.95 -30.34
C GLU D 39 32.94 -33.41 -30.87
N PHE D 40 32.97 -32.83 -32.07
CA PHE D 40 31.77 -32.18 -32.59
C PHE D 40 31.79 -32.19 -34.12
N ARG D 41 30.63 -31.87 -34.69
CA ARG D 41 30.49 -31.71 -36.13
C ARG D 41 30.99 -30.33 -36.55
N PHE D 42 31.99 -30.29 -37.41
CA PHE D 42 32.62 -29.07 -37.88
C PHE D 42 32.08 -28.76 -39.27
N ILE D 43 31.50 -27.57 -39.43
CA ILE D 43 31.04 -27.07 -40.72
C ILE D 43 31.51 -25.63 -40.88
N ALA D 44 32.11 -25.33 -42.03
CA ALA D 44 32.67 -24.00 -42.25
C ALA D 44 32.92 -23.82 -43.74
N PRO D 45 32.82 -22.59 -44.25
CA PRO D 45 33.00 -22.40 -45.70
C PRO D 45 34.46 -22.52 -46.09
N ARG D 46 34.71 -23.26 -47.18
CA ARG D 46 36.07 -23.43 -47.67
C ARG D 46 36.67 -22.11 -48.16
N VAL D 47 35.85 -21.08 -48.38
CA VAL D 47 36.34 -19.78 -48.78
C VAL D 47 37.23 -19.16 -47.71
N LEU D 48 37.14 -19.65 -46.48
CA LEU D 48 37.94 -19.11 -45.38
C LEU D 48 39.34 -19.70 -45.31
N ASP D 49 39.66 -20.68 -46.17
CA ASP D 49 40.99 -21.27 -46.22
C ASP D 49 41.76 -20.59 -47.34
N GLU D 50 42.79 -19.81 -46.98
CA GLU D 50 43.51 -19.04 -47.98
C GLU D 50 44.61 -19.87 -48.66
N ASP D 51 45.28 -20.75 -47.91
CA ASP D 51 46.31 -21.58 -48.51
C ASP D 51 45.74 -22.56 -49.54
N ALA D 52 44.42 -22.75 -49.57
CA ALA D 52 43.80 -23.50 -50.63
C ALA D 52 43.70 -22.66 -51.91
N PRO D 53 43.76 -23.28 -53.08
CA PRO D 53 43.67 -22.52 -54.32
C PRO D 53 42.29 -21.89 -54.48
N PRO D 54 42.22 -20.68 -55.05
CA PRO D 54 40.91 -20.04 -55.26
C PRO D 54 39.94 -20.84 -56.10
N GLU D 55 40.37 -22.00 -56.62
CA GLU D 55 39.50 -22.89 -57.38
C GLU D 55 38.93 -24.03 -56.55
N LYS D 56 39.71 -24.56 -55.60
CA LYS D 56 39.24 -25.59 -54.68
C LYS D 56 38.72 -25.02 -53.38
N ARG D 57 38.01 -23.89 -53.43
CA ARG D 57 37.52 -23.23 -52.22
C ARG D 57 36.03 -22.90 -52.28
N ALA D 58 35.31 -23.34 -53.30
CA ALA D 58 33.91 -22.97 -53.46
C ALA D 58 33.03 -23.64 -52.41
N GLY D 59 33.15 -24.96 -52.25
CA GLY D 59 32.32 -25.72 -51.34
C GLY D 59 32.40 -25.34 -49.88
N VAL D 60 31.74 -26.11 -49.02
CA VAL D 60 31.70 -25.87 -47.59
C VAL D 60 32.11 -27.15 -46.87
N HIS D 61 33.19 -27.08 -46.09
CA HIS D 61 33.65 -28.21 -45.30
C HIS D 61 32.58 -28.65 -44.31
N ASP D 62 32.35 -29.96 -44.25
CA ASP D 62 31.39 -30.58 -43.35
C ASP D 62 31.93 -31.93 -42.93
N GLY D 63 32.07 -32.16 -41.63
CA GLY D 63 32.55 -33.45 -41.18
C GLY D 63 32.84 -33.47 -39.69
N HIS D 64 33.01 -34.69 -39.18
CA HIS D 64 33.29 -34.88 -37.76
C HIS D 64 34.71 -34.43 -37.42
N LEU D 65 34.89 -33.96 -36.18
CA LEU D 65 36.20 -33.58 -35.67
C LEU D 65 36.26 -33.93 -34.20
N LYS D 66 37.48 -34.21 -33.72
CA LYS D 66 37.70 -34.67 -32.35
C LYS D 66 38.69 -33.72 -31.67
N ARG D 67 38.26 -32.47 -31.47
CA ARG D 67 39.00 -31.51 -30.68
C ARG D 67 38.01 -30.69 -29.87
N ALA D 68 38.48 -30.17 -28.74
CA ALA D 68 37.62 -29.40 -27.87
C ALA D 68 37.15 -28.14 -28.59
N PRO D 69 35.86 -27.78 -28.52
CA PRO D 69 35.39 -26.56 -29.19
C PRO D 69 36.11 -25.34 -28.62
N LYS D 70 36.54 -24.46 -29.51
CA LYS D 70 37.37 -23.33 -29.14
C LYS D 70 36.84 -22.04 -29.75
N VAL D 71 37.25 -20.93 -29.15
CA VAL D 71 36.86 -19.60 -29.58
C VAL D 71 38.10 -18.71 -29.56
N TYR D 72 38.21 -17.84 -30.56
CA TYR D 72 39.34 -16.92 -30.68
C TYR D 72 38.89 -15.50 -30.35
N CYS D 73 39.66 -14.83 -29.51
CA CYS D 73 39.44 -13.43 -29.19
C CYS D 73 40.79 -12.75 -29.06
N GLY D 74 41.01 -11.70 -29.83
CA GLY D 74 42.22 -10.90 -29.76
C GLY D 74 43.51 -11.70 -29.81
N GLY D 75 43.61 -12.62 -30.78
CA GLY D 75 44.78 -13.46 -30.92
C GLY D 75 44.86 -14.62 -29.95
N ASP D 76 44.13 -14.57 -28.83
CA ASP D 76 44.12 -15.68 -27.89
C ASP D 76 43.00 -16.65 -28.25
N GLU D 77 43.11 -17.88 -27.73
CA GLU D 77 42.10 -18.89 -27.96
C GLU D 77 41.81 -19.60 -26.65
N ARG D 78 40.54 -19.98 -26.46
CA ARG D 78 40.13 -20.70 -25.26
C ARG D 78 38.94 -21.56 -25.59
N ASP D 79 38.82 -22.69 -24.90
CA ASP D 79 37.67 -23.56 -25.10
C ASP D 79 36.39 -22.85 -24.69
N VAL D 80 35.31 -23.09 -25.44
CA VAL D 80 34.04 -22.45 -25.17
C VAL D 80 33.57 -22.76 -23.75
N LEU D 81 33.50 -24.04 -23.41
CA LEU D 81 33.01 -24.48 -22.12
C LEU D 81 34.06 -24.36 -21.01
N ARG D 82 35.10 -23.56 -21.23
CA ARG D 82 36.10 -23.26 -20.20
C ARG D 82 35.72 -21.99 -19.46
N VAL D 83 35.69 -22.06 -18.14
CA VAL D 83 35.20 -20.98 -17.28
C VAL D 83 36.20 -20.72 -16.17
N GLY D 84 36.51 -19.45 -15.93
CA GLY D 84 37.37 -19.10 -14.81
C GLY D 84 38.13 -17.80 -14.95
N SER D 85 39.41 -17.82 -14.59
CA SER D 85 40.25 -16.62 -14.48
C SER D 85 40.01 -15.63 -15.62
N GLY D 86 40.20 -16.08 -16.86
CA GLY D 86 40.06 -15.20 -18.01
C GLY D 86 38.98 -15.62 -18.98
N GLY D 87 38.03 -14.73 -19.22
CA GLY D 87 36.93 -15.00 -20.12
C GLY D 87 36.76 -13.89 -21.13
N PHE D 88 36.10 -14.22 -22.23
CA PHE D 88 35.91 -13.27 -23.31
C PHE D 88 34.58 -12.52 -23.20
N TRP D 89 33.54 -13.21 -22.73
CA TRP D 89 32.22 -12.66 -22.51
C TRP D 89 31.94 -12.53 -21.00
N PRO D 90 30.96 -11.72 -20.61
CA PRO D 90 30.65 -11.60 -19.18
C PRO D 90 29.83 -12.77 -18.67
N ARG D 91 30.01 -13.06 -17.38
CA ARG D 91 29.38 -14.22 -16.75
C ARG D 91 28.74 -13.80 -15.43
N ARG D 92 27.47 -14.14 -15.26
CA ARG D 92 26.75 -13.95 -14.00
C ARG D 92 26.44 -15.28 -13.33
N SER D 93 27.12 -16.35 -13.72
CA SER D 93 26.82 -17.68 -13.23
C SER D 93 27.56 -17.98 -11.93
N ARG D 94 27.05 -18.99 -11.22
CA ARG D 94 27.76 -19.57 -10.08
C ARG D 94 28.09 -21.02 -10.37
N LEU D 95 27.11 -21.91 -10.38
CA LEU D 95 27.34 -23.30 -10.78
C LEU D 95 27.61 -23.39 -12.27
N TRP D 96 28.59 -24.24 -12.63
CA TRP D 96 28.81 -24.61 -14.03
C TRP D 96 29.28 -26.07 -14.01
N GLY D 97 28.33 -26.99 -14.18
CA GLY D 97 28.63 -28.41 -14.15
C GLY D 97 29.24 -28.85 -12.84
N GLY D 98 28.49 -28.70 -11.75
CA GLY D 98 28.94 -29.14 -10.45
C GLY D 98 30.14 -28.41 -9.88
N VAL D 99 30.51 -27.27 -10.46
CA VAL D 99 31.63 -26.46 -9.97
C VAL D 99 31.07 -25.20 -9.34
N ASP D 100 31.51 -24.90 -8.12
CA ASP D 100 31.02 -23.75 -7.37
C ASP D 100 31.96 -22.58 -7.63
N HIS D 101 31.70 -21.85 -8.72
CA HIS D 101 32.50 -20.69 -9.09
C HIS D 101 32.09 -19.47 -8.24
N ALA D 102 32.24 -19.63 -6.93
CA ALA D 102 31.88 -18.59 -5.99
C ALA D 102 32.91 -18.50 -4.87
N PRO D 103 33.33 -17.30 -4.50
CA PRO D 103 34.29 -17.15 -3.38
C PRO D 103 33.71 -17.71 -2.10
N ALA D 104 34.39 -18.70 -1.53
CA ALA D 104 33.96 -19.31 -0.28
C ALA D 104 33.65 -18.25 0.77
N GLY D 105 32.64 -18.52 1.59
CA GLY D 105 32.08 -17.47 2.43
C GLY D 105 31.08 -16.62 1.71
N PHE D 106 30.36 -17.18 0.73
CA PHE D 106 29.36 -16.46 -0.05
C PHE D 106 27.98 -16.85 0.46
N ASN D 107 27.53 -16.14 1.50
CA ASN D 107 26.23 -16.40 2.12
C ASN D 107 25.50 -15.08 2.30
N PRO D 108 25.07 -14.45 1.21
CA PRO D 108 24.35 -13.17 1.34
C PRO D 108 22.98 -13.39 1.96
N THR D 109 22.71 -12.67 3.05
CA THR D 109 21.44 -12.78 3.73
C THR D 109 20.39 -11.99 2.96
N VAL D 110 19.40 -12.68 2.41
CA VAL D 110 18.41 -12.08 1.54
C VAL D 110 17.23 -11.62 2.37
N THR D 111 16.82 -10.37 2.18
CA THR D 111 15.67 -9.80 2.86
C THR D 111 14.51 -9.55 1.88
N VAL D 112 14.73 -8.68 0.90
CA VAL D 112 13.73 -8.41 -0.14
C VAL D 112 14.30 -8.86 -1.48
N PHE D 113 13.40 -9.00 -2.46
CA PHE D 113 13.81 -9.42 -3.79
C PHE D 113 12.67 -9.18 -4.76
N HIS D 114 13.03 -8.79 -5.99
CA HIS D 114 12.06 -8.56 -7.04
C HIS D 114 11.90 -9.81 -7.88
N VAL D 115 10.67 -10.04 -8.34
CA VAL D 115 10.27 -11.22 -9.09
C VAL D 115 9.70 -10.76 -10.42
N TYR D 116 10.15 -11.39 -11.50
CA TYR D 116 9.74 -11.02 -12.85
C TYR D 116 9.01 -12.12 -13.59
N ASP D 117 9.45 -13.37 -13.46
CA ASP D 117 8.76 -14.52 -14.03
C ASP D 117 8.61 -15.60 -12.97
N ILE D 118 7.70 -16.53 -13.23
CA ILE D 118 7.35 -17.57 -12.26
C ILE D 118 7.32 -18.91 -12.97
N LEU D 119 7.94 -19.91 -12.38
CA LEU D 119 8.03 -21.26 -12.94
C LEU D 119 7.09 -22.20 -12.19
N GLU D 120 6.57 -23.19 -12.91
CA GLU D 120 5.60 -24.15 -12.38
C GLU D 120 6.08 -25.55 -12.73
N ASN D 121 6.65 -26.26 -11.75
CA ASN D 121 7.21 -27.59 -11.98
C ASN D 121 6.71 -28.56 -10.94
N VAL D 122 7.07 -29.83 -11.13
CA VAL D 122 6.73 -30.93 -10.23
C VAL D 122 8.02 -31.51 -9.68
N GLU D 123 8.00 -31.86 -8.39
CA GLU D 123 9.15 -32.48 -7.74
C GLU D 123 8.69 -33.70 -6.95
N HIS D 124 9.46 -34.78 -7.05
CA HIS D 124 9.21 -36.02 -6.35
C HIS D 124 10.16 -36.13 -5.16
N ALA D 125 9.70 -36.82 -4.10
CA ALA D 125 10.52 -36.96 -2.91
C ALA D 125 11.73 -37.86 -3.18
N TYR D 126 11.53 -38.99 -3.85
CA TYR D 126 12.63 -39.90 -4.13
C TYR D 126 13.76 -39.19 -4.89
N GLY D 127 13.42 -38.25 -5.76
CA GLY D 127 14.45 -37.50 -6.45
C GLY D 127 15.19 -36.55 -5.53
N MET D 128 14.47 -35.77 -4.73
CA MET D 128 15.06 -34.71 -3.92
C MET D 128 15.54 -35.20 -2.56
N ARG D 129 15.45 -36.49 -2.27
CA ARG D 129 15.92 -37.00 -0.98
C ARG D 129 17.42 -36.76 -0.79
N ALA D 130 18.16 -36.66 -1.89
CA ALA D 130 19.58 -36.33 -1.82
C ALA D 130 19.81 -34.91 -1.33
N ALA D 131 19.07 -33.95 -1.87
CA ALA D 131 19.26 -32.53 -1.56
C ALA D 131 19.11 -32.20 -0.07
N GLN D 132 18.61 -33.13 0.75
CA GLN D 132 18.42 -32.92 2.18
C GLN D 132 17.62 -31.66 2.49
N PHE D 133 16.38 -31.66 1.99
CA PHE D 133 15.43 -30.59 2.27
C PHE D 133 14.85 -30.75 3.67
N HIS D 134 14.28 -29.67 4.19
CA HIS D 134 13.60 -29.74 5.47
C HIS D 134 12.39 -30.66 5.37
N ALA D 135 11.84 -31.01 6.54
CA ALA D 135 10.76 -32.00 6.59
C ALA D 135 9.50 -31.50 5.90
N ARG D 136 9.18 -30.21 6.07
CA ARG D 136 7.94 -29.68 5.50
C ARG D 136 7.90 -29.83 3.97
N PHE D 137 8.99 -29.48 3.31
CA PHE D 137 9.01 -29.54 1.84
C PHE D 137 8.92 -30.98 1.34
N MET D 138 9.69 -31.89 1.96
CA MET D 138 9.61 -33.29 1.58
C MET D 138 8.23 -33.88 1.83
N ASP D 139 7.54 -33.44 2.88
CA ASP D 139 6.15 -33.84 3.07
C ASP D 139 5.29 -33.28 1.94
N ALA D 140 5.60 -32.06 1.50
CA ALA D 140 4.83 -31.45 0.41
C ALA D 140 5.01 -32.20 -0.90
N ILE D 141 6.16 -32.82 -1.12
CA ILE D 141 6.42 -33.47 -2.40
C ILE D 141 6.67 -34.96 -2.27
N THR D 142 5.92 -35.64 -1.36
CA THR D 142 6.21 -37.05 -1.11
C THR D 142 5.89 -37.93 -2.31
N PRO D 143 4.63 -38.04 -2.78
CA PRO D 143 4.41 -38.75 -4.05
C PRO D 143 4.76 -37.85 -5.22
N THR D 144 4.10 -36.69 -5.27
CA THR D 144 4.33 -35.67 -6.27
C THR D 144 3.94 -34.34 -5.67
N GLY D 145 4.71 -33.30 -5.97
CA GLY D 145 4.36 -31.98 -5.48
C GLY D 145 4.61 -30.89 -6.50
N THR D 146 3.65 -29.96 -6.62
CA THR D 146 3.80 -28.83 -7.52
C THR D 146 4.53 -27.71 -6.79
N VAL D 147 5.59 -27.19 -7.42
CA VAL D 147 6.44 -26.18 -6.83
C VAL D 147 6.36 -24.92 -7.69
N ILE D 148 6.16 -23.78 -7.05
CA ILE D 148 6.05 -22.50 -7.74
C ILE D 148 7.36 -21.74 -7.54
N THR D 149 8.11 -21.54 -8.61
CA THR D 149 9.44 -20.94 -8.52
C THR D 149 9.37 -19.48 -8.93
N LEU D 150 9.62 -18.59 -7.97
CA LEU D 150 9.72 -17.16 -8.24
C LEU D 150 11.15 -16.83 -8.63
N LEU D 151 11.31 -16.21 -9.80
CA LEU D 151 12.62 -15.84 -10.32
C LEU D 151 12.80 -14.33 -10.24
N GLY D 152 14.02 -13.89 -9.91
CA GLY D 152 14.29 -12.47 -9.93
C GLY D 152 15.65 -12.13 -9.36
N LEU D 153 15.73 -10.96 -8.74
CA LEU D 153 17.01 -10.44 -8.25
C LEU D 153 16.84 -9.83 -6.86
N THR D 154 17.96 -9.69 -6.17
CA THR D 154 18.04 -8.89 -4.95
C THR D 154 18.43 -7.46 -5.32
N PRO D 155 18.30 -6.52 -4.37
CA PRO D 155 18.79 -5.16 -4.67
C PRO D 155 20.29 -5.09 -4.88
N GLU D 156 21.06 -5.93 -4.18
CA GLU D 156 22.50 -6.00 -4.43
C GLU D 156 22.78 -6.37 -5.89
N GLY D 157 22.04 -7.33 -6.43
CA GLY D 157 22.22 -7.74 -7.80
C GLY D 157 22.25 -9.25 -7.96
N HIS D 158 22.21 -9.97 -6.83
CA HIS D 158 22.26 -11.42 -6.86
C HIS D 158 21.08 -12.00 -7.62
N ARG D 159 21.35 -12.99 -8.47
CA ARG D 159 20.29 -13.77 -9.09
C ARG D 159 19.68 -14.69 -8.06
N VAL D 160 18.35 -14.74 -8.00
CA VAL D 160 17.66 -15.47 -6.94
C VAL D 160 16.46 -16.21 -7.52
N ALA D 161 16.20 -17.39 -6.98
CA ALA D 161 15.06 -18.21 -7.35
C ALA D 161 14.55 -18.88 -6.08
N VAL D 162 13.34 -18.54 -5.66
CA VAL D 162 12.76 -19.05 -4.43
C VAL D 162 11.67 -20.05 -4.79
N HIS D 163 11.72 -21.23 -4.19
CA HIS D 163 10.81 -22.31 -4.49
C HIS D 163 9.72 -22.36 -3.41
N VAL D 164 8.48 -22.23 -3.84
CA VAL D 164 7.33 -22.19 -2.94
C VAL D 164 6.63 -23.55 -3.02
N TYR D 165 6.60 -24.24 -1.89
CA TYR D 165 5.95 -25.54 -1.75
C TYR D 165 4.59 -25.38 -1.09
N GLY D 166 3.66 -26.26 -1.44
CA GLY D 166 2.33 -26.30 -0.87
C GLY D 166 1.22 -25.96 -1.83
N THR D 167 1.53 -25.32 -2.96
CA THR D 167 0.51 -25.00 -3.95
C THR D 167 -0.05 -26.28 -4.56
N ARG D 168 -1.37 -26.38 -4.60
CA ARG D 168 -2.06 -27.54 -5.16
C ARG D 168 -3.17 -27.07 -6.08
N GLN D 169 -3.23 -27.66 -7.28
CA GLN D 169 -4.35 -27.34 -8.14
C GLN D 169 -5.63 -27.91 -7.56
N TYR D 170 -6.77 -27.35 -7.98
CA TYR D 170 -8.03 -27.91 -7.52
C TYR D 170 -9.15 -27.51 -8.45
N PHE D 171 -10.15 -28.37 -8.54
CA PHE D 171 -11.30 -28.15 -9.41
C PHE D 171 -12.56 -28.69 -8.74
N TYR D 172 -13.71 -28.21 -9.21
CA TYR D 172 -14.98 -28.55 -8.59
C TYR D 172 -15.81 -29.45 -9.51
N MET D 173 -16.61 -30.31 -8.90
CA MET D 173 -17.60 -31.10 -9.61
C MET D 173 -18.87 -31.18 -8.77
N ASN D 174 -20.03 -31.16 -9.42
CA ASN D 174 -21.28 -31.23 -8.68
C ASN D 174 -21.38 -32.55 -7.93
N LYS D 175 -21.75 -32.46 -6.64
CA LYS D 175 -21.83 -33.65 -5.82
C LYS D 175 -23.02 -34.52 -6.19
N GLU D 176 -24.20 -33.91 -6.31
CA GLU D 176 -25.40 -34.69 -6.63
C GLU D 176 -25.24 -35.47 -7.92
N GLU D 177 -24.45 -34.95 -8.86
CA GLU D 177 -24.20 -35.66 -10.12
C GLU D 177 -23.15 -36.75 -9.97
N VAL D 178 -22.17 -36.55 -9.09
CA VAL D 178 -21.06 -37.49 -8.99
C VAL D 178 -21.42 -38.67 -8.10
N ASP D 179 -22.05 -38.41 -6.95
CA ASP D 179 -22.44 -39.46 -6.03
C ASP D 179 -23.24 -40.56 -6.72
N ARG D 180 -24.23 -40.18 -7.54
CA ARG D 180 -25.12 -41.16 -8.14
C ARG D 180 -24.62 -41.71 -9.47
N HIS D 181 -23.76 -40.98 -10.19
CA HIS D 181 -23.25 -41.52 -11.45
C HIS D 181 -22.23 -42.61 -11.19
N LEU D 182 -21.23 -42.32 -10.35
CA LEU D 182 -20.33 -43.34 -9.82
C LEU D 182 -20.76 -43.52 -8.37
N GLN D 183 -21.48 -44.63 -8.11
CA GLN D 183 -22.00 -44.90 -6.77
C GLN D 183 -20.97 -44.74 -5.67
N CYS D 184 -20.93 -43.55 -5.07
CA CYS D 184 -20.07 -43.26 -3.94
C CYS D 184 -20.83 -42.40 -2.94
N ARG D 185 -20.47 -42.53 -1.66
CA ARG D 185 -21.14 -41.80 -0.59
C ARG D 185 -20.13 -41.29 0.43
N ALA D 186 -18.93 -40.95 -0.01
CA ALA D 186 -17.85 -40.44 0.83
C ALA D 186 -16.77 -39.82 -0.05
N PRO D 187 -16.03 -38.83 0.46
CA PRO D 187 -14.99 -38.21 -0.39
C PRO D 187 -13.84 -39.13 -0.73
N ARG D 188 -13.37 -39.93 0.24
CA ARG D 188 -12.32 -40.89 -0.05
C ARG D 188 -12.75 -41.85 -1.17
N ASP D 189 -14.04 -42.14 -1.26
CA ASP D 189 -14.54 -42.93 -2.38
C ASP D 189 -14.22 -42.26 -3.72
N LEU D 190 -14.54 -40.97 -3.84
CA LEU D 190 -14.24 -40.24 -5.07
C LEU D 190 -12.74 -40.24 -5.35
N CYS D 191 -11.92 -40.02 -4.33
CA CYS D 191 -10.47 -40.06 -4.53
C CYS D 191 -10.05 -41.42 -5.07
N GLU D 192 -10.57 -42.49 -4.49
CA GLU D 192 -10.25 -43.84 -4.94
C GLU D 192 -10.67 -44.05 -6.40
N ARG D 193 -11.86 -43.59 -6.76
CA ARG D 193 -12.33 -43.80 -8.13
C ARG D 193 -11.46 -43.05 -9.13
N MET D 194 -11.10 -41.80 -8.80
CA MET D 194 -10.22 -41.03 -9.67
C MET D 194 -8.87 -41.71 -9.84
N ALA D 195 -8.23 -42.08 -8.72
CA ALA D 195 -6.93 -42.74 -8.78
C ALA D 195 -7.01 -44.03 -9.60
N ALA D 196 -8.01 -44.87 -9.30
CA ALA D 196 -8.21 -46.10 -10.06
C ALA D 196 -8.30 -45.82 -11.55
N ALA D 197 -9.22 -44.94 -11.94
CA ALA D 197 -9.37 -44.60 -13.36
C ALA D 197 -8.05 -44.15 -13.96
N LEU D 198 -7.25 -43.41 -13.20
CA LEU D 198 -5.94 -42.97 -13.69
C LEU D 198 -4.94 -44.11 -13.82
N ARG D 199 -5.11 -45.21 -13.09
CA ARG D 199 -4.14 -46.29 -13.17
C ARG D 199 -4.13 -46.95 -14.55
N GLU D 200 -5.29 -47.42 -15.03
CA GLU D 200 -5.33 -48.01 -16.36
C GLU D 200 -5.26 -46.94 -17.43
N SER D 201 -4.32 -46.01 -17.32
CA SER D 201 -4.15 -45.04 -18.38
C SER D 201 -3.67 -45.77 -19.63
N PRO D 202 -4.22 -45.47 -20.80
CA PRO D 202 -3.68 -46.03 -22.04
C PRO D 202 -2.20 -45.69 -22.19
N GLY D 203 -1.37 -46.72 -22.11
CA GLY D 203 0.06 -46.57 -22.05
C GLY D 203 0.66 -46.64 -20.67
N ALA D 204 -0.17 -46.86 -19.64
CA ALA D 204 0.27 -47.02 -18.25
C ALA D 204 1.23 -45.92 -17.82
N SER D 205 0.89 -44.66 -18.15
CA SER D 205 1.75 -43.55 -17.79
C SER D 205 1.91 -43.43 -16.27
N PHE D 206 0.80 -43.34 -15.55
CA PHE D 206 0.81 -43.29 -14.09
C PHE D 206 0.29 -44.61 -13.55
N ARG D 207 1.20 -45.49 -13.14
CA ARG D 207 0.85 -46.75 -12.51
C ARG D 207 1.33 -46.74 -11.06
N GLY D 208 0.49 -47.26 -10.17
CA GLY D 208 0.74 -47.18 -8.75
C GLY D 208 0.27 -45.89 -8.10
N ILE D 209 -0.32 -44.97 -8.86
CA ILE D 209 -0.94 -43.79 -8.28
C ILE D 209 -2.14 -44.23 -7.43
N SER D 210 -2.23 -43.71 -6.23
CA SER D 210 -3.20 -44.17 -5.24
C SER D 210 -4.10 -43.02 -4.80
N ALA D 211 -5.10 -43.37 -3.98
CA ALA D 211 -6.08 -42.39 -3.50
C ALA D 211 -5.44 -41.28 -2.69
N ASP D 212 -4.28 -41.53 -2.08
CA ASP D 212 -3.61 -40.52 -1.27
C ASP D 212 -3.09 -39.35 -2.10
N HIS D 213 -3.11 -39.46 -3.43
CA HIS D 213 -2.67 -38.39 -4.31
C HIS D 213 -3.72 -37.30 -4.47
N PHE D 214 -4.93 -37.50 -3.96
CA PHE D 214 -6.02 -36.54 -4.12
C PHE D 214 -6.60 -36.15 -2.76
N GLU D 215 -7.14 -34.94 -2.70
CA GLU D 215 -7.95 -34.53 -1.56
C GLU D 215 -9.33 -34.11 -2.04
N ALA D 216 -10.36 -34.38 -1.23
CA ALA D 216 -11.73 -34.10 -1.63
C ALA D 216 -12.50 -33.47 -0.48
N GLU D 217 -12.75 -32.17 -0.59
CA GLU D 217 -13.65 -31.46 0.31
C GLU D 217 -15.06 -31.41 -0.28
N VAL D 218 -16.04 -31.19 0.59
CA VAL D 218 -17.39 -30.82 0.18
C VAL D 218 -17.58 -29.36 0.53
N VAL D 219 -18.10 -28.57 -0.41
CA VAL D 219 -18.23 -27.14 -0.20
C VAL D 219 -19.43 -26.64 -1.00
N GLU D 220 -20.08 -25.60 -0.47
CA GLU D 220 -21.25 -25.01 -1.11
C GLU D 220 -20.80 -23.88 -2.03
N ARG D 221 -21.29 -23.90 -3.26
CA ARG D 221 -20.95 -22.85 -4.22
C ARG D 221 -22.08 -22.72 -5.23
N THR D 222 -21.93 -21.74 -6.13
CA THR D 222 -22.97 -21.42 -7.10
C THR D 222 -22.35 -21.21 -8.48
N ASP D 223 -22.95 -21.83 -9.49
CA ASP D 223 -22.55 -21.56 -10.87
C ASP D 223 -22.84 -20.11 -11.23
N VAL D 224 -21.89 -19.48 -11.93
CA VAL D 224 -22.01 -18.06 -12.26
C VAL D 224 -23.19 -17.78 -13.16
N TYR D 225 -23.69 -18.79 -13.88
CA TYR D 225 -24.65 -18.54 -14.94
C TYR D 225 -26.05 -18.43 -14.38
N TYR D 226 -26.72 -17.31 -14.68
CA TYR D 226 -28.14 -17.08 -14.49
C TYR D 226 -28.54 -16.85 -13.04
N TYR D 227 -29.48 -15.91 -12.84
CA TYR D 227 -29.99 -15.61 -11.51
C TYR D 227 -30.76 -16.79 -10.94
N GLU D 228 -31.49 -17.51 -11.80
CA GLU D 228 -32.25 -18.67 -11.38
C GLU D 228 -31.40 -19.70 -10.65
N THR D 229 -30.12 -19.82 -11.04
CA THR D 229 -29.24 -20.80 -10.44
C THR D 229 -29.13 -20.59 -8.93
N ARG D 230 -29.35 -21.66 -8.18
CA ARG D 230 -29.31 -21.63 -6.72
C ARG D 230 -28.09 -22.39 -6.21
N PRO D 231 -27.58 -22.04 -5.02
CA PRO D 231 -26.39 -22.72 -4.50
C PRO D 231 -26.52 -24.24 -4.43
N ALA D 232 -25.40 -24.95 -4.42
CA ALA D 232 -25.41 -26.40 -4.40
C ALA D 232 -24.09 -26.91 -3.82
N LEU D 233 -24.03 -28.22 -3.64
CA LEU D 233 -22.88 -28.89 -3.04
C LEU D 233 -21.96 -29.39 -4.13
N PHE D 234 -20.66 -29.10 -3.99
CA PHE D 234 -19.65 -29.55 -4.94
C PHE D 234 -18.50 -30.21 -4.20
N TYR D 235 -18.00 -31.29 -4.80
CA TYR D 235 -16.70 -31.81 -4.41
C TYR D 235 -15.62 -30.91 -4.97
N ARG D 236 -14.82 -30.33 -4.06
CA ARG D 236 -13.58 -29.67 -4.41
C ARG D 236 -12.48 -30.72 -4.36
N VAL D 237 -11.75 -30.88 -5.45
CA VAL D 237 -10.74 -31.92 -5.57
C VAL D 237 -9.40 -31.23 -5.73
N TYR D 238 -8.51 -31.50 -4.78
CA TYR D 238 -7.12 -31.03 -4.81
C TYR D 238 -6.27 -32.09 -5.48
N VAL D 239 -5.46 -31.64 -6.44
CA VAL D 239 -4.59 -32.48 -7.26
C VAL D 239 -3.18 -31.87 -7.19
N ARG D 240 -2.18 -32.74 -7.14
CA ARG D 240 -0.79 -32.32 -6.96
C ARG D 240 -0.03 -32.16 -8.26
N SER D 241 -0.52 -32.70 -9.37
CA SER D 241 0.19 -32.67 -10.64
C SER D 241 -0.71 -32.15 -11.74
N GLY D 242 -0.24 -31.14 -12.46
CA GLY D 242 -0.96 -30.65 -13.63
C GLY D 242 -1.23 -31.74 -14.65
N ARG D 243 -0.29 -32.67 -14.78
CA ARG D 243 -0.46 -33.84 -15.63
C ARG D 243 -1.74 -34.62 -15.26
N VAL D 244 -1.86 -34.97 -13.98
CA VAL D 244 -3.00 -35.75 -13.51
C VAL D 244 -4.29 -34.95 -13.67
N LEU D 245 -4.25 -33.67 -13.30
CA LEU D 245 -5.44 -32.82 -13.41
C LEU D 245 -5.91 -32.71 -14.86
N SER D 246 -4.97 -32.55 -15.80
CA SER D 246 -5.33 -32.45 -17.20
C SER D 246 -5.98 -33.74 -17.69
N TYR D 247 -5.35 -34.89 -17.38
CA TYR D 247 -5.94 -36.15 -17.82
C TYR D 247 -7.32 -36.36 -17.23
N LEU D 248 -7.49 -36.04 -15.93
CA LEU D 248 -8.80 -36.16 -15.29
C LEU D 248 -9.83 -35.30 -15.99
N CYS D 249 -9.57 -33.99 -16.10
CA CYS D 249 -10.51 -33.09 -16.74
C CYS D 249 -10.83 -33.52 -18.16
N ASP D 250 -9.87 -34.16 -18.84
CA ASP D 250 -10.10 -34.54 -20.23
C ASP D 250 -10.99 -35.77 -20.34
N ASN D 251 -10.75 -36.82 -19.54
CA ASN D 251 -11.53 -38.03 -19.76
C ASN D 251 -11.85 -38.80 -18.48
N PHE D 252 -12.08 -38.12 -17.36
CA PHE D 252 -12.55 -38.83 -16.17
C PHE D 252 -14.04 -39.13 -16.27
N CYS D 253 -14.87 -38.11 -16.04
CA CYS D 253 -16.33 -38.23 -16.08
C CYS D 253 -16.85 -37.21 -17.08
N PRO D 254 -16.88 -37.55 -18.36
CA PRO D 254 -17.18 -36.53 -19.39
C PRO D 254 -18.59 -35.98 -19.29
N ALA D 255 -19.52 -36.72 -18.71
CA ALA D 255 -20.91 -36.29 -18.61
C ALA D 255 -21.17 -35.44 -17.38
N ILE D 256 -20.12 -34.97 -16.70
CA ILE D 256 -20.26 -34.20 -15.47
C ILE D 256 -19.50 -32.90 -15.64
N LYS D 257 -20.23 -31.78 -15.58
CA LYS D 257 -19.63 -30.46 -15.56
C LYS D 257 -18.53 -30.37 -14.51
N LYS D 258 -17.34 -29.96 -14.92
CA LYS D 258 -16.23 -29.72 -14.02
C LYS D 258 -15.85 -28.25 -14.08
N TYR D 259 -15.58 -27.67 -12.90
CA TYR D 259 -15.42 -26.23 -12.76
C TYR D 259 -13.98 -25.87 -12.45
N GLU D 260 -13.48 -24.82 -13.11
CA GLU D 260 -12.18 -24.22 -12.83
C GLU D 260 -11.04 -25.23 -12.99
N GLY D 261 -11.24 -26.26 -13.83
CA GLY D 261 -10.20 -27.26 -14.02
C GLY D 261 -9.03 -26.78 -14.85
N GLY D 262 -9.19 -25.67 -15.58
CA GLY D 262 -8.10 -25.10 -16.35
C GLY D 262 -7.18 -24.20 -15.57
N VAL D 263 -7.57 -23.81 -14.36
CA VAL D 263 -6.76 -22.88 -13.56
C VAL D 263 -5.43 -23.53 -13.22
N ASP D 264 -4.34 -22.92 -13.69
CA ASP D 264 -3.01 -23.44 -13.43
C ASP D 264 -2.57 -23.09 -12.01
N ALA D 265 -1.52 -23.78 -11.55
CA ALA D 265 -1.09 -23.66 -10.16
C ALA D 265 -0.56 -22.26 -9.84
N THR D 266 0.03 -21.58 -10.82
CA THR D 266 0.52 -20.22 -10.57
C THR D 266 -0.63 -19.28 -10.26
N THR D 267 -1.73 -19.39 -11.02
CA THR D 267 -2.91 -18.56 -10.75
C THR D 267 -3.46 -18.82 -9.35
N ARG D 268 -3.44 -20.09 -8.92
CA ARG D 268 -3.90 -20.40 -7.57
C ARG D 268 -2.97 -19.80 -6.52
N PHE D 269 -1.66 -19.91 -6.74
CA PHE D 269 -0.71 -19.30 -5.82
C PHE D 269 -0.92 -17.80 -5.71
N ILE D 270 -1.27 -17.15 -6.81
CA ILE D 270 -1.45 -15.71 -6.79
C ILE D 270 -2.76 -15.32 -6.10
N LEU D 271 -3.88 -15.90 -6.54
CA LEU D 271 -5.18 -15.45 -6.03
C LEU D 271 -5.47 -15.95 -4.62
N ASP D 272 -5.13 -17.19 -4.30
CA ASP D 272 -5.47 -17.71 -2.99
C ASP D 272 -4.66 -17.07 -1.87
N ASN D 273 -3.51 -16.49 -2.19
CA ASN D 273 -2.75 -15.70 -1.22
C ASN D 273 -2.96 -14.23 -1.52
N PRO D 274 -3.86 -13.54 -0.83
CA PRO D 274 -4.22 -12.17 -1.22
C PRO D 274 -3.07 -11.20 -1.05
N GLY D 275 -2.94 -10.29 -2.00
CA GLY D 275 -1.88 -9.32 -2.04
C GLY D 275 -0.75 -9.67 -2.99
N PHE D 276 -0.58 -10.96 -3.28
CA PHE D 276 0.53 -11.39 -4.11
C PHE D 276 0.31 -10.96 -5.56
N VAL D 277 1.42 -10.85 -6.31
CA VAL D 277 1.41 -10.45 -7.70
C VAL D 277 2.37 -11.34 -8.47
N THR D 278 2.30 -11.26 -9.79
CA THR D 278 3.17 -12.03 -10.68
C THR D 278 4.41 -11.25 -11.09
N PHE D 279 4.61 -10.04 -10.56
CA PHE D 279 5.73 -9.19 -10.97
C PHE D 279 5.85 -8.07 -9.94
N GLY D 280 6.84 -8.17 -9.07
CA GLY D 280 6.99 -7.16 -8.03
C GLY D 280 7.92 -7.59 -6.92
N TRP D 281 7.92 -6.81 -5.85
CA TRP D 281 8.91 -6.90 -4.78
C TRP D 281 8.33 -7.68 -3.60
N TYR D 282 8.88 -8.87 -3.36
CA TYR D 282 8.54 -9.71 -2.23
C TYR D 282 9.62 -9.62 -1.14
N ARG D 283 9.30 -10.16 0.02
CA ARG D 283 10.22 -10.22 1.15
C ARG D 283 9.99 -11.53 1.88
N LEU D 284 11.08 -12.16 2.31
CA LEU D 284 11.00 -13.34 3.16
C LEU D 284 10.68 -12.91 4.59
N LYS D 285 9.79 -13.67 5.23
CA LYS D 285 9.31 -13.34 6.56
C LYS D 285 9.08 -14.62 7.33
N PRO D 286 8.98 -14.56 8.66
CA PRO D 286 8.68 -15.77 9.43
C PRO D 286 7.28 -16.29 9.13
N GLY D 287 7.11 -17.60 9.33
CA GLY D 287 5.90 -18.29 8.91
C GLY D 287 5.03 -18.81 10.03
N ARG D 288 4.33 -19.93 9.76
CA ARG D 288 3.23 -20.36 10.61
C ARG D 288 3.73 -20.78 11.99
N ASN D 289 4.61 -21.77 12.04
CA ASN D 289 5.22 -22.20 13.30
C ASN D 289 6.52 -21.47 13.56
N ASN D 290 6.54 -20.16 13.34
CA ASN D 290 7.76 -19.37 13.30
C ASN D 290 8.75 -19.93 12.28
N THR D 291 8.21 -20.46 11.19
CA THR D 291 9.02 -21.08 10.15
C THR D 291 9.81 -20.05 9.36
N LEU D 292 11.04 -20.41 8.98
CA LEU D 292 11.87 -19.60 8.12
C LEU D 292 12.15 -20.34 6.82
N ALA D 293 12.47 -19.57 5.79
CA ALA D 293 12.89 -20.14 4.52
C ALA D 293 14.18 -20.94 4.69
N GLN D 294 14.49 -21.78 3.70
CA GLN D 294 15.66 -22.61 3.71
C GLN D 294 16.51 -22.33 2.47
N PRO D 295 17.79 -22.03 2.62
CA PRO D 295 18.64 -21.87 1.44
C PRO D 295 19.09 -23.24 0.93
N ARG D 296 19.04 -23.41 -0.38
CA ARG D 296 19.43 -24.66 -0.99
C ARG D 296 20.94 -24.77 -1.06
N ALA D 297 21.45 -25.98 -0.88
CA ALA D 297 22.85 -26.23 -1.18
C ALA D 297 23.08 -26.08 -2.69
N PRO D 298 24.25 -25.57 -3.10
CA PRO D 298 24.48 -25.39 -4.54
C PRO D 298 24.20 -26.63 -5.37
N MET D 299 24.62 -27.81 -4.90
CA MET D 299 24.37 -29.03 -5.64
C MET D 299 22.89 -29.42 -5.66
N ALA D 300 22.03 -28.68 -4.97
CA ALA D 300 20.59 -28.85 -5.05
C ALA D 300 19.93 -27.80 -5.95
N PHE D 301 20.70 -26.84 -6.45
CA PHE D 301 20.14 -25.78 -7.29
C PHE D 301 19.45 -26.37 -8.51
N GLY D 302 18.47 -25.63 -9.02
CA GLY D 302 17.76 -26.00 -10.23
C GLY D 302 17.67 -24.85 -11.20
N THR D 303 18.49 -23.83 -10.99
CA THR D 303 18.53 -22.64 -11.83
C THR D 303 19.98 -22.17 -11.97
N SER D 304 20.22 -21.35 -13.00
CA SER D 304 21.48 -20.64 -13.15
C SER D 304 21.49 -19.38 -12.29
N SER D 305 21.21 -19.58 -11.00
CA SER D 305 21.06 -18.51 -10.04
C SER D 305 22.17 -18.59 -8.99
N ASP D 306 22.34 -17.49 -8.27
CA ASP D 306 23.39 -17.39 -7.27
C ASP D 306 22.94 -17.92 -5.91
N VAL D 307 21.71 -17.63 -5.50
CA VAL D 307 21.13 -18.14 -4.27
C VAL D 307 19.74 -18.68 -4.58
N GLU D 308 19.35 -19.75 -3.89
CA GLU D 308 18.01 -20.31 -4.00
C GLU D 308 17.45 -20.57 -2.61
N PHE D 309 16.13 -20.75 -2.56
CA PHE D 309 15.43 -20.86 -1.28
C PHE D 309 14.25 -21.80 -1.41
N ASN D 310 13.92 -22.45 -0.30
CA ASN D 310 12.70 -23.23 -0.15
C ASN D 310 11.85 -22.58 0.93
N CYS D 311 10.55 -22.47 0.67
CA CYS D 311 9.66 -21.83 1.63
C CYS D 311 8.21 -22.15 1.27
N THR D 312 7.35 -22.11 2.28
CA THR D 312 5.92 -22.13 2.05
C THR D 312 5.42 -20.70 1.82
N ALA D 313 4.15 -20.59 1.44
CA ALA D 313 3.62 -19.29 1.03
C ALA D 313 3.55 -18.29 2.18
N ASP D 314 3.47 -18.76 3.43
CA ASP D 314 3.42 -17.87 4.57
C ASP D 314 4.78 -17.26 4.90
N ASN D 315 5.86 -17.76 4.30
CA ASN D 315 7.17 -17.13 4.45
C ASN D 315 7.34 -15.93 3.52
N LEU D 316 6.33 -15.58 2.74
CA LEU D 316 6.42 -14.51 1.75
C LEU D 316 5.48 -13.38 2.12
N ALA D 317 5.92 -12.15 1.82
CA ALA D 317 5.06 -10.99 1.97
C ALA D 317 5.41 -9.98 0.88
N ILE D 318 4.55 -9.00 0.70
CA ILE D 318 4.80 -7.94 -0.27
C ILE D 318 5.53 -6.79 0.44
N GLU D 319 6.42 -6.14 -0.30
CA GLU D 319 7.10 -4.94 0.16
C GLU D 319 6.55 -3.74 -0.59
N GLY D 320 6.13 -2.72 0.15
CA GLY D 320 5.38 -1.63 -0.44
C GLY D 320 6.23 -0.51 -1.01
N GLY D 321 7.19 -0.02 -0.23
CA GLY D 321 8.01 1.10 -0.66
C GLY D 321 8.71 0.88 -1.99
N MET D 322 9.08 -0.37 -2.28
CA MET D 322 9.80 -0.66 -3.51
C MET D 322 8.92 -0.43 -4.73
N SER D 323 9.46 0.28 -5.72
CA SER D 323 8.73 0.58 -6.96
C SER D 323 9.59 0.53 -8.21
N ASP D 324 10.91 0.59 -8.10
CA ASP D 324 11.81 0.69 -9.24
C ASP D 324 12.44 -0.66 -9.56
N LEU D 325 12.80 -0.83 -10.83
CA LEU D 325 13.37 -2.08 -11.29
C LEU D 325 14.74 -2.36 -10.66
N PRO D 326 15.14 -3.63 -10.58
CA PRO D 326 16.51 -3.94 -10.17
C PRO D 326 17.42 -4.14 -11.36
N ALA D 327 18.62 -4.68 -11.13
CA ALA D 327 19.64 -4.77 -12.16
C ALA D 327 19.37 -5.90 -13.16
N TYR D 328 18.17 -5.93 -13.75
CA TYR D 328 17.86 -6.89 -14.78
C TYR D 328 18.64 -6.59 -16.05
N LYS D 329 19.01 -7.65 -16.78
CA LYS D 329 19.81 -7.54 -17.99
C LYS D 329 18.96 -7.83 -19.22
N LEU D 330 19.21 -7.07 -20.29
CA LEU D 330 18.49 -7.22 -21.55
C LEU D 330 19.48 -7.46 -22.67
N MET D 331 19.36 -8.59 -23.34
CA MET D 331 20.18 -8.90 -24.51
C MET D 331 19.37 -8.62 -25.78
N CYS D 332 19.85 -7.68 -26.58
CA CYS D 332 19.30 -7.43 -27.90
C CYS D 332 20.19 -8.11 -28.92
N PHE D 333 19.59 -8.83 -29.85
CA PHE D 333 20.42 -9.63 -30.76
C PHE D 333 19.79 -9.73 -32.13
N ASP D 334 20.66 -9.75 -33.14
CA ASP D 334 20.28 -9.99 -34.53
C ASP D 334 21.29 -10.95 -35.14
N ILE D 335 20.86 -11.68 -36.17
CA ILE D 335 21.73 -12.65 -36.82
C ILE D 335 21.77 -12.38 -38.32
N ALA D 336 22.79 -12.93 -38.97
CA ALA D 336 22.96 -12.85 -40.41
C ALA D 336 23.58 -14.16 -40.91
N CYS D 337 23.02 -14.66 -42.01
CA CYS D 337 23.35 -15.98 -42.54
C CYS D 337 23.60 -15.90 -44.04
N LYS D 338 24.25 -16.93 -44.56
CA LYS D 338 24.58 -17.01 -45.98
C LYS D 338 24.32 -18.43 -46.48
N ALA D 339 23.90 -18.53 -47.74
CA ALA D 339 23.71 -19.82 -48.35
C ALA D 339 25.05 -20.49 -48.61
N GLY D 340 24.99 -21.78 -48.97
CA GLY D 340 26.21 -22.55 -49.19
C GLY D 340 26.13 -23.49 -50.37
N GLY D 341 24.92 -23.71 -50.88
CA GLY D 341 24.71 -24.62 -51.98
C GLY D 341 25.25 -24.13 -53.31
N GLU D 342 24.81 -24.76 -54.40
CA GLU D 342 25.25 -24.35 -55.73
C GLU D 342 24.93 -22.88 -55.99
N ASP D 343 23.73 -22.44 -55.61
CA ASP D 343 23.32 -21.05 -55.76
C ASP D 343 23.50 -20.36 -54.40
N GLU D 344 24.56 -19.56 -54.28
CA GLU D 344 24.82 -18.81 -53.06
C GLU D 344 24.05 -17.49 -52.99
N LEU D 345 23.36 -17.10 -54.05
CA LEU D 345 22.60 -15.86 -54.06
C LEU D 345 21.16 -16.04 -53.58
N ALA D 346 20.74 -17.25 -53.24
CA ALA D 346 19.41 -17.49 -52.72
C ALA D 346 19.38 -17.28 -51.21
N PHE D 347 18.16 -17.29 -50.64
CA PHE D 347 18.02 -17.09 -49.21
C PHE D 347 18.32 -18.40 -48.47
N PRO D 348 19.04 -18.33 -47.36
CA PRO D 348 19.45 -19.56 -46.67
C PRO D 348 18.28 -20.35 -46.12
N VAL D 349 18.55 -21.61 -45.80
CA VAL D 349 17.61 -22.51 -45.15
C VAL D 349 18.39 -23.28 -44.09
N ALA D 350 18.00 -23.11 -42.82
CA ALA D 350 18.70 -23.79 -41.73
C ALA D 350 18.67 -25.30 -41.87
N GLY D 351 17.70 -25.85 -42.60
CA GLY D 351 17.66 -27.29 -42.79
C GLY D 351 18.76 -27.80 -43.72
N HIS D 352 19.20 -26.97 -44.64
CA HIS D 352 20.33 -27.33 -45.49
C HIS D 352 21.62 -27.15 -44.71
N PRO D 353 22.42 -28.20 -44.51
CA PRO D 353 23.67 -28.04 -43.76
C PRO D 353 24.68 -27.14 -44.44
N GLU D 354 24.46 -26.74 -45.69
CA GLU D 354 25.41 -25.86 -46.36
C GLU D 354 25.21 -24.41 -45.94
N ASP D 355 23.96 -23.94 -45.91
CA ASP D 355 23.68 -22.59 -45.45
C ASP D 355 23.92 -22.51 -43.95
N LEU D 356 24.72 -21.51 -43.54
CA LEU D 356 25.20 -21.42 -42.18
C LEU D 356 24.88 -20.06 -41.58
N VAL D 357 25.01 -19.98 -40.26
CA VAL D 357 24.86 -18.73 -39.52
C VAL D 357 26.23 -18.06 -39.48
N ILE D 358 26.37 -16.95 -40.20
CA ILE D 358 27.68 -16.32 -40.35
C ILE D 358 28.01 -15.44 -39.16
N GLN D 359 27.06 -14.59 -38.75
CA GLN D 359 27.34 -13.60 -37.73
C GLN D 359 26.13 -13.39 -36.83
N ILE D 360 26.41 -13.01 -35.59
CA ILE D 360 25.39 -12.74 -34.57
C ILE D 360 25.84 -11.52 -33.79
N SER D 361 25.13 -10.41 -33.94
CA SER D 361 25.37 -9.22 -33.14
C SER D 361 24.53 -9.31 -31.87
N CYS D 362 25.17 -9.07 -30.72
CA CYS D 362 24.53 -9.29 -29.41
C CYS D 362 25.02 -8.21 -28.45
N LEU D 363 24.11 -7.33 -28.04
CA LEU D 363 24.44 -6.22 -27.16
C LEU D 363 23.64 -6.34 -25.87
N LEU D 364 24.32 -6.18 -24.74
CA LEU D 364 23.70 -6.32 -23.42
C LEU D 364 23.58 -4.95 -22.77
N TYR D 365 22.35 -4.61 -22.39
CA TYR D 365 22.00 -3.41 -21.66
C TYR D 365 21.59 -3.77 -20.24
N ASP D 366 21.66 -2.77 -19.36
CA ASP D 366 21.11 -2.87 -18.01
C ASP D 366 19.77 -2.14 -17.98
N LEU D 367 18.72 -2.84 -17.55
CA LEU D 367 17.37 -2.29 -17.62
C LEU D 367 17.08 -1.26 -16.54
N SER D 368 17.82 -1.27 -15.43
CA SER D 368 17.60 -0.26 -14.40
C SER D 368 18.24 1.07 -14.74
N THR D 369 19.29 1.05 -15.57
CA THR D 369 20.01 2.26 -15.96
C THR D 369 19.87 2.59 -17.44
N THR D 370 19.05 1.84 -18.17
CA THR D 370 18.87 1.94 -19.63
C THR D 370 20.17 2.28 -20.37
N ALA D 371 21.27 1.70 -19.94
CA ALA D 371 22.59 1.95 -20.53
C ALA D 371 23.11 0.69 -21.21
N LEU D 372 23.79 0.88 -22.34
CA LEU D 372 24.46 -0.22 -23.02
C LEU D 372 25.74 -0.55 -22.26
N GLU D 373 25.87 -1.82 -21.86
CA GLU D 373 27.02 -2.26 -21.08
C GLU D 373 28.00 -3.12 -21.85
N HIS D 374 27.54 -3.94 -22.80
CA HIS D 374 28.46 -4.77 -23.56
C HIS D 374 27.99 -4.88 -25.00
N VAL D 375 28.95 -5.01 -25.91
CA VAL D 375 28.69 -5.25 -27.33
C VAL D 375 29.56 -6.43 -27.77
N LEU D 376 28.94 -7.42 -28.43
CA LEU D 376 29.64 -8.61 -28.87
C LEU D 376 29.24 -8.94 -30.30
N LEU D 377 30.21 -9.40 -31.08
CA LEU D 377 29.99 -9.84 -32.45
C LEU D 377 30.54 -11.24 -32.59
N PHE D 378 29.66 -12.22 -32.80
CA PHE D 378 30.06 -13.58 -33.14
C PHE D 378 30.19 -13.67 -34.65
N SER D 379 31.34 -14.14 -35.13
CA SER D 379 31.61 -14.14 -36.56
C SER D 379 32.33 -15.43 -36.93
N LEU D 380 32.01 -15.95 -38.12
CA LEU D 380 32.71 -17.09 -38.69
C LEU D 380 33.81 -16.61 -39.63
N GLY D 381 35.07 -16.79 -39.22
CA GLY D 381 36.21 -16.34 -40.00
C GLY D 381 36.89 -15.07 -39.56
N SER D 382 36.53 -14.52 -38.40
CA SER D 382 37.12 -13.29 -37.86
C SER D 382 36.90 -12.07 -38.74
N CYS D 383 37.02 -10.89 -38.15
CA CYS D 383 36.75 -9.64 -38.85
C CYS D 383 37.50 -8.52 -38.15
N ASP D 384 37.56 -7.37 -38.82
CA ASP D 384 38.05 -6.13 -38.25
C ASP D 384 36.99 -5.08 -38.48
N LEU D 385 36.46 -4.49 -37.40
CA LEU D 385 35.37 -3.56 -37.54
C LEU D 385 35.85 -2.30 -38.25
N PRO D 386 35.06 -1.77 -39.18
CA PRO D 386 35.47 -0.53 -39.86
C PRO D 386 35.73 0.59 -38.87
N GLU D 387 36.62 1.50 -39.27
CA GLU D 387 37.03 2.56 -38.34
C GLU D 387 36.00 3.67 -38.27
N SER D 388 35.26 3.93 -39.34
CA SER D 388 34.13 4.84 -39.24
C SER D 388 33.14 4.38 -38.19
N HIS D 389 32.78 3.09 -38.22
CA HIS D 389 31.87 2.53 -37.24
C HIS D 389 32.42 2.63 -35.83
N LEU D 390 33.63 2.13 -35.62
CA LEU D 390 34.23 2.14 -34.28
C LEU D 390 34.37 3.55 -33.73
N ASN D 391 34.76 4.50 -34.58
CA ASN D 391 34.86 5.90 -34.15
C ASN D 391 33.50 6.45 -33.77
N GLU D 392 32.48 6.22 -34.61
CA GLU D 392 31.12 6.63 -34.28
C GLU D 392 30.72 6.09 -32.91
N LEU D 393 30.94 4.81 -32.68
CA LEU D 393 30.57 4.18 -31.40
C LEU D 393 31.30 4.83 -30.24
N ALA D 394 32.63 4.85 -30.30
CA ALA D 394 33.43 5.43 -29.22
C ALA D 394 33.09 6.89 -28.98
N ALA D 395 32.60 7.59 -30.01
CA ALA D 395 32.16 8.96 -29.84
C ALA D 395 30.79 9.05 -29.19
N ARG D 396 29.95 8.03 -29.38
CA ARG D 396 28.64 8.00 -28.76
C ARG D 396 28.68 7.46 -27.32
N GLY D 397 29.82 7.54 -26.66
CA GLY D 397 29.97 7.05 -25.29
C GLY D 397 29.82 5.57 -25.11
N LEU D 398 29.58 4.83 -26.19
CA LEU D 398 29.35 3.39 -26.13
C LEU D 398 30.65 2.64 -25.90
N PRO D 399 30.59 1.39 -25.43
CA PRO D 399 31.81 0.61 -25.23
C PRO D 399 32.40 0.16 -26.56
N THR D 400 33.62 -0.38 -26.47
CA THR D 400 34.33 -0.86 -27.64
C THR D 400 33.90 -2.30 -27.94
N PRO D 401 33.36 -2.57 -29.14
CA PRO D 401 32.90 -3.92 -29.44
C PRO D 401 34.01 -4.95 -29.31
N VAL D 402 33.62 -6.17 -28.92
CA VAL D 402 34.53 -7.29 -28.77
C VAL D 402 34.07 -8.39 -29.72
N VAL D 403 34.93 -8.75 -30.66
CA VAL D 403 34.61 -9.73 -31.71
C VAL D 403 35.11 -11.10 -31.26
N LEU D 404 34.31 -12.13 -31.52
CA LEU D 404 34.66 -13.51 -31.22
C LEU D 404 34.83 -14.28 -32.51
N GLU D 405 36.03 -14.79 -32.76
CA GLU D 405 36.35 -15.51 -33.98
C GLU D 405 36.19 -17.01 -33.75
N PHE D 406 35.52 -17.68 -34.68
CA PHE D 406 35.29 -19.11 -34.62
C PHE D 406 35.70 -19.77 -35.93
N ASP D 407 36.08 -21.04 -35.85
CA ASP D 407 36.41 -21.79 -37.06
C ASP D 407 35.22 -22.52 -37.64
N SER D 408 34.27 -22.94 -36.81
CA SER D 408 33.10 -23.68 -37.27
C SER D 408 31.83 -22.98 -36.79
N GLU D 409 30.69 -23.41 -37.35
CA GLU D 409 29.41 -22.89 -36.90
C GLU D 409 29.02 -23.45 -35.54
N PHE D 410 29.33 -24.73 -35.30
CA PHE D 410 28.99 -25.34 -34.01
C PHE D 410 29.66 -24.61 -32.86
N GLU D 411 30.95 -24.30 -32.99
CA GLU D 411 31.65 -23.60 -31.92
C GLU D 411 31.01 -22.25 -31.64
N MET D 412 30.68 -21.51 -32.71
CA MET D 412 30.05 -20.21 -32.58
C MET D 412 28.70 -20.31 -31.86
N LEU D 413 27.84 -21.21 -32.32
CA LEU D 413 26.51 -21.35 -31.71
C LEU D 413 26.60 -21.84 -30.27
N LEU D 414 27.50 -22.79 -30.01
CA LEU D 414 27.73 -23.25 -28.65
C LEU D 414 28.16 -22.11 -27.74
N ALA D 415 29.05 -21.23 -28.24
CA ALA D 415 29.44 -20.08 -27.45
C ALA D 415 28.27 -19.14 -27.20
N PHE D 416 27.43 -18.93 -28.21
CA PHE D 416 26.27 -18.07 -28.02
C PHE D 416 25.32 -18.61 -26.96
N MET D 417 25.04 -19.91 -27.02
CA MET D 417 24.15 -20.51 -26.03
C MET D 417 24.79 -20.53 -24.64
N THR D 418 26.11 -20.75 -24.58
CA THR D 418 26.82 -20.69 -23.31
C THR D 418 26.76 -19.29 -22.71
N LEU D 419 26.84 -18.26 -23.56
CA LEU D 419 26.63 -16.89 -23.10
C LEU D 419 25.22 -16.71 -22.56
N VAL D 420 24.23 -17.22 -23.29
CA VAL D 420 22.84 -17.14 -22.82
C VAL D 420 22.69 -17.75 -21.44
N LYS D 421 23.34 -18.89 -21.22
CA LYS D 421 23.18 -19.60 -19.94
C LYS D 421 23.97 -18.94 -18.81
N GLN D 422 25.18 -18.44 -19.11
CA GLN D 422 26.04 -17.89 -18.06
C GLN D 422 25.63 -16.47 -17.69
N TYR D 423 25.49 -15.59 -18.68
CA TYR D 423 25.05 -14.23 -18.39
C TYR D 423 23.60 -14.20 -17.95
N GLY D 424 22.79 -15.13 -18.44
CA GLY D 424 21.41 -15.26 -18.05
C GLY D 424 20.61 -13.98 -18.24
N PRO D 425 20.40 -13.58 -19.50
CA PRO D 425 19.64 -12.35 -19.75
C PRO D 425 18.18 -12.53 -19.35
N GLU D 426 17.74 -11.81 -18.32
CA GLU D 426 16.35 -11.90 -17.91
C GLU D 426 15.41 -11.44 -19.02
N PHE D 427 15.87 -10.54 -19.89
CA PHE D 427 15.07 -10.10 -21.02
C PHE D 427 15.87 -10.21 -22.31
N VAL D 428 15.17 -10.47 -23.41
CA VAL D 428 15.79 -10.70 -24.72
C VAL D 428 14.92 -10.05 -25.78
N THR D 429 15.53 -9.27 -26.66
CA THR D 429 14.80 -8.54 -27.69
C THR D 429 15.58 -8.55 -29.00
N GLY D 430 14.88 -8.12 -30.06
CA GLY D 430 15.42 -8.03 -31.40
C GLY D 430 14.38 -7.51 -32.36
N TYR D 431 14.49 -7.87 -33.64
CA TYR D 431 13.48 -7.49 -34.63
C TYR D 431 13.18 -8.69 -35.50
N ASN D 432 11.90 -9.07 -35.57
CA ASN D 432 11.46 -10.28 -36.27
C ASN D 432 12.30 -11.49 -35.86
N ILE D 433 12.60 -11.59 -34.57
CA ILE D 433 13.36 -12.72 -34.05
C ILE D 433 12.46 -13.89 -33.69
N ILE D 434 11.14 -13.75 -33.84
CA ILE D 434 10.22 -14.85 -33.60
C ILE D 434 10.07 -15.72 -34.85
N ASN D 435 10.09 -15.10 -36.03
CA ASN D 435 9.88 -15.81 -37.29
C ASN D 435 11.17 -16.17 -38.01
N PHE D 436 12.31 -15.61 -37.61
CA PHE D 436 13.55 -15.89 -38.33
C PHE D 436 14.70 -16.30 -37.41
N ASP D 437 15.19 -15.36 -36.61
CA ASP D 437 16.44 -15.53 -35.86
C ASP D 437 16.42 -16.75 -34.95
N TRP D 438 15.55 -16.74 -33.94
CA TRP D 438 15.46 -17.88 -33.03
C TRP D 438 15.10 -19.18 -33.74
N PRO D 439 14.12 -19.24 -34.65
CA PRO D 439 13.88 -20.51 -35.34
C PRO D 439 15.08 -21.01 -36.12
N PHE D 440 15.81 -20.11 -36.79
CA PHE D 440 17.02 -20.51 -37.50
C PHE D 440 18.05 -21.11 -36.55
N LEU D 441 18.37 -20.37 -35.48
CA LEU D 441 19.37 -20.85 -34.52
C LEU D 441 18.98 -22.21 -33.94
N LEU D 442 17.73 -22.35 -33.52
CA LEU D 442 17.31 -23.56 -32.85
C LEU D 442 17.16 -24.73 -33.82
N ALA D 443 16.76 -24.46 -35.06
CA ALA D 443 16.76 -25.52 -36.07
C ALA D 443 18.17 -26.01 -36.34
N LYS D 444 19.14 -25.08 -36.39
CA LYS D 444 20.54 -25.49 -36.50
C LYS D 444 20.94 -26.38 -35.33
N LEU D 445 20.65 -25.93 -34.10
CA LEU D 445 21.05 -26.68 -32.92
C LEU D 445 20.35 -28.03 -32.81
N THR D 446 19.16 -28.16 -33.40
CA THR D 446 18.36 -29.37 -33.23
C THR D 446 18.53 -30.34 -34.39
N ASP D 447 18.08 -29.94 -35.58
CA ASP D 447 18.06 -30.86 -36.72
C ASP D 447 19.47 -31.23 -37.17
N ILE D 448 20.43 -30.32 -37.05
CA ILE D 448 21.76 -30.52 -37.59
C ILE D 448 22.70 -31.06 -36.51
N TYR D 449 22.86 -30.30 -35.42
CA TYR D 449 23.85 -30.65 -34.42
C TYR D 449 23.31 -31.52 -33.29
N LYS D 450 22.00 -31.73 -33.22
CA LYS D 450 21.37 -32.55 -32.19
C LYS D 450 21.82 -32.10 -30.80
N VAL D 451 21.27 -30.99 -30.32
CA VAL D 451 21.67 -30.40 -29.06
C VAL D 451 20.45 -30.23 -28.16
N PRO D 452 20.54 -30.57 -26.88
CA PRO D 452 19.40 -30.35 -25.98
C PRO D 452 19.30 -28.90 -25.51
N LEU D 453 18.07 -28.39 -25.48
CA LEU D 453 17.80 -27.02 -25.10
C LEU D 453 17.19 -26.87 -23.71
N ASP D 454 16.73 -27.96 -23.10
CA ASP D 454 15.99 -27.89 -21.84
C ASP D 454 16.79 -27.33 -20.69
N GLY D 455 18.10 -27.16 -20.83
CA GLY D 455 18.90 -26.63 -19.75
C GLY D 455 19.49 -25.26 -20.04
N TYR D 456 19.29 -24.77 -21.25
CA TYR D 456 19.85 -23.49 -21.66
C TYR D 456 18.94 -22.30 -21.35
N GLY D 457 17.87 -22.51 -20.61
CA GLY D 457 17.07 -21.43 -20.06
C GLY D 457 17.58 -21.01 -18.70
N ARG D 458 16.65 -20.60 -17.84
CA ARG D 458 17.01 -20.33 -16.45
C ARG D 458 17.15 -21.62 -15.66
N MET D 459 16.35 -22.64 -15.99
CA MET D 459 16.47 -23.93 -15.32
C MET D 459 17.70 -24.67 -15.84
N ASN D 460 18.35 -25.42 -14.94
CA ASN D 460 19.49 -26.24 -15.32
C ASN D 460 19.10 -27.39 -16.24
N GLY D 461 17.82 -27.68 -16.36
CA GLY D 461 17.37 -28.77 -17.20
C GLY D 461 15.87 -28.95 -17.07
N ARG D 462 15.32 -29.69 -18.02
CA ARG D 462 13.89 -30.00 -18.08
C ARG D 462 13.03 -28.76 -18.30
N GLY D 463 13.61 -27.68 -18.81
CA GLY D 463 12.89 -26.44 -19.02
C GLY D 463 12.12 -26.41 -20.33
N VAL D 464 11.82 -25.20 -20.78
CA VAL D 464 10.99 -24.96 -21.97
C VAL D 464 11.77 -24.07 -22.92
N PHE D 465 11.88 -24.50 -24.18
CA PHE D 465 12.64 -23.74 -25.17
C PHE D 465 12.06 -23.94 -26.57
N ARG D 466 10.73 -23.99 -26.68
CA ARG D 466 10.10 -24.21 -27.97
C ARG D 466 9.73 -22.89 -28.63
N VAL D 467 9.53 -22.95 -29.95
CA VAL D 467 9.20 -21.78 -30.76
C VAL D 467 8.13 -22.14 -31.79
N TRP D 468 6.96 -22.58 -31.34
CA TRP D 468 5.98 -23.10 -32.27
C TRP D 468 5.24 -21.93 -32.91
N ASP D 469 5.10 -22.00 -34.23
CA ASP D 469 4.51 -20.97 -35.06
C ASP D 469 3.09 -21.36 -35.46
N ILE D 470 2.51 -20.58 -36.36
CA ILE D 470 1.14 -20.77 -36.80
C ILE D 470 1.06 -21.94 -37.77
N GLY D 471 1.68 -21.78 -38.95
CA GLY D 471 1.63 -22.85 -39.92
C GLY D 471 0.21 -23.14 -40.39
N GLN D 472 0.00 -24.38 -40.81
CA GLN D 472 -1.29 -24.85 -41.32
C GLN D 472 -2.30 -25.12 -40.21
N SER D 473 -2.37 -24.27 -39.19
CA SER D 473 -3.21 -24.53 -38.02
C SER D 473 -4.49 -23.70 -38.05
N HIS D 474 -5.51 -24.24 -37.37
CA HIS D 474 -6.78 -23.56 -37.18
C HIS D 474 -6.90 -22.94 -35.79
N PHE D 475 -6.43 -23.65 -34.76
CA PHE D 475 -6.52 -23.13 -33.40
C PHE D 475 -5.50 -22.03 -33.17
N GLN D 476 -4.26 -22.25 -33.58
CA GLN D 476 -3.20 -21.26 -33.39
C GLN D 476 -3.48 -20.02 -34.23
N LYS D 477 -3.18 -18.86 -33.66
CA LYS D 477 -3.45 -17.60 -34.35
C LYS D 477 -2.28 -16.63 -34.32
N ARG D 478 -1.13 -17.01 -33.76
CA ARG D 478 0.02 -16.13 -33.62
C ARG D 478 1.23 -16.97 -33.26
N SER D 479 2.38 -16.62 -33.84
CA SER D 479 3.63 -17.28 -33.50
C SER D 479 4.21 -16.72 -32.21
N LYS D 480 4.68 -17.62 -31.33
CA LYS D 480 5.20 -17.25 -30.03
C LYS D 480 6.51 -17.97 -29.76
N ILE D 481 7.30 -17.41 -28.85
CA ILE D 481 8.52 -18.03 -28.33
C ILE D 481 8.45 -17.98 -26.80
N LYS D 482 8.53 -19.14 -26.17
CA LYS D 482 8.47 -19.25 -24.72
C LYS D 482 9.72 -19.96 -24.22
N VAL D 483 10.50 -19.27 -23.39
CA VAL D 483 11.72 -19.81 -22.79
C VAL D 483 11.66 -19.51 -21.30
N ASN D 484 11.82 -20.56 -20.48
CA ASN D 484 11.68 -20.40 -19.04
C ASN D 484 12.71 -19.42 -18.51
N GLY D 485 12.25 -18.46 -17.71
CA GLY D 485 13.11 -17.44 -17.14
C GLY D 485 13.63 -16.41 -18.12
N MET D 486 13.24 -16.49 -19.40
CA MET D 486 13.72 -15.57 -20.44
C MET D 486 12.53 -14.91 -21.10
N VAL D 487 12.40 -13.60 -20.90
CA VAL D 487 11.28 -12.84 -21.42
C VAL D 487 11.66 -12.31 -22.80
N ASN D 488 11.05 -12.88 -23.84
CA ASN D 488 11.32 -12.47 -25.21
C ASN D 488 10.31 -11.42 -25.64
N ILE D 489 10.80 -10.26 -26.06
CA ILE D 489 9.96 -9.15 -26.51
C ILE D 489 10.38 -8.82 -27.93
N ASP D 490 9.60 -9.27 -28.91
CA ASP D 490 9.90 -9.02 -30.32
C ASP D 490 9.39 -7.63 -30.68
N MET D 491 10.32 -6.69 -30.85
CA MET D 491 9.95 -5.31 -31.17
C MET D 491 9.14 -5.20 -32.46
N TYR D 492 9.19 -6.22 -33.32
CA TYR D 492 8.36 -6.21 -34.53
C TYR D 492 6.89 -6.03 -34.18
N GLY D 493 6.33 -6.96 -33.38
CA GLY D 493 4.94 -6.86 -32.99
C GLY D 493 4.62 -5.56 -32.24
N ILE D 494 5.55 -5.14 -31.37
CA ILE D 494 5.37 -3.88 -30.65
C ILE D 494 5.15 -2.73 -31.63
N ILE D 495 5.99 -2.66 -32.67
CA ILE D 495 5.87 -1.58 -33.64
C ILE D 495 4.60 -1.74 -34.48
N THR D 496 4.25 -2.99 -34.84
CA THR D 496 3.03 -3.20 -35.61
C THR D 496 1.79 -2.75 -34.83
N ASP D 497 1.84 -2.85 -33.51
CA ASP D 497 0.72 -2.41 -32.69
C ASP D 497 0.76 -0.91 -32.40
N LYS D 498 1.96 -0.33 -32.29
CA LYS D 498 2.10 1.04 -31.84
C LYS D 498 2.19 2.05 -32.98
N ILE D 499 2.61 1.65 -34.17
CA ILE D 499 2.82 2.57 -35.27
C ILE D 499 2.05 2.09 -36.50
N LYS D 500 1.59 3.06 -37.30
CA LYS D 500 0.74 2.80 -38.47
C LYS D 500 1.56 3.04 -39.73
N LEU D 501 1.95 1.96 -40.41
CA LEU D 501 2.76 2.04 -41.61
C LEU D 501 2.24 1.06 -42.65
N SER D 502 2.83 1.15 -43.85
CA SER D 502 2.57 0.21 -44.93
C SER D 502 3.58 -0.92 -45.00
N SER D 503 4.82 -0.68 -44.56
CA SER D 503 5.85 -1.69 -44.49
C SER D 503 6.67 -1.47 -43.24
N TYR D 504 7.13 -2.57 -42.64
CA TYR D 504 7.80 -2.53 -41.35
C TYR D 504 9.22 -3.08 -41.45
N LYS D 505 9.92 -2.73 -42.54
CA LYS D 505 11.35 -2.94 -42.60
C LYS D 505 12.04 -2.09 -41.54
N LEU D 506 13.06 -2.68 -40.90
CA LEU D 506 13.68 -2.03 -39.74
C LEU D 506 14.16 -0.62 -40.07
N ASN D 507 14.69 -0.42 -41.28
CA ASN D 507 15.20 0.90 -41.65
C ASN D 507 14.07 1.90 -41.87
N ALA D 508 12.98 1.45 -42.50
CA ALA D 508 11.82 2.33 -42.66
C ALA D 508 11.26 2.76 -41.31
N VAL D 509 11.07 1.79 -40.40
CA VAL D 509 10.59 2.10 -39.05
C VAL D 509 11.56 3.05 -38.35
N ALA D 510 12.86 2.81 -38.51
CA ALA D 510 13.86 3.67 -37.88
C ALA D 510 13.73 5.12 -38.37
N GLU D 511 13.72 5.30 -39.70
CA GLU D 511 13.59 6.64 -40.26
C GLU D 511 12.27 7.29 -39.85
N ALA D 512 11.20 6.51 -39.69
CA ALA D 512 9.90 7.09 -39.40
C ALA D 512 9.72 7.44 -37.93
N VAL D 513 10.37 6.73 -37.03
CA VAL D 513 10.19 6.93 -35.59
C VAL D 513 11.31 7.77 -34.99
N LEU D 514 12.56 7.41 -35.26
CA LEU D 514 13.70 8.12 -34.68
C LEU D 514 14.20 9.27 -35.55
N LYS D 515 13.68 9.40 -36.77
CA LYS D 515 14.20 10.37 -37.74
C LYS D 515 15.69 10.15 -37.99
N ASP D 516 16.08 8.87 -38.01
CA ASP D 516 17.47 8.46 -38.22
C ASP D 516 17.49 7.38 -39.28
N LYS D 517 17.74 7.78 -40.53
CA LYS D 517 17.84 6.81 -41.62
C LYS D 517 19.18 6.09 -41.55
N LYS D 518 19.17 4.79 -41.88
CA LYS D 518 20.38 3.99 -41.87
C LYS D 518 20.35 3.02 -43.05
N LYS D 519 21.50 2.38 -43.30
CA LYS D 519 21.70 1.58 -44.49
C LYS D 519 21.03 0.21 -44.38
N ASP D 520 20.40 -0.20 -45.48
CA ASP D 520 19.88 -1.55 -45.61
C ASP D 520 20.99 -2.51 -46.05
N LEU D 521 20.70 -3.80 -46.01
CA LEU D 521 21.66 -4.83 -46.43
C LEU D 521 20.86 -6.06 -46.87
N SER D 522 20.59 -6.13 -48.17
CA SER D 522 19.88 -7.28 -48.71
C SER D 522 20.77 -8.52 -48.65
N TYR D 523 20.12 -9.69 -48.69
CA TYR D 523 20.85 -10.95 -48.65
C TYR D 523 21.62 -11.21 -49.94
N ARG D 524 21.23 -10.58 -51.05
CA ARG D 524 21.93 -10.75 -52.32
C ARG D 524 23.41 -10.39 -52.23
N ASP D 525 23.81 -9.57 -51.27
CA ASP D 525 25.17 -9.07 -51.18
C ASP D 525 26.03 -9.84 -50.17
N ILE D 526 25.49 -10.86 -49.52
CA ILE D 526 26.19 -11.50 -48.41
C ILE D 526 27.40 -12.31 -48.87
N PRO D 527 27.32 -13.13 -49.93
CA PRO D 527 28.52 -13.91 -50.30
C PRO D 527 29.69 -13.04 -50.72
N ALA D 528 29.44 -12.01 -51.55
CA ALA D 528 30.51 -11.11 -51.96
C ALA D 528 31.17 -10.44 -50.76
N TYR D 529 30.37 -9.80 -49.91
CA TYR D 529 30.91 -9.16 -48.71
C TYR D 529 31.65 -10.14 -47.81
N TYR D 530 31.24 -11.42 -47.81
CA TYR D 530 31.91 -12.40 -46.95
C TYR D 530 33.27 -12.79 -47.52
N ALA D 531 33.33 -13.07 -48.82
CA ALA D 531 34.55 -13.63 -49.40
C ALA D 531 35.70 -12.63 -49.40
N ALA D 532 35.39 -11.33 -49.55
CA ALA D 532 36.44 -10.34 -49.76
C ALA D 532 37.45 -10.29 -48.63
N GLY D 533 37.03 -10.61 -47.40
CA GLY D 533 37.97 -10.70 -46.30
C GLY D 533 37.43 -10.18 -44.97
N PRO D 534 38.34 -9.96 -44.02
CA PRO D 534 37.89 -9.57 -42.68
C PRO D 534 37.30 -8.17 -42.61
N ALA D 535 37.71 -7.25 -43.49
CA ALA D 535 37.16 -5.90 -43.45
C ALA D 535 35.82 -5.80 -44.17
N GLN D 536 35.71 -6.39 -45.36
CA GLN D 536 34.44 -6.39 -46.07
C GLN D 536 33.40 -7.27 -45.40
N ARG D 537 33.79 -8.14 -44.48
CA ARG D 537 32.85 -8.85 -43.62
C ARG D 537 32.62 -8.12 -42.31
N GLY D 538 33.63 -7.40 -41.82
CA GLY D 538 33.39 -6.45 -40.75
C GLY D 538 32.37 -5.40 -41.11
N VAL D 539 32.21 -5.13 -42.40
CA VAL D 539 31.12 -4.25 -42.84
C VAL D 539 29.76 -4.89 -42.51
N ILE D 540 29.61 -6.18 -42.82
CA ILE D 540 28.39 -6.90 -42.42
C ILE D 540 28.23 -6.86 -40.91
N GLY D 541 29.33 -7.00 -40.18
CA GLY D 541 29.27 -6.88 -38.72
C GLY D 541 28.76 -5.52 -38.27
N GLU D 542 29.27 -4.46 -38.89
CA GLU D 542 28.78 -3.11 -38.62
C GLU D 542 27.28 -3.00 -38.89
N TYR D 543 26.82 -3.58 -39.99
CA TYR D 543 25.40 -3.50 -40.33
C TYR D 543 24.54 -4.22 -39.30
N CYS D 544 24.97 -5.42 -38.87
CA CYS D 544 24.23 -6.14 -37.84
C CYS D 544 24.22 -5.37 -36.52
N ILE D 545 25.37 -4.80 -36.13
CA ILE D 545 25.44 -4.04 -34.88
C ILE D 545 24.57 -2.80 -34.96
N GLN D 546 24.49 -2.18 -36.13
CA GLN D 546 23.62 -1.03 -36.30
C GLN D 546 22.15 -1.42 -36.20
N ASP D 547 21.78 -2.55 -36.82
CA ASP D 547 20.43 -3.08 -36.66
C ASP D 547 20.09 -3.26 -35.19
N SER D 548 21.00 -3.87 -34.44
CA SER D 548 20.76 -4.12 -33.03
C SER D 548 20.67 -2.83 -32.22
N LEU D 549 21.53 -1.85 -32.55
CA LEU D 549 21.46 -0.55 -31.87
C LEU D 549 20.13 0.13 -32.11
N LEU D 550 19.65 0.14 -33.36
CA LEU D 550 18.35 0.72 -33.65
C LEU D 550 17.23 -0.01 -32.92
N VAL D 551 17.30 -1.34 -32.87
CA VAL D 551 16.30 -2.11 -32.12
C VAL D 551 16.30 -1.70 -30.65
N GLY D 552 17.49 -1.66 -30.05
CA GLY D 552 17.59 -1.18 -28.67
C GLY D 552 16.99 0.20 -28.45
N GLN D 553 17.30 1.13 -29.36
CA GLN D 553 16.74 2.47 -29.27
C GLN D 553 15.22 2.44 -29.29
N LEU D 554 14.65 1.66 -30.21
CA LEU D 554 13.20 1.51 -30.27
C LEU D 554 12.66 0.96 -28.94
N PHE D 555 13.26 -0.14 -28.47
CA PHE D 555 12.89 -0.75 -27.20
C PHE D 555 12.81 0.27 -26.09
N PHE D 556 13.90 1.00 -25.87
CA PHE D 556 13.94 1.92 -24.74
C PHE D 556 13.25 3.25 -25.03
N LYS D 557 12.75 3.46 -26.25
CA LYS D 557 11.79 4.54 -26.46
C LYS D 557 10.39 4.11 -26.02
N PHE D 558 9.96 2.93 -26.46
CA PHE D 558 8.59 2.50 -26.18
C PHE D 558 8.44 1.78 -24.84
N LEU D 559 9.53 1.31 -24.25
CA LEU D 559 9.52 0.66 -22.95
C LEU D 559 8.45 -0.43 -22.83
N PRO D 560 8.47 -1.43 -23.73
CA PRO D 560 7.41 -2.45 -23.69
C PRO D 560 7.46 -3.31 -22.44
N HIS D 561 8.65 -3.50 -21.86
CA HIS D 561 8.76 -4.34 -20.66
C HIS D 561 7.95 -3.76 -19.51
N LEU D 562 8.01 -2.45 -19.30
CA LEU D 562 7.24 -1.84 -18.22
C LEU D 562 5.74 -1.97 -18.48
N GLU D 563 5.31 -1.69 -19.71
CA GLU D 563 3.92 -1.84 -20.10
C GLU D 563 3.40 -3.25 -19.79
N LEU D 564 4.10 -4.26 -20.30
CA LEU D 564 3.62 -5.63 -20.14
C LEU D 564 3.73 -6.10 -18.69
N SER D 565 4.75 -5.64 -17.95
CA SER D 565 4.84 -5.99 -16.55
C SER D 565 3.69 -5.37 -15.74
N ALA D 566 3.30 -4.15 -16.08
CA ALA D 566 2.15 -3.54 -15.41
C ALA D 566 0.87 -4.30 -15.73
N VAL D 567 0.69 -4.70 -16.99
CA VAL D 567 -0.48 -5.51 -17.35
C VAL D 567 -0.48 -6.82 -16.56
N ALA D 568 0.67 -7.49 -16.49
CA ALA D 568 0.77 -8.73 -15.73
C ALA D 568 0.42 -8.52 -14.27
N ARG D 569 0.96 -7.47 -13.66
CA ARG D 569 0.65 -7.15 -12.28
C ARG D 569 -0.84 -6.95 -12.08
N LEU D 570 -1.49 -6.24 -13.02
CA LEU D 570 -2.91 -5.97 -12.87
C LEU D 570 -3.75 -7.23 -13.01
N ALA D 571 -3.39 -8.11 -13.95
CA ALA D 571 -4.23 -9.25 -14.29
C ALA D 571 -3.89 -10.52 -13.52
N GLY D 572 -2.90 -10.49 -12.64
CA GLY D 572 -2.52 -11.68 -11.89
C GLY D 572 -2.00 -12.80 -12.76
N ILE D 573 -1.43 -12.47 -13.92
CA ILE D 573 -0.92 -13.45 -14.86
C ILE D 573 0.57 -13.18 -15.06
N ASN D 574 1.32 -14.24 -15.35
CA ASN D 574 2.76 -14.09 -15.49
C ASN D 574 3.11 -13.37 -16.80
N ILE D 575 4.32 -12.81 -16.84
CA ILE D 575 4.71 -11.92 -17.93
C ILE D 575 4.66 -12.63 -19.27
N THR D 576 5.05 -13.91 -19.30
CA THR D 576 5.07 -14.65 -20.56
C THR D 576 3.66 -14.78 -21.13
N ARG D 577 2.70 -15.26 -20.32
CA ARG D 577 1.32 -15.36 -20.78
C ARG D 577 0.72 -13.99 -21.03
N THR D 578 1.20 -12.96 -20.33
CA THR D 578 0.81 -11.60 -20.70
C THR D 578 1.17 -11.30 -22.15
N ILE D 579 2.40 -11.60 -22.53
CA ILE D 579 2.87 -11.27 -23.88
C ILE D 579 2.19 -12.16 -24.93
N TYR D 580 2.40 -13.47 -24.85
CA TYR D 580 2.18 -14.35 -25.98
C TYR D 580 0.85 -15.10 -25.92
N ASP D 581 0.03 -14.86 -24.91
CA ASP D 581 -1.23 -15.58 -24.76
C ASP D 581 -2.36 -14.60 -24.98
N GLY D 582 -3.57 -15.14 -25.02
CA GLY D 582 -4.77 -14.34 -25.21
C GLY D 582 -5.00 -13.16 -24.30
N GLN D 583 -6.03 -12.38 -24.62
CA GLN D 583 -6.55 -11.36 -23.72
C GLN D 583 -7.62 -11.93 -22.81
N GLN D 584 -8.35 -12.93 -23.30
CA GLN D 584 -9.37 -13.61 -22.50
C GLN D 584 -8.80 -14.09 -21.17
N ILE D 585 -7.53 -14.49 -21.15
CA ILE D 585 -6.96 -15.07 -19.94
C ILE D 585 -6.92 -14.03 -18.81
N ARG D 586 -6.67 -12.77 -19.15
CA ARG D 586 -6.58 -11.72 -18.13
C ARG D 586 -7.93 -11.46 -17.48
N VAL D 587 -8.94 -11.17 -18.29
CA VAL D 587 -10.29 -10.97 -17.79
C VAL D 587 -10.77 -12.21 -17.04
N PHE D 588 -10.47 -13.40 -17.58
CA PHE D 588 -10.87 -14.63 -16.92
C PHE D 588 -10.24 -14.73 -15.52
N THR D 589 -8.97 -14.40 -15.39
CA THR D 589 -8.30 -14.51 -14.10
C THR D 589 -8.87 -13.52 -13.08
N CYS D 590 -9.07 -12.27 -13.50
CA CYS D 590 -9.62 -11.28 -12.57
C CYS D 590 -11.05 -11.65 -12.16
N LEU D 591 -11.86 -12.08 -13.14
CA LEU D 591 -13.22 -12.50 -12.83
C LEU D 591 -13.24 -13.76 -11.97
N LEU D 592 -12.27 -14.65 -12.15
CA LEU D 592 -12.13 -15.82 -11.30
C LEU D 592 -11.87 -15.41 -9.86
N ARG D 593 -10.91 -14.49 -9.67
CA ARG D 593 -10.66 -13.95 -8.33
C ARG D 593 -11.95 -13.44 -7.70
N LEU D 594 -12.66 -12.56 -8.41
CA LEU D 594 -13.85 -11.94 -7.81
C LEU D 594 -14.95 -12.97 -7.56
N ALA D 595 -15.13 -13.92 -8.47
CA ALA D 595 -16.21 -14.89 -8.34
C ALA D 595 -15.94 -15.85 -7.19
N ASP D 596 -14.71 -16.36 -7.09
CA ASP D 596 -14.35 -17.17 -5.94
C ASP D 596 -14.52 -16.36 -4.65
N GLN D 597 -14.24 -15.06 -4.70
CA GLN D 597 -14.46 -14.21 -3.54
C GLN D 597 -15.92 -14.16 -3.14
N LYS D 598 -16.82 -14.06 -4.12
CA LYS D 598 -18.23 -13.81 -3.86
C LYS D 598 -19.09 -15.06 -3.90
N GLY D 599 -18.49 -16.25 -4.00
CA GLY D 599 -19.21 -17.49 -3.83
C GLY D 599 -19.49 -18.28 -5.09
N PHE D 600 -18.97 -17.88 -6.24
CA PHE D 600 -19.20 -18.59 -7.49
C PHE D 600 -18.02 -19.48 -7.85
N ILE D 601 -18.25 -20.33 -8.85
CA ILE D 601 -17.21 -21.14 -9.47
C ILE D 601 -17.44 -21.16 -10.97
N LEU D 602 -16.36 -21.00 -11.73
CA LEU D 602 -16.46 -20.84 -13.18
C LEU D 602 -16.53 -22.20 -13.87
N PRO D 603 -17.58 -22.50 -14.63
CA PRO D 603 -17.63 -23.78 -15.34
C PRO D 603 -16.69 -23.83 -16.52
N ASP D 604 -16.17 -25.02 -16.79
CA ASP D 604 -15.31 -25.24 -17.94
C ASP D 604 -16.14 -25.70 -19.14
N THR D 605 -16.00 -24.99 -20.24
CA THR D 605 -16.57 -25.36 -21.53
C THR D 605 -15.45 -25.85 -22.44
N GLN D 606 -15.76 -25.94 -23.74
CA GLN D 606 -14.80 -26.36 -24.78
C GLN D 606 -14.50 -27.85 -24.69
N ARG D 658 -20.36 -13.16 -44.25
CA ARG D 658 -19.68 -13.28 -42.97
C ARG D 658 -20.61 -13.87 -41.92
N HIS D 659 -20.10 -14.85 -41.17
CA HIS D 659 -20.86 -15.49 -40.10
C HIS D 659 -20.49 -14.84 -38.77
N VAL D 660 -21.46 -14.19 -38.14
CA VAL D 660 -21.26 -13.49 -36.88
C VAL D 660 -22.26 -14.03 -35.86
N GLY D 661 -22.02 -13.71 -34.59
CA GLY D 661 -22.80 -14.27 -33.51
C GLY D 661 -24.06 -13.49 -33.18
N TYR D 662 -23.96 -12.17 -33.11
CA TYR D 662 -25.07 -11.34 -32.66
C TYR D 662 -25.04 -10.02 -33.40
N GLN D 663 -26.17 -9.31 -33.38
CA GLN D 663 -26.27 -8.02 -34.05
C GLN D 663 -25.43 -6.98 -33.32
N GLY D 664 -24.54 -6.32 -34.06
CA GLY D 664 -23.69 -5.30 -33.49
C GLY D 664 -24.36 -3.93 -33.47
N ALA D 665 -23.58 -2.89 -33.74
CA ALA D 665 -24.13 -1.54 -33.76
C ALA D 665 -24.69 -1.21 -35.14
N ARG D 666 -25.41 -0.09 -35.21
CA ARG D 666 -26.02 0.37 -36.45
C ARG D 666 -25.53 1.79 -36.73
N VAL D 667 -24.72 1.95 -37.77
CA VAL D 667 -24.28 3.28 -38.16
C VAL D 667 -25.47 4.04 -38.74
N HIS D 668 -25.64 5.28 -38.30
CA HIS D 668 -26.75 6.10 -38.76
C HIS D 668 -26.61 6.39 -40.23
N ASP D 669 -27.61 5.99 -41.02
CA ASP D 669 -27.68 6.23 -42.46
C ASP D 669 -27.45 7.71 -42.73
N PRO D 670 -26.27 8.08 -43.23
CA PRO D 670 -25.94 9.50 -43.33
C PRO D 670 -26.48 10.15 -44.59
N THR D 671 -26.87 11.41 -44.46
CA THR D 671 -27.19 12.25 -45.61
C THR D 671 -25.90 12.93 -46.04
N SER D 672 -25.39 12.54 -47.21
CA SER D 672 -24.04 12.85 -47.62
C SER D 672 -23.91 14.33 -47.99
N GLY D 673 -22.72 14.70 -48.44
CA GLY D 673 -22.47 16.01 -49.03
C GLY D 673 -21.45 16.81 -48.25
N PHE D 674 -21.16 17.98 -48.80
CA PHE D 674 -20.25 18.95 -48.18
C PHE D 674 -21.09 19.91 -47.32
N HIS D 675 -20.67 20.09 -46.06
CA HIS D 675 -21.37 20.95 -45.11
C HIS D 675 -20.43 22.06 -44.67
N VAL D 676 -20.86 23.30 -44.82
CA VAL D 676 -20.04 24.45 -44.48
C VAL D 676 -20.53 25.07 -43.17
N ASN D 677 -21.80 24.88 -42.83
CA ASN D 677 -22.30 25.33 -41.55
C ASN D 677 -21.69 24.48 -40.43
N PRO D 678 -21.65 25.01 -39.20
CA PRO D 678 -20.99 24.27 -38.11
C PRO D 678 -21.71 22.97 -37.75
N VAL D 679 -20.92 21.93 -37.52
CA VAL D 679 -21.40 20.66 -37.02
C VAL D 679 -20.70 20.37 -35.69
N VAL D 680 -21.44 19.80 -34.74
CA VAL D 680 -20.93 19.48 -33.42
C VAL D 680 -20.92 17.98 -33.23
N GLY D 681 -19.87 17.49 -32.57
CA GLY D 681 -19.72 16.06 -32.34
C GLY D 681 -19.80 15.68 -30.88
N PHE D 682 -20.92 15.06 -30.51
CA PHE D 682 -21.11 14.48 -29.18
C PHE D 682 -20.77 12.99 -29.24
N ASP D 683 -20.22 12.47 -28.14
CA ASP D 683 -20.01 11.04 -28.04
C ASP D 683 -19.98 10.62 -26.58
N PHE D 684 -20.22 9.33 -26.36
CA PHE D 684 -20.24 8.78 -25.02
C PHE D 684 -18.84 8.37 -24.59
N ALA D 685 -18.54 8.57 -23.31
CA ALA D 685 -17.27 8.16 -22.73
C ALA D 685 -17.40 6.72 -22.27
N SER D 686 -16.71 5.81 -22.97
CA SER D 686 -16.75 4.38 -22.70
C SER D 686 -18.20 3.88 -22.61
N LEU D 687 -18.85 3.88 -23.77
CA LEU D 687 -20.28 3.60 -23.82
C LEU D 687 -20.60 2.20 -23.30
N TYR D 688 -19.92 1.18 -23.84
CA TYR D 688 -20.26 -0.19 -23.47
C TYR D 688 -19.96 -0.51 -22.01
N PRO D 689 -18.77 -0.19 -21.46
CA PRO D 689 -18.58 -0.43 -20.02
C PRO D 689 -19.57 0.32 -19.14
N SER D 690 -19.90 1.56 -19.49
CA SER D 690 -20.88 2.31 -18.72
C SER D 690 -22.27 1.67 -18.81
N ILE D 691 -22.61 1.11 -19.97
CA ILE D 691 -23.86 0.37 -20.10
C ILE D 691 -23.88 -0.81 -19.14
N ILE D 692 -22.80 -1.59 -19.14
CA ILE D 692 -22.69 -2.75 -18.26
C ILE D 692 -22.85 -2.32 -16.80
N GLN D 693 -22.16 -1.25 -16.42
CA GLN D 693 -22.22 -0.78 -15.03
C GLN D 693 -23.63 -0.32 -14.68
N ALA D 694 -24.25 0.50 -15.53
CA ALA D 694 -25.53 1.11 -15.22
C ALA D 694 -26.63 0.05 -15.13
N HIS D 695 -26.64 -0.90 -16.07
CA HIS D 695 -27.73 -1.88 -16.13
C HIS D 695 -27.36 -3.19 -15.45
N ASN D 696 -26.28 -3.22 -14.68
CA ASN D 696 -25.93 -4.36 -13.82
C ASN D 696 -25.83 -5.66 -14.61
N LEU D 697 -25.23 -5.59 -15.79
CA LEU D 697 -25.12 -6.75 -16.66
C LEU D 697 -23.99 -7.65 -16.19
N CYS D 698 -24.26 -8.96 -16.19
CA CYS D 698 -23.30 -9.95 -15.72
C CYS D 698 -23.87 -11.34 -16.01
N PHE D 699 -22.97 -12.34 -15.93
CA PHE D 699 -23.43 -13.73 -16.01
C PHE D 699 -24.44 -14.04 -14.92
N SER D 700 -24.20 -13.54 -13.71
CA SER D 700 -25.01 -13.88 -12.55
C SER D 700 -26.30 -13.09 -12.44
N THR D 701 -26.44 -12.00 -13.20
CA THR D 701 -27.64 -11.17 -13.14
C THR D 701 -28.60 -11.44 -14.29
N LEU D 702 -28.24 -12.34 -15.21
CA LEU D 702 -29.07 -12.68 -16.35
C LEU D 702 -30.05 -13.78 -15.99
N SER D 703 -31.16 -13.82 -16.72
CA SER D 703 -32.09 -14.94 -16.64
C SER D 703 -32.83 -15.05 -17.97
N LEU D 704 -33.13 -16.29 -18.36
CA LEU D 704 -33.79 -16.57 -19.63
C LEU D 704 -35.26 -16.93 -19.47
N ARG D 705 -35.75 -17.02 -18.24
CA ARG D 705 -37.11 -17.50 -17.97
C ARG D 705 -37.78 -16.56 -16.98
N ALA D 706 -39.05 -16.26 -17.25
CA ALA D 706 -39.79 -15.30 -16.43
C ALA D 706 -39.96 -15.80 -15.00
N ASP D 707 -40.27 -17.09 -14.83
CA ASP D 707 -40.52 -17.65 -13.51
C ASP D 707 -39.35 -17.46 -12.55
N ALA D 708 -38.13 -17.26 -13.08
CA ALA D 708 -37.00 -16.95 -12.20
C ALA D 708 -37.13 -15.56 -11.60
N VAL D 709 -37.57 -14.59 -12.41
CA VAL D 709 -37.70 -13.21 -11.96
C VAL D 709 -39.16 -12.83 -11.72
N ALA D 710 -40.07 -13.81 -11.71
CA ALA D 710 -41.50 -13.55 -11.56
C ALA D 710 -41.89 -13.19 -10.13
N HIS D 711 -40.95 -13.22 -9.18
CA HIS D 711 -41.25 -12.92 -7.79
C HIS D 711 -40.78 -11.52 -7.39
N LEU D 712 -40.39 -10.69 -8.34
CA LEU D 712 -39.95 -9.33 -8.05
C LEU D 712 -40.73 -8.34 -8.90
N GLU D 713 -40.76 -7.10 -8.43
CA GLU D 713 -41.50 -6.03 -9.09
C GLU D 713 -40.73 -5.57 -10.33
N ALA D 714 -41.42 -5.54 -11.46
CA ALA D 714 -40.78 -5.14 -12.72
C ALA D 714 -40.29 -3.69 -12.63
N GLY D 715 -39.32 -3.38 -13.48
CA GLY D 715 -38.75 -2.05 -13.54
C GLY D 715 -37.89 -1.67 -12.34
N LYS D 716 -38.41 -1.85 -11.13
CA LYS D 716 -37.66 -1.45 -9.94
C LYS D 716 -36.68 -2.53 -9.48
N ASP D 717 -36.97 -3.81 -9.77
CA ASP D 717 -36.10 -4.90 -9.33
C ASP D 717 -35.37 -5.59 -10.47
N TYR D 718 -35.89 -5.55 -11.69
CA TYR D 718 -35.19 -6.13 -12.82
C TYR D 718 -35.49 -5.32 -14.08
N LEU D 719 -34.71 -5.59 -15.12
CA LEU D 719 -34.86 -4.94 -16.41
C LEU D 719 -35.26 -6.00 -17.44
N GLU D 720 -36.45 -5.82 -18.03
CA GLU D 720 -36.90 -6.65 -19.13
C GLU D 720 -36.48 -6.01 -20.44
N ILE D 721 -35.85 -6.78 -21.33
CA ILE D 721 -35.41 -6.25 -22.60
C ILE D 721 -35.47 -7.36 -23.65
N GLU D 722 -35.78 -6.98 -24.88
CA GLU D 722 -35.84 -7.91 -25.99
C GLU D 722 -34.59 -7.70 -26.85
N VAL D 723 -33.81 -8.75 -27.05
CA VAL D 723 -32.55 -8.62 -27.78
C VAL D 723 -32.57 -9.49 -29.03
N GLY D 724 -32.09 -10.73 -28.92
CA GLY D 724 -32.05 -11.61 -30.06
C GLY D 724 -33.39 -12.21 -30.42
N GLY D 725 -34.41 -11.37 -30.55
CA GLY D 725 -35.75 -11.86 -30.81
C GLY D 725 -36.27 -12.78 -29.74
N ARG D 726 -35.85 -12.56 -28.49
CA ARG D 726 -36.27 -13.37 -27.35
C ARG D 726 -36.10 -12.53 -26.10
N ARG D 727 -37.02 -12.73 -25.15
CA ARG D 727 -37.04 -11.90 -23.95
C ARG D 727 -35.88 -12.27 -23.02
N LEU D 728 -35.24 -11.24 -22.46
CA LEU D 728 -34.15 -11.40 -21.51
C LEU D 728 -34.45 -10.54 -20.28
N PHE D 729 -34.03 -11.05 -19.12
CA PHE D 729 -34.18 -10.35 -17.85
C PHE D 729 -32.81 -10.15 -17.23
N PHE D 730 -32.54 -8.92 -16.79
CA PHE D 730 -31.32 -8.60 -16.06
C PHE D 730 -31.72 -8.01 -14.71
N VAL D 731 -31.56 -8.79 -13.65
CA VAL D 731 -31.93 -8.33 -12.31
C VAL D 731 -31.12 -7.09 -11.97
N LYS D 732 -31.75 -6.14 -11.29
CA LYS D 732 -31.09 -4.88 -10.99
C LYS D 732 -30.03 -5.07 -9.91
N ALA D 733 -29.39 -3.96 -9.51
CA ALA D 733 -28.20 -4.04 -8.69
C ALA D 733 -28.48 -4.54 -7.28
N HIS D 734 -29.50 -3.96 -6.63
CA HIS D 734 -29.75 -4.27 -5.22
C HIS D 734 -30.17 -5.71 -4.99
N VAL D 735 -30.56 -6.44 -6.04
CA VAL D 735 -30.89 -7.85 -5.89
C VAL D 735 -29.61 -8.67 -5.85
N ARG D 736 -28.88 -8.69 -6.96
CA ARG D 736 -27.60 -9.38 -7.06
C ARG D 736 -26.66 -8.49 -7.85
N GLU D 737 -25.55 -8.09 -7.22
CA GLU D 737 -24.63 -7.18 -7.87
C GLU D 737 -23.85 -7.88 -8.97
N SER D 738 -23.62 -7.16 -10.06
CA SER D 738 -22.93 -7.70 -11.23
C SER D 738 -21.44 -7.79 -10.96
N LEU D 739 -20.85 -8.95 -11.28
CA LEU D 739 -19.40 -9.09 -11.15
C LEU D 739 -18.67 -8.18 -12.13
N LEU D 740 -19.14 -8.12 -13.37
CA LEU D 740 -18.52 -7.26 -14.37
C LEU D 740 -18.61 -5.79 -13.96
N SER D 741 -19.77 -5.38 -13.42
CA SER D 741 -19.91 -4.01 -12.95
C SER D 741 -18.92 -3.69 -11.84
N ILE D 742 -18.67 -4.66 -10.95
CA ILE D 742 -17.73 -4.44 -9.86
C ILE D 742 -16.32 -4.31 -10.42
N LEU D 743 -15.92 -5.22 -11.31
CA LEU D 743 -14.62 -5.14 -11.94
C LEU D 743 -14.42 -3.78 -12.60
N LEU D 744 -15.41 -3.33 -13.36
CA LEU D 744 -15.29 -2.09 -14.11
C LEU D 744 -15.21 -0.88 -13.18
N ARG D 745 -16.08 -0.83 -12.16
CA ARG D 745 -16.06 0.30 -11.23
C ARG D 745 -14.73 0.38 -10.49
N ASP D 746 -14.24 -0.77 -9.99
CA ASP D 746 -12.99 -0.76 -9.23
C ASP D 746 -11.82 -0.34 -10.12
N TRP D 747 -11.73 -0.93 -11.32
CA TRP D 747 -10.66 -0.55 -12.24
C TRP D 747 -10.72 0.93 -12.57
N LEU D 748 -11.93 1.46 -12.80
CA LEU D 748 -12.07 2.87 -13.18
C LEU D 748 -11.65 3.79 -12.03
N ALA D 749 -12.09 3.49 -10.81
CA ALA D 749 -11.68 4.30 -9.67
C ALA D 749 -10.18 4.26 -9.46
N MET D 750 -9.57 3.08 -9.67
CA MET D 750 -8.12 2.97 -9.54
C MET D 750 -7.40 3.80 -10.59
N ARG D 751 -7.87 3.72 -11.84
CA ARG D 751 -7.29 4.54 -12.91
C ARG D 751 -7.40 6.03 -12.57
N LYS D 752 -8.58 6.46 -12.11
CA LYS D 752 -8.75 7.86 -11.77
C LYS D 752 -7.81 8.29 -10.66
N GLN D 753 -7.63 7.44 -9.64
CA GLN D 753 -6.71 7.77 -8.56
C GLN D 753 -5.28 7.93 -9.07
N ILE D 754 -4.79 6.92 -9.81
CA ILE D 754 -3.39 6.98 -10.21
C ILE D 754 -3.15 8.11 -11.20
N ARG D 755 -4.16 8.43 -12.04
CA ARG D 755 -4.00 9.59 -12.91
C ARG D 755 -4.08 10.90 -12.13
N SER D 756 -4.80 10.90 -11.01
CA SER D 756 -4.78 12.04 -10.11
C SER D 756 -3.47 12.17 -9.38
N ARG D 757 -2.62 11.15 -9.41
CA ARG D 757 -1.30 11.25 -8.79
C ARG D 757 -0.19 11.66 -9.76
N ILE D 758 -0.48 11.75 -11.05
CA ILE D 758 0.55 12.08 -12.04
C ILE D 758 1.21 13.44 -11.78
N PRO D 759 0.45 14.55 -11.56
CA PRO D 759 1.11 15.86 -11.38
C PRO D 759 2.22 15.88 -10.34
N GLN D 760 1.89 15.63 -9.07
CA GLN D 760 2.88 15.70 -8.00
C GLN D 760 3.84 14.52 -7.98
N SER D 761 4.23 14.02 -9.15
CA SER D 761 5.12 12.88 -9.26
C SER D 761 6.27 13.21 -10.20
N SER D 762 7.46 12.74 -9.85
CA SER D 762 8.61 12.88 -10.71
C SER D 762 8.35 12.20 -12.05
N PRO D 763 8.89 12.75 -13.15
CA PRO D 763 8.65 12.11 -14.46
C PRO D 763 9.06 10.64 -14.48
N GLU D 764 10.14 10.30 -13.76
CA GLU D 764 10.51 8.91 -13.55
C GLU D 764 9.31 8.09 -13.06
N GLU D 765 8.64 8.60 -12.02
CA GLU D 765 7.44 7.93 -11.53
C GLU D 765 6.28 8.07 -12.52
N ALA D 766 6.25 9.18 -13.27
CA ALA D 766 5.13 9.44 -14.16
C ALA D 766 5.06 8.43 -15.30
N VAL D 767 6.22 7.94 -15.76
CA VAL D 767 6.22 6.91 -16.80
C VAL D 767 5.53 5.64 -16.29
N LEU D 768 5.88 5.20 -15.08
CA LEU D 768 5.24 4.03 -14.48
C LEU D 768 3.75 4.26 -14.31
N LEU D 769 3.37 5.44 -13.81
CA LEU D 769 1.96 5.74 -13.63
C LEU D 769 1.19 5.68 -14.95
N ASP D 770 1.79 6.21 -16.02
CA ASP D 770 1.14 6.18 -17.32
C ASP D 770 0.96 4.74 -17.82
N LYS D 771 1.99 3.91 -17.65
CA LYS D 771 1.86 2.50 -18.01
C LYS D 771 0.73 1.84 -17.21
N GLN D 772 0.62 2.18 -15.92
CA GLN D 772 -0.43 1.63 -15.07
C GLN D 772 -1.82 1.97 -15.61
N GLN D 773 -2.07 3.27 -15.85
CA GLN D 773 -3.37 3.68 -16.33
C GLN D 773 -3.68 3.09 -17.71
N ALA D 774 -2.65 2.94 -18.55
CA ALA D 774 -2.84 2.31 -19.85
C ALA D 774 -3.33 0.87 -19.70
N ALA D 775 -2.67 0.10 -18.83
CA ALA D 775 -3.09 -1.28 -18.59
C ALA D 775 -4.54 -1.34 -18.09
N ILE D 776 -4.89 -0.44 -17.16
CA ILE D 776 -6.25 -0.43 -16.62
C ILE D 776 -7.25 -0.19 -17.75
N LYS D 777 -7.01 0.82 -18.59
CA LYS D 777 -7.92 1.10 -19.70
C LYS D 777 -8.00 -0.09 -20.65
N VAL D 778 -6.88 -0.78 -20.87
CA VAL D 778 -6.88 -1.95 -21.74
C VAL D 778 -7.87 -2.99 -21.23
N VAL D 779 -7.75 -3.38 -19.96
CA VAL D 779 -8.64 -4.45 -19.47
C VAL D 779 -10.09 -3.98 -19.43
N CYS D 780 -10.31 -2.69 -19.10
CA CYS D 780 -11.67 -2.17 -19.08
C CYS D 780 -12.33 -2.29 -20.44
N ASN D 781 -11.64 -1.84 -21.50
CA ASN D 781 -12.20 -1.99 -22.84
C ASN D 781 -12.19 -3.43 -23.33
N SER D 782 -11.45 -4.33 -22.66
CA SER D 782 -11.43 -5.73 -23.05
C SER D 782 -12.59 -6.54 -22.48
N VAL D 783 -13.24 -6.03 -21.42
CA VAL D 783 -14.35 -6.77 -20.79
C VAL D 783 -15.40 -7.22 -21.81
N TYR D 784 -16.01 -6.26 -22.52
CA TYR D 784 -17.12 -6.58 -23.44
C TYR D 784 -16.68 -7.59 -24.49
N GLY D 785 -15.53 -7.34 -25.12
CA GLY D 785 -14.99 -8.30 -26.08
C GLY D 785 -14.90 -9.69 -25.50
N PHE D 786 -14.33 -9.81 -24.29
CA PHE D 786 -14.29 -11.10 -23.60
C PHE D 786 -15.68 -11.72 -23.53
N THR D 787 -16.69 -10.91 -23.22
CA THR D 787 -18.05 -11.45 -23.13
C THR D 787 -18.54 -11.96 -24.48
N GLY D 788 -18.10 -11.36 -25.57
CA GLY D 788 -18.65 -11.71 -26.88
C GLY D 788 -17.90 -12.73 -27.73
N VAL D 789 -17.11 -13.60 -27.11
CA VAL D 789 -16.29 -14.58 -27.85
C VAL D 789 -17.02 -15.91 -27.79
N GLN D 790 -17.84 -16.19 -28.81
CA GLN D 790 -18.54 -17.46 -28.88
C GLN D 790 -17.54 -18.62 -28.91
N HIS D 791 -17.79 -19.62 -28.07
CA HIS D 791 -16.97 -20.82 -27.90
C HIS D 791 -15.62 -20.53 -27.25
N GLY D 792 -15.42 -19.33 -26.72
CA GLY D 792 -14.24 -19.04 -25.93
C GLY D 792 -14.41 -19.51 -24.50
N LEU D 793 -13.53 -19.01 -23.63
CA LEU D 793 -13.63 -19.33 -22.20
C LEU D 793 -14.67 -18.43 -21.55
N LEU D 794 -15.58 -19.06 -20.81
CA LEU D 794 -16.68 -18.38 -20.13
C LEU D 794 -17.38 -17.35 -21.03
N PRO D 795 -17.98 -17.79 -22.14
CA PRO D 795 -18.68 -16.86 -23.02
C PRO D 795 -20.13 -16.66 -22.63
N CYS D 796 -20.66 -15.49 -22.98
CA CYS D 796 -22.08 -15.20 -22.78
C CYS D 796 -22.48 -14.14 -23.80
N LEU D 797 -22.86 -14.60 -24.99
CA LEU D 797 -23.24 -13.69 -26.06
C LEU D 797 -24.47 -12.86 -25.71
N HIS D 798 -25.30 -13.35 -24.77
CA HIS D 798 -26.48 -12.59 -24.35
C HIS D 798 -26.07 -11.22 -23.80
N VAL D 799 -25.01 -11.18 -22.99
CA VAL D 799 -24.56 -9.91 -22.41
C VAL D 799 -24.10 -8.96 -23.49
N ALA D 800 -23.28 -9.44 -24.43
CA ALA D 800 -22.78 -8.59 -25.50
C ALA D 800 -23.92 -8.06 -26.36
N ALA D 801 -24.86 -8.93 -26.73
CA ALA D 801 -25.98 -8.50 -27.54
C ALA D 801 -26.85 -7.51 -26.79
N THR D 802 -27.03 -7.70 -25.48
CA THR D 802 -27.76 -6.72 -24.68
C THR D 802 -27.04 -5.37 -24.68
N VAL D 803 -25.71 -5.38 -24.59
CA VAL D 803 -24.95 -4.14 -24.60
C VAL D 803 -25.16 -3.41 -25.92
N THR D 804 -25.04 -4.14 -27.04
CA THR D 804 -25.22 -3.51 -28.35
C THR D 804 -26.64 -2.99 -28.54
N THR D 805 -27.64 -3.75 -28.07
CA THR D 805 -29.03 -3.30 -28.18
C THR D 805 -29.26 -2.04 -27.36
N ILE D 806 -28.73 -2.00 -26.14
CA ILE D 806 -28.86 -0.80 -25.31
C ILE D 806 -28.17 0.37 -25.99
N GLY D 807 -27.02 0.13 -26.62
CA GLY D 807 -26.33 1.21 -27.32
C GLY D 807 -27.15 1.76 -28.47
N ARG D 808 -27.73 0.88 -29.28
CA ARG D 808 -28.62 1.32 -30.35
C ARG D 808 -29.80 2.14 -29.81
N GLU D 809 -30.46 1.61 -28.77
CA GLU D 809 -31.59 2.33 -28.18
C GLU D 809 -31.16 3.71 -27.69
N MET D 810 -30.01 3.79 -27.02
CA MET D 810 -29.53 5.06 -26.48
C MET D 810 -29.22 6.06 -27.58
N LEU D 811 -28.57 5.61 -28.65
CA LEU D 811 -28.27 6.51 -29.77
C LEU D 811 -29.56 7.04 -30.40
N LEU D 812 -30.51 6.14 -30.67
CA LEU D 812 -31.79 6.56 -31.23
C LEU D 812 -32.48 7.57 -30.32
N ALA D 813 -32.50 7.29 -29.01
CA ALA D 813 -33.20 8.16 -28.08
C ALA D 813 -32.53 9.53 -27.99
N THR D 814 -31.20 9.56 -27.99
CA THR D 814 -30.49 10.84 -27.97
C THR D 814 -30.81 11.67 -29.21
N ARG D 815 -30.74 11.03 -30.39
CA ARG D 815 -31.10 11.75 -31.62
C ARG D 815 -32.50 12.32 -31.55
N GLU D 816 -33.48 11.47 -31.21
CA GLU D 816 -34.87 11.92 -31.18
C GLU D 816 -35.10 12.99 -30.13
N TYR D 817 -34.40 12.91 -28.99
CA TYR D 817 -34.55 13.94 -27.96
C TYR D 817 -34.02 15.28 -28.47
N VAL D 818 -32.85 15.30 -29.09
CA VAL D 818 -32.34 16.55 -29.64
C VAL D 818 -33.30 17.11 -30.67
N HIS D 819 -33.80 16.24 -31.57
CA HIS D 819 -34.74 16.66 -32.60
C HIS D 819 -35.98 17.30 -31.98
N ALA D 820 -36.60 16.62 -31.02
CA ALA D 820 -37.90 17.05 -30.52
C ALA D 820 -37.79 18.23 -29.57
N ARG D 821 -36.71 18.32 -28.80
CA ARG D 821 -36.61 19.36 -27.79
C ARG D 821 -35.92 20.62 -28.30
N TRP D 822 -35.08 20.52 -29.33
CA TRP D 822 -34.34 21.69 -29.81
C TRP D 822 -34.56 21.93 -31.29
N ALA D 823 -35.75 21.62 -31.79
CA ALA D 823 -36.08 22.01 -33.16
C ALA D 823 -36.33 23.52 -33.26
N ALA D 824 -36.89 24.10 -32.22
CA ALA D 824 -37.19 25.52 -32.16
C ALA D 824 -36.12 26.25 -31.35
N PHE D 825 -35.64 27.38 -31.88
CA PHE D 825 -34.67 28.20 -31.18
C PHE D 825 -35.18 28.68 -29.82
N GLU D 826 -36.50 28.73 -29.64
CA GLU D 826 -37.08 29.10 -28.34
C GLU D 826 -36.46 28.30 -27.21
N GLN D 827 -36.43 26.97 -27.34
CA GLN D 827 -35.90 26.13 -26.27
C GLN D 827 -34.40 26.31 -26.10
N LEU D 828 -33.66 26.45 -27.21
CA LEU D 828 -32.22 26.65 -27.13
C LEU D 828 -31.89 27.93 -26.36
N LEU D 829 -32.69 28.98 -26.56
CA LEU D 829 -32.48 30.19 -25.77
C LEU D 829 -32.96 30.02 -24.33
N ALA D 830 -34.05 29.29 -24.13
CA ALA D 830 -34.59 29.10 -22.78
C ALA D 830 -33.60 28.38 -21.88
N ASP D 831 -33.12 27.21 -22.31
CA ASP D 831 -32.24 26.41 -21.46
C ASP D 831 -30.90 27.08 -21.23
N PHE D 832 -30.33 27.71 -22.26
CA PHE D 832 -28.98 28.26 -22.17
C PHE D 832 -28.95 29.74 -22.51
N PRO D 833 -28.67 30.63 -21.55
CA PRO D 833 -28.49 32.04 -21.86
C PRO D 833 -27.16 32.30 -22.57
N GLU D 834 -26.94 31.61 -23.68
CA GLU D 834 -25.69 31.71 -24.43
C GLU D 834 -25.88 31.86 -25.93
N ALA D 835 -27.08 31.61 -26.46
CA ALA D 835 -27.34 31.76 -27.88
C ALA D 835 -27.44 33.21 -28.32
N ALA D 836 -27.50 34.16 -27.38
CA ALA D 836 -27.49 35.57 -27.74
C ALA D 836 -26.26 35.92 -28.58
N ASP D 837 -25.07 35.61 -28.06
CA ASP D 837 -23.83 35.85 -28.79
C ASP D 837 -23.48 34.70 -29.72
N MET D 838 -24.49 34.00 -30.23
CA MET D 838 -24.22 32.87 -31.13
C MET D 838 -25.26 32.68 -32.22
N ARG D 839 -26.23 33.58 -32.36
CA ARG D 839 -27.24 33.47 -33.41
C ARG D 839 -26.65 33.85 -34.76
N ALA D 840 -26.74 32.95 -35.72
CA ALA D 840 -26.17 33.17 -37.05
C ALA D 840 -27.19 33.87 -37.95
N PRO D 841 -26.74 34.37 -39.12
CA PRO D 841 -27.68 35.03 -40.05
C PRO D 841 -28.91 34.20 -40.41
N GLY D 842 -28.70 33.02 -40.98
CA GLY D 842 -29.77 32.24 -41.56
C GLY D 842 -30.79 31.74 -40.56
N PRO D 843 -31.75 30.93 -41.03
CA PRO D 843 -32.77 30.40 -40.13
C PRO D 843 -32.20 29.30 -39.25
N TYR D 844 -32.86 29.08 -38.12
CA TYR D 844 -32.39 28.13 -37.12
C TYR D 844 -32.92 26.73 -37.41
N SER D 845 -32.01 25.77 -37.44
CA SER D 845 -32.37 24.36 -37.51
C SER D 845 -31.34 23.58 -36.72
N MET D 846 -31.77 22.43 -36.17
CA MET D 846 -30.87 21.54 -35.44
C MET D 846 -31.30 20.12 -35.75
N ARG D 847 -30.46 19.39 -36.48
CA ARG D 847 -30.80 18.05 -36.94
C ARG D 847 -29.56 17.18 -36.86
N ILE D 848 -29.73 15.95 -36.39
CA ILE D 848 -28.66 14.97 -36.45
C ILE D 848 -28.35 14.68 -37.91
N ILE D 849 -27.07 14.83 -38.27
CA ILE D 849 -26.64 14.55 -39.62
C ILE D 849 -25.87 13.22 -39.71
N TYR D 850 -25.16 12.80 -38.67
CA TYR D 850 -24.43 11.54 -38.73
C TYR D 850 -24.42 10.88 -37.36
N GLY D 851 -24.23 9.56 -37.36
CA GLY D 851 -24.12 8.81 -36.12
C GLY D 851 -23.47 7.45 -36.31
N ASP D 852 -22.61 7.05 -35.37
CA ASP D 852 -21.90 5.78 -35.49
C ASP D 852 -21.67 5.21 -34.10
N THR D 853 -22.34 4.09 -33.78
CA THR D 853 -22.11 3.33 -32.57
C THR D 853 -22.37 4.13 -31.30
N ASP D 854 -21.56 5.16 -31.07
CA ASP D 854 -21.63 5.96 -29.84
C ASP D 854 -21.35 7.42 -30.13
N SER D 855 -21.63 7.87 -31.35
CA SER D 855 -21.32 9.23 -31.76
C SER D 855 -22.56 9.85 -32.37
N ILE D 856 -22.63 11.17 -32.30
CA ILE D 856 -23.68 11.95 -32.95
C ILE D 856 -23.04 13.22 -33.47
N PHE D 857 -23.21 13.47 -34.77
CA PHE D 857 -22.80 14.69 -35.42
C PHE D 857 -24.07 15.43 -35.76
N VAL D 858 -24.23 16.63 -35.20
CA VAL D 858 -25.44 17.43 -35.28
C VAL D 858 -25.14 18.72 -36.03
N LEU D 859 -26.04 19.08 -36.94
CA LEU D 859 -25.89 20.27 -37.76
C LEU D 859 -26.49 21.48 -37.05
N CYS D 860 -25.78 22.61 -37.13
CA CYS D 860 -26.21 23.82 -36.43
C CYS D 860 -26.39 24.95 -37.42
N ARG D 861 -27.30 24.74 -38.38
CA ARG D 861 -27.69 25.79 -39.30
C ARG D 861 -28.44 26.88 -38.54
N GLY D 862 -27.97 28.12 -38.64
CA GLY D 862 -28.53 29.21 -37.89
C GLY D 862 -27.81 29.55 -36.60
N LEU D 863 -26.69 28.88 -36.31
CA LEU D 863 -25.89 29.18 -35.13
C LEU D 863 -24.44 29.38 -35.54
N THR D 864 -23.75 30.27 -34.80
CA THR D 864 -22.35 30.56 -35.04
C THR D 864 -21.47 29.64 -34.20
N ALA D 865 -20.41 29.13 -34.81
CA ALA D 865 -19.43 28.30 -34.10
C ALA D 865 -18.48 29.12 -33.23
N ALA D 866 -18.99 30.16 -32.56
CA ALA D 866 -18.15 31.01 -31.71
C ALA D 866 -17.75 30.24 -30.46
N GLY D 867 -18.69 30.05 -29.55
CA GLY D 867 -18.47 29.26 -28.36
C GLY D 867 -19.38 28.06 -28.36
N LEU D 868 -19.61 27.52 -29.56
CA LEU D 868 -20.49 26.36 -29.72
C LEU D 868 -20.02 25.16 -28.90
N THR D 869 -18.70 24.99 -28.75
CA THR D 869 -18.18 23.92 -27.90
C THR D 869 -18.65 24.08 -26.46
N ALA D 870 -18.50 25.28 -25.91
CA ALA D 870 -18.79 25.50 -24.50
C ALA D 870 -20.28 25.42 -24.19
N MET D 871 -21.13 25.54 -25.21
CA MET D 871 -22.56 25.32 -25.02
C MET D 871 -22.95 23.87 -25.28
N GLY D 872 -22.25 23.20 -26.20
CA GLY D 872 -22.48 21.77 -26.39
C GLY D 872 -22.07 20.94 -25.19
N ASP D 873 -21.11 21.45 -24.40
CA ASP D 873 -20.81 20.80 -23.12
C ASP D 873 -22.06 20.73 -22.24
N LYS D 874 -22.70 21.88 -22.00
CA LYS D 874 -23.93 21.92 -21.22
C LYS D 874 -25.03 21.11 -21.89
N MET D 875 -25.08 21.12 -23.22
CA MET D 875 -26.06 20.32 -23.95
C MET D 875 -25.93 18.84 -23.61
N ALA D 876 -24.71 18.31 -23.74
CA ALA D 876 -24.48 16.90 -23.46
C ALA D 876 -24.75 16.58 -21.99
N SER D 877 -24.36 17.48 -21.09
CA SER D 877 -24.68 17.29 -19.68
C SER D 877 -26.19 17.19 -19.46
N HIS D 878 -26.95 18.09 -20.08
CA HIS D 878 -28.41 18.08 -19.99
C HIS D 878 -28.98 16.77 -20.49
N ILE D 879 -28.55 16.32 -21.67
CA ILE D 879 -29.06 15.08 -22.23
C ILE D 879 -28.74 13.91 -21.31
N SER D 880 -27.53 13.88 -20.75
CA SER D 880 -27.14 12.80 -19.84
C SER D 880 -28.03 12.79 -18.61
N ARG D 881 -28.25 13.96 -18.00
CA ARG D 881 -29.13 14.02 -16.83
C ARG D 881 -30.53 13.54 -17.17
N ALA D 882 -31.04 13.93 -18.34
CA ALA D 882 -32.45 13.73 -18.65
C ALA D 882 -32.78 12.37 -19.24
N LEU D 883 -31.79 11.62 -19.73
CA LEU D 883 -32.10 10.40 -20.45
C LEU D 883 -31.47 9.13 -19.89
N PHE D 884 -30.31 9.22 -19.23
CA PHE D 884 -29.54 8.02 -18.96
C PHE D 884 -29.11 7.95 -17.50
N LEU D 885 -29.13 6.74 -16.95
CA LEU D 885 -28.64 6.45 -15.61
C LEU D 885 -27.12 6.45 -15.59
N PRO D 886 -26.52 6.84 -14.46
CA PRO D 886 -25.06 6.83 -14.36
C PRO D 886 -24.53 5.40 -14.40
N PRO D 887 -23.23 5.21 -14.74
CA PRO D 887 -22.23 6.23 -15.02
C PRO D 887 -22.19 6.66 -16.49
N ILE D 888 -23.27 6.40 -17.23
CA ILE D 888 -23.35 6.84 -18.61
C ILE D 888 -23.12 8.34 -18.69
N LYS D 889 -22.26 8.76 -19.60
CA LYS D 889 -21.90 10.16 -19.72
C LYS D 889 -21.74 10.54 -21.19
N LEU D 890 -22.41 11.60 -21.59
CA LEU D 890 -22.30 12.15 -22.93
C LEU D 890 -21.44 13.40 -22.87
N GLU D 891 -20.45 13.50 -23.77
CA GLU D 891 -19.54 14.63 -23.81
C GLU D 891 -19.57 15.27 -25.19
N CYS D 892 -19.23 16.56 -25.22
CA CYS D 892 -19.05 17.30 -26.46
C CYS D 892 -17.55 17.30 -26.77
N GLU D 893 -17.16 16.65 -27.86
CA GLU D 893 -15.76 16.43 -28.19
C GLU D 893 -15.23 17.40 -29.24
N LYS D 894 -15.96 17.57 -30.34
CA LYS D 894 -15.45 18.29 -31.49
C LYS D 894 -16.51 19.23 -32.06
N THR D 895 -16.03 20.30 -32.70
CA THR D 895 -16.88 21.17 -33.51
C THR D 895 -16.14 21.45 -34.81
N PHE D 896 -16.73 21.05 -35.93
CA PHE D 896 -16.10 21.25 -37.23
C PHE D 896 -16.59 22.54 -37.87
N THR D 897 -15.69 23.18 -38.62
CA THR D 897 -16.09 24.33 -39.42
C THR D 897 -16.68 23.88 -40.75
N LYS D 898 -16.02 22.93 -41.43
CA LYS D 898 -16.54 22.30 -42.62
C LYS D 898 -16.33 20.79 -42.51
N LEU D 899 -17.24 20.03 -43.12
CA LEU D 899 -17.18 18.58 -42.99
C LEU D 899 -17.76 17.92 -44.24
N LEU D 900 -17.14 16.83 -44.67
CA LEU D 900 -17.53 16.13 -45.89
C LEU D 900 -18.04 14.74 -45.53
N LEU D 901 -19.37 14.56 -45.59
CA LEU D 901 -19.97 13.24 -45.38
C LEU D 901 -19.94 12.47 -46.70
N ILE D 902 -19.01 11.52 -46.80
CA ILE D 902 -18.87 10.74 -48.02
C ILE D 902 -19.84 9.56 -48.03
N ALA D 903 -19.68 8.64 -47.09
CA ALA D 903 -20.53 7.45 -47.01
C ALA D 903 -20.50 6.94 -45.58
N LYS D 904 -21.09 5.77 -45.35
CA LYS D 904 -21.09 5.16 -44.03
C LYS D 904 -19.66 4.86 -43.58
N LYS D 905 -19.32 5.36 -42.39
CA LYS D 905 -18.02 5.11 -41.75
C LYS D 905 -16.87 5.68 -42.57
N LYS D 906 -17.13 6.72 -43.35
CA LYS D 906 -16.10 7.38 -44.14
C LYS D 906 -16.40 8.87 -44.17
N TYR D 907 -15.46 9.69 -43.69
CA TYR D 907 -15.67 11.13 -43.67
C TYR D 907 -14.37 11.85 -43.35
N ILE D 908 -14.30 13.10 -43.79
CA ILE D 908 -13.16 13.98 -43.58
C ILE D 908 -13.70 15.36 -43.21
N GLY D 909 -13.05 16.00 -42.25
CA GLY D 909 -13.52 17.29 -41.76
C GLY D 909 -12.40 18.13 -41.20
N VAL D 910 -12.69 19.41 -41.02
CA VAL D 910 -11.76 20.36 -40.41
C VAL D 910 -12.36 20.81 -39.08
N ILE D 911 -11.66 20.52 -37.99
CA ILE D 911 -12.13 20.92 -36.67
C ILE D 911 -11.93 22.41 -36.47
N TYR D 912 -12.79 23.02 -35.67
CA TYR D 912 -12.61 24.40 -35.26
C TYR D 912 -11.28 24.54 -34.52
N GLY D 913 -10.24 24.98 -35.22
CA GLY D 913 -8.93 25.14 -34.63
C GLY D 913 -7.84 24.77 -35.62
N GLY D 914 -8.24 24.56 -36.88
CA GLY D 914 -7.31 24.26 -37.94
C GLY D 914 -6.89 22.81 -38.06
N LYS D 915 -7.24 21.95 -37.10
CA LYS D 915 -6.82 20.55 -37.15
C LYS D 915 -7.78 19.74 -38.02
N MET D 916 -7.20 18.92 -38.90
CA MET D 916 -7.95 18.08 -39.82
C MET D 916 -8.21 16.70 -39.21
N LEU D 917 -9.25 16.04 -39.73
CA LEU D 917 -9.67 14.72 -39.27
C LEU D 917 -10.04 13.89 -40.49
N ILE D 918 -9.41 12.73 -40.63
CA ILE D 918 -9.55 11.86 -41.81
C ILE D 918 -9.88 10.47 -41.33
N LYS D 919 -11.04 9.93 -41.74
CA LYS D 919 -11.44 8.61 -41.27
C LYS D 919 -12.12 7.82 -42.39
N GLY D 920 -11.72 6.56 -42.56
CA GLY D 920 -12.38 5.65 -43.46
C GLY D 920 -11.90 5.64 -44.88
N VAL D 921 -11.49 6.78 -45.42
CA VAL D 921 -11.17 6.86 -46.83
C VAL D 921 -9.89 6.11 -47.14
N ASP D 922 -9.67 5.87 -48.44
CA ASP D 922 -8.43 5.23 -48.89
C ASP D 922 -7.19 6.00 -48.46
N LEU D 923 -7.34 7.27 -48.08
CA LEU D 923 -6.19 8.06 -47.62
C LEU D 923 -5.58 7.45 -46.36
N VAL D 924 -6.39 7.17 -45.35
CA VAL D 924 -5.86 6.61 -44.11
C VAL D 924 -5.55 5.13 -44.24
N ARG D 925 -6.20 4.43 -45.16
CA ARG D 925 -5.92 3.01 -45.38
C ARG D 925 -4.54 2.90 -46.02
N LYS D 926 -3.54 2.56 -45.20
CA LYS D 926 -2.14 2.55 -45.62
C LYS D 926 -1.75 1.32 -46.42
N ASN D 927 -2.63 0.84 -47.31
CA ASN D 927 -2.31 -0.24 -48.22
C ASN D 927 -2.08 0.22 -49.65
N ASN D 928 -2.37 1.47 -49.97
CA ASN D 928 -2.31 2.00 -51.33
C ASN D 928 -0.97 2.70 -51.57
N CYS D 929 -0.76 3.12 -52.81
CA CYS D 929 0.50 3.72 -53.20
C CYS D 929 0.65 5.11 -52.58
N ALA D 930 1.87 5.39 -52.08
CA ALA D 930 2.13 6.64 -51.38
C ALA D 930 1.92 7.86 -52.28
N PHE D 931 2.17 7.71 -53.58
CA PHE D 931 1.99 8.84 -54.49
C PHE D 931 0.52 9.23 -54.58
N ILE D 932 -0.36 8.25 -54.79
CA ILE D 932 -1.80 8.53 -54.80
C ILE D 932 -2.24 9.10 -53.46
N ASN D 933 -1.62 8.67 -52.36
CA ASN D 933 -1.92 9.25 -51.06
C ASN D 933 -1.60 10.73 -51.03
N ARG D 934 -0.38 11.11 -51.43
CA ARG D 934 -0.02 12.53 -51.46
C ARG D 934 -0.95 13.31 -52.37
N THR D 935 -1.32 12.74 -53.52
CA THR D 935 -2.17 13.42 -54.47
C THR D 935 -3.56 13.69 -53.89
N SER D 936 -4.23 12.62 -53.43
CA SER D 936 -5.55 12.78 -52.81
C SER D 936 -5.48 13.71 -51.60
N ARG D 937 -4.37 13.66 -50.86
CA ARG D 937 -4.15 14.61 -49.78
C ARG D 937 -4.25 16.03 -50.29
N ALA D 938 -3.35 16.42 -51.20
CA ALA D 938 -3.38 17.75 -51.80
C ALA D 938 -4.78 18.13 -52.28
N LEU D 939 -5.49 17.19 -52.90
CA LEU D 939 -6.85 17.45 -53.36
C LEU D 939 -7.74 17.89 -52.20
N VAL D 940 -7.81 17.08 -51.15
CA VAL D 940 -8.67 17.40 -50.00
C VAL D 940 -8.20 18.69 -49.33
N ASP D 941 -6.89 18.84 -49.16
CA ASP D 941 -6.30 20.06 -48.62
C ASP D 941 -6.81 21.30 -49.35
N LEU D 942 -6.82 21.25 -50.68
CA LEU D 942 -7.35 22.36 -51.45
C LEU D 942 -8.84 22.54 -51.20
N LEU D 943 -9.60 21.44 -51.15
CA LEU D 943 -11.03 21.56 -50.90
C LEU D 943 -11.33 22.22 -49.56
N PHE D 944 -10.45 22.06 -48.57
CA PHE D 944 -10.72 22.61 -47.25
C PHE D 944 -9.94 23.87 -46.92
N TYR D 945 -8.73 24.06 -47.49
CA TYR D 945 -7.89 25.20 -47.15
C TYR D 945 -7.81 26.22 -48.28
N ASP D 946 -8.81 26.28 -49.16
CA ASP D 946 -8.83 27.28 -50.20
C ASP D 946 -10.26 27.80 -50.35
N ASP D 947 -10.43 29.12 -50.27
CA ASP D 947 -11.75 29.72 -50.32
C ASP D 947 -12.39 29.55 -51.69
N THR D 948 -11.58 29.56 -52.75
CA THR D 948 -12.13 29.46 -54.11
C THR D 948 -12.83 28.12 -54.31
N VAL D 949 -12.14 27.02 -53.96
CA VAL D 949 -12.74 25.70 -54.13
C VAL D 949 -13.88 25.50 -53.14
N SER D 950 -13.85 26.20 -52.00
CA SER D 950 -14.96 26.11 -51.05
C SER D 950 -16.22 26.75 -51.62
N GLY D 951 -16.11 27.97 -52.14
CA GLY D 951 -17.24 28.58 -52.83
C GLY D 951 -17.69 27.79 -54.03
N ALA D 952 -16.75 27.14 -54.72
CA ALA D 952 -17.13 26.29 -55.85
C ALA D 952 -17.95 25.11 -55.38
N ALA D 953 -17.50 24.43 -54.31
CA ALA D 953 -18.27 23.35 -53.71
C ALA D 953 -19.65 23.81 -53.30
N ALA D 954 -19.74 25.03 -52.75
CA ALA D 954 -21.06 25.60 -52.45
C ALA D 954 -21.90 25.70 -53.71
N ALA D 955 -21.27 26.06 -54.83
CA ALA D 955 -22.01 26.15 -56.09
C ALA D 955 -22.49 24.78 -56.58
N LEU D 956 -21.65 23.75 -56.46
CA LEU D 956 -22.07 22.40 -56.86
C LEU D 956 -23.26 21.89 -56.05
N ALA D 957 -23.35 22.26 -54.77
CA ALA D 957 -24.42 21.73 -53.93
C ALA D 957 -25.78 22.32 -54.28
N GLU D 958 -25.83 23.58 -54.71
CA GLU D 958 -27.11 24.25 -54.91
C GLU D 958 -27.98 23.58 -55.98
N ARG D 959 -27.38 22.95 -56.98
CA ARG D 959 -28.14 22.39 -58.09
C ARG D 959 -27.93 20.88 -58.19
N PRO D 960 -28.89 20.16 -58.80
CA PRO D 960 -28.78 18.69 -58.89
C PRO D 960 -27.61 18.24 -59.74
N ALA D 961 -27.37 16.92 -59.82
CA ALA D 961 -26.22 16.41 -60.56
C ALA D 961 -26.51 16.20 -62.04
N GLU D 962 -27.77 16.02 -62.43
CA GLU D 962 -28.07 15.86 -63.85
C GLU D 962 -27.90 17.18 -64.59
N GLU D 963 -28.30 18.29 -63.98
CA GLU D 963 -28.16 19.58 -64.64
C GLU D 963 -26.69 19.91 -64.88
N TRP D 964 -25.80 19.45 -63.99
CA TRP D 964 -24.39 19.75 -64.17
C TRP D 964 -23.71 18.87 -65.21
N LEU D 965 -24.32 17.75 -65.58
CA LEU D 965 -23.81 16.94 -66.68
C LEU D 965 -23.87 17.69 -68.00
N ALA D 966 -24.80 18.63 -68.13
CA ALA D 966 -24.95 19.43 -69.33
C ALA D 966 -24.42 20.85 -69.16
N ARG D 967 -24.00 21.20 -67.95
CA ARG D 967 -23.47 22.53 -67.63
C ARG D 967 -21.98 22.51 -67.31
N PRO D 968 -21.31 23.66 -67.28
CA PRO D 968 -19.89 23.70 -66.88
C PRO D 968 -19.71 23.96 -65.40
N LEU D 969 -18.58 23.46 -64.88
CA LEU D 969 -18.20 23.70 -63.50
C LEU D 969 -17.65 25.12 -63.34
N PRO D 970 -17.95 25.78 -62.22
CA PRO D 970 -17.48 27.16 -62.03
C PRO D 970 -15.96 27.21 -61.99
N GLU D 971 -15.42 28.42 -62.16
CA GLU D 971 -13.99 28.59 -62.39
C GLU D 971 -13.17 28.07 -61.22
N GLY D 972 -13.70 28.11 -60.00
CA GLY D 972 -12.92 27.71 -58.84
C GLY D 972 -12.37 26.29 -58.94
N LEU D 973 -13.19 25.36 -59.42
CA LEU D 973 -12.73 23.97 -59.52
C LEU D 973 -11.53 23.82 -60.42
N GLN D 974 -11.24 24.83 -61.25
CA GLN D 974 -10.04 24.81 -62.08
C GLN D 974 -8.81 24.47 -61.23
N ALA D 975 -8.77 25.00 -60.00
CA ALA D 975 -7.63 24.75 -59.11
C ALA D 975 -7.28 23.28 -59.05
N PHE D 976 -8.29 22.40 -59.03
CA PHE D 976 -8.07 20.96 -59.02
C PHE D 976 -7.13 20.54 -60.15
N GLY D 977 -7.51 20.89 -61.38
CA GLY D 977 -6.85 20.44 -62.60
C GLY D 977 -5.34 20.38 -62.55
N ALA D 978 -4.72 21.46 -62.11
CA ALA D 978 -3.26 21.50 -62.01
C ALA D 978 -2.75 20.26 -61.28
N VAL D 979 -3.11 20.14 -59.99
CA VAL D 979 -2.69 18.98 -59.21
C VAL D 979 -3.10 17.70 -59.93
N LEU D 980 -4.31 17.69 -60.48
CA LEU D 980 -4.78 16.52 -61.20
C LEU D 980 -3.91 16.22 -62.42
N VAL D 981 -3.61 17.24 -63.22
CA VAL D 981 -2.84 17.00 -64.45
C VAL D 981 -1.37 16.79 -64.15
N ASP D 982 -0.82 17.57 -63.20
CA ASP D 982 0.58 17.42 -62.80
C ASP D 982 0.89 15.98 -62.42
N ALA D 983 -0.07 15.29 -61.80
CA ALA D 983 0.09 13.88 -61.47
C ALA D 983 0.69 13.10 -62.63
N HIS D 984 0.08 13.23 -63.82
CA HIS D 984 0.55 12.47 -64.98
C HIS D 984 2.05 12.65 -65.18
N ARG D 985 2.54 13.88 -65.04
CA ARG D 985 3.97 14.15 -65.10
C ARG D 985 4.70 13.18 -64.18
N ARG D 986 4.47 13.32 -62.87
CA ARG D 986 5.16 12.49 -61.89
C ARG D 986 4.97 11.01 -62.16
N ILE D 987 3.94 10.62 -62.91
CA ILE D 987 3.74 9.22 -63.24
C ILE D 987 4.67 8.79 -64.37
N THR D 988 4.67 9.56 -65.46
CA THR D 988 5.35 9.14 -66.68
C THR D 988 6.79 9.59 -66.73
N ASP D 989 7.11 10.72 -66.13
CA ASP D 989 8.48 11.22 -66.02
C ASP D 989 9.38 10.17 -65.40
N PRO D 990 10.36 9.63 -66.14
CA PRO D 990 11.31 8.69 -65.52
C PRO D 990 12.10 9.37 -64.41
N GLU D 991 12.97 8.62 -63.73
CA GLU D 991 13.57 9.06 -62.47
C GLU D 991 12.51 9.20 -61.38
N ARG D 992 11.36 8.56 -61.56
CA ARG D 992 10.38 8.50 -60.50
C ARG D 992 10.81 7.50 -59.45
N ASP D 993 10.42 7.75 -58.21
CA ASP D 993 10.78 6.84 -57.13
C ASP D 993 9.87 5.62 -57.19
N ILE D 994 10.47 4.44 -57.30
CA ILE D 994 9.66 3.23 -57.31
C ILE D 994 9.08 2.96 -55.94
N GLN D 995 9.79 3.34 -54.88
CA GLN D 995 9.24 3.24 -53.53
C GLN D 995 8.01 4.12 -53.36
N ASP D 996 7.96 5.25 -54.07
CA ASP D 996 6.78 6.10 -54.11
C ASP D 996 5.61 5.47 -54.85
N PHE D 997 5.77 4.24 -55.37
CA PHE D 997 4.74 3.62 -56.21
C PHE D 997 4.40 2.21 -55.74
N VAL D 998 4.75 1.85 -54.51
CA VAL D 998 4.56 0.49 -54.02
C VAL D 998 3.19 0.34 -53.39
N LEU D 999 2.51 -0.75 -53.71
CA LEU D 999 1.31 -1.18 -53.02
C LEU D 999 1.69 -2.22 -51.97
N THR D 1000 0.86 -2.33 -50.94
CA THR D 1000 1.12 -3.26 -49.84
C THR D 1000 -0.14 -4.05 -49.52
N ALA D 1001 0.06 -5.26 -49.00
CA ALA D 1001 -1.08 -6.08 -48.59
C ALA D 1001 -0.62 -7.05 -47.52
N GLU D 1002 -1.39 -7.16 -46.44
CA GLU D 1002 -1.04 -8.07 -45.37
C GLU D 1002 -1.38 -9.50 -45.76
N LEU D 1003 -0.51 -10.44 -45.38
CA LEU D 1003 -0.76 -11.85 -45.59
C LEU D 1003 -1.48 -12.36 -44.35
N SER D 1004 -2.81 -12.47 -44.44
CA SER D 1004 -3.63 -12.78 -43.27
C SER D 1004 -3.46 -14.24 -42.88
N ARG D 1005 -3.79 -15.16 -43.77
CA ARG D 1005 -3.79 -16.58 -43.48
C ARG D 1005 -2.58 -17.26 -44.12
N HIS D 1006 -2.41 -18.53 -43.77
CA HIS D 1006 -1.56 -19.42 -44.54
C HIS D 1006 -2.16 -19.57 -45.94
N PRO D 1007 -1.37 -19.41 -47.00
CA PRO D 1007 -1.97 -19.31 -48.35
C PRO D 1007 -2.85 -20.48 -48.74
N ARG D 1008 -2.57 -21.69 -48.21
CA ARG D 1008 -3.40 -22.84 -48.53
C ARG D 1008 -4.85 -22.63 -48.11
N ALA D 1009 -5.10 -21.80 -47.11
CA ALA D 1009 -6.44 -21.52 -46.64
C ALA D 1009 -7.10 -20.36 -47.38
N TYR D 1010 -6.40 -19.72 -48.30
CA TYR D 1010 -7.03 -18.68 -49.10
C TYR D 1010 -7.97 -19.34 -50.10
N THR D 1011 -9.17 -18.77 -50.28
CA THR D 1011 -10.13 -19.38 -51.19
C THR D 1011 -10.08 -18.77 -52.58
N ASN D 1012 -9.92 -17.44 -52.67
CA ASN D 1012 -9.73 -16.77 -53.95
C ASN D 1012 -8.25 -16.89 -54.31
N LYS D 1013 -7.92 -17.88 -55.14
CA LYS D 1013 -6.53 -18.17 -55.46
C LYS D 1013 -5.90 -17.16 -56.41
N ARG D 1014 -6.63 -16.13 -56.82
CA ARG D 1014 -6.13 -15.13 -57.76
C ARG D 1014 -6.17 -13.75 -57.11
N LEU D 1015 -5.16 -13.47 -56.29
CA LEU D 1015 -4.98 -12.18 -55.64
C LEU D 1015 -3.55 -11.71 -55.86
N ALA D 1016 -3.35 -10.40 -55.81
CA ALA D 1016 -2.06 -9.82 -56.13
C ALA D 1016 -0.95 -10.34 -55.23
N HIS D 1017 -1.09 -10.12 -53.92
CA HIS D 1017 -0.05 -10.54 -52.99
C HIS D 1017 0.15 -12.05 -52.99
N LEU D 1018 -0.87 -12.84 -53.37
CA LEU D 1018 -0.67 -14.28 -53.49
C LEU D 1018 0.23 -14.60 -54.68
N THR D 1019 -0.01 -13.96 -55.82
CA THR D 1019 0.89 -14.07 -56.96
C THR D 1019 2.31 -13.71 -56.58
N VAL D 1020 2.49 -12.58 -55.89
CA VAL D 1020 3.83 -12.15 -55.51
C VAL D 1020 4.46 -13.13 -54.54
N TYR D 1021 3.67 -13.69 -53.62
CA TYR D 1021 4.17 -14.69 -52.68
C TYR D 1021 4.70 -15.91 -53.43
N TYR D 1022 3.87 -16.48 -54.31
CA TYR D 1022 4.28 -17.68 -55.02
C TYR D 1022 5.47 -17.42 -55.94
N LYS D 1023 5.53 -16.23 -56.55
CA LYS D 1023 6.68 -15.88 -57.38
C LYS D 1023 7.95 -15.77 -56.55
N LEU D 1024 7.89 -15.07 -55.42
CA LEU D 1024 9.03 -15.02 -54.50
C LEU D 1024 9.45 -16.41 -54.08
N MET D 1025 8.49 -17.32 -53.90
CA MET D 1025 8.80 -18.68 -53.50
C MET D 1025 9.56 -19.42 -54.60
N ALA D 1026 9.08 -19.32 -55.84
CA ALA D 1026 9.74 -19.99 -56.96
C ALA D 1026 11.15 -19.48 -57.16
N ARG D 1027 11.41 -18.21 -56.85
CA ARG D 1027 12.71 -17.58 -57.04
C ARG D 1027 13.71 -17.92 -55.94
N ARG D 1028 13.36 -18.81 -55.01
CA ARG D 1028 14.21 -19.17 -53.88
C ARG D 1028 14.61 -17.92 -53.10
N ALA D 1029 13.66 -17.01 -52.93
CA ALA D 1029 13.90 -15.75 -52.26
C ALA D 1029 13.55 -15.89 -50.78
N GLN D 1030 13.36 -14.76 -50.09
CA GLN D 1030 12.99 -14.74 -48.69
C GLN D 1030 11.47 -14.82 -48.58
N VAL D 1031 10.96 -16.01 -48.28
CA VAL D 1031 9.53 -16.23 -48.08
C VAL D 1031 9.03 -15.35 -46.93
N PRO D 1032 8.06 -14.48 -47.16
CA PRO D 1032 7.59 -13.59 -46.09
C PRO D 1032 6.88 -14.37 -45.00
N SER D 1033 7.03 -13.89 -43.76
CA SER D 1033 6.42 -14.55 -42.62
C SER D 1033 4.89 -14.59 -42.74
N ILE D 1034 4.29 -15.47 -41.96
CA ILE D 1034 2.89 -15.86 -42.14
C ILE D 1034 1.92 -14.71 -41.94
N LYS D 1035 2.38 -13.58 -41.38
CA LYS D 1035 1.48 -12.45 -41.14
C LYS D 1035 2.19 -11.11 -41.33
N ASP D 1036 3.15 -11.06 -42.25
CA ASP D 1036 3.84 -9.81 -42.55
C ASP D 1036 3.16 -9.12 -43.72
N ARG D 1037 3.70 -7.97 -44.12
CA ARG D 1037 3.19 -7.21 -45.25
C ARG D 1037 3.98 -7.57 -46.51
N ILE D 1038 3.27 -7.92 -47.57
CA ILE D 1038 3.87 -8.19 -48.87
C ILE D 1038 3.75 -6.92 -49.70
N PRO D 1039 4.86 -6.38 -50.22
CA PRO D 1039 4.78 -5.27 -51.17
C PRO D 1039 4.80 -5.77 -52.61
N TYR D 1040 4.23 -4.94 -53.49
CA TYR D 1040 4.19 -5.29 -54.91
C TYR D 1040 3.93 -4.05 -55.73
N VAL D 1041 4.22 -4.16 -57.03
CA VAL D 1041 3.98 -3.10 -58.01
C VAL D 1041 3.41 -3.74 -59.27
N ILE D 1042 2.91 -2.89 -60.17
CA ILE D 1042 2.17 -3.32 -61.34
C ILE D 1042 3.00 -3.02 -62.59
N VAL D 1043 3.37 -4.07 -63.31
CA VAL D 1043 4.06 -3.93 -64.59
C VAL D 1043 3.03 -3.60 -65.67
N ALA D 1044 3.51 -3.05 -66.80
CA ALA D 1044 2.67 -2.86 -67.96
C ALA D 1044 2.76 -4.07 -68.89
N GLN D 1045 1.69 -4.30 -69.65
CA GLN D 1045 1.61 -5.48 -70.49
C GLN D 1045 2.62 -5.39 -71.64
N THR D 1046 3.40 -6.45 -71.82
CA THR D 1046 4.35 -6.55 -72.92
C THR D 1046 4.24 -7.93 -73.53
N ARG D 1047 4.99 -8.17 -74.61
CA ARG D 1047 5.02 -9.49 -75.20
C ARG D 1047 5.72 -10.50 -74.28
N GLU D 1048 6.85 -10.10 -73.69
CA GLU D 1048 7.56 -10.99 -72.77
C GLU D 1048 6.73 -11.27 -71.51
N VAL D 1049 6.07 -10.24 -70.98
CA VAL D 1049 5.26 -10.42 -69.77
C VAL D 1049 4.12 -11.39 -70.03
N GLU D 1050 3.36 -11.17 -71.11
CA GLU D 1050 2.26 -12.07 -71.43
C GLU D 1050 2.75 -13.46 -71.77
N GLU D 1051 3.92 -13.57 -72.40
CA GLU D 1051 4.48 -14.88 -72.72
C GLU D 1051 4.82 -15.66 -71.45
N THR D 1052 5.48 -15.00 -70.49
CA THR D 1052 5.79 -15.69 -69.24
C THR D 1052 4.53 -15.99 -68.43
N VAL D 1053 3.51 -15.14 -68.53
CA VAL D 1053 2.23 -15.42 -67.87
C VAL D 1053 1.61 -16.70 -68.44
N ALA D 1054 1.55 -16.78 -69.78
CA ALA D 1054 1.04 -17.98 -70.43
C ALA D 1054 1.90 -19.19 -70.09
N ARG D 1055 3.21 -18.99 -69.94
CA ARG D 1055 4.09 -20.10 -69.58
C ARG D 1055 3.76 -20.64 -68.20
N LEU D 1056 3.56 -19.74 -67.23
CA LEU D 1056 3.16 -20.19 -65.90
C LEU D 1056 1.79 -20.86 -65.94
N ALA D 1057 0.88 -20.35 -66.76
CA ALA D 1057 -0.43 -20.96 -66.90
C ALA D 1057 -0.31 -22.39 -67.43
N ALA D 1058 0.51 -22.59 -68.47
CA ALA D 1058 0.75 -23.94 -68.98
C ALA D 1058 1.42 -24.82 -67.93
N LEU D 1059 2.34 -24.26 -67.16
CA LEU D 1059 2.99 -25.02 -66.09
C LEU D 1059 1.97 -25.53 -65.07
N ARG D 1060 0.98 -24.71 -64.74
CA ARG D 1060 -0.05 -25.15 -63.80
C ARG D 1060 -0.84 -26.33 -64.35
N GLU D 1061 -1.23 -26.26 -65.62
CA GLU D 1061 -2.04 -27.30 -66.26
C GLU D 1061 -1.35 -28.67 -66.24
N VAL D 1105 -5.15 -7.57 -62.82
CA VAL D 1105 -4.03 -6.94 -62.15
C VAL D 1105 -3.21 -7.98 -61.40
N SER D 1106 -3.86 -9.05 -60.94
CA SER D 1106 -3.14 -10.07 -60.18
C SER D 1106 -2.16 -10.82 -61.06
N GLU D 1107 -2.30 -10.72 -62.38
CA GLU D 1107 -1.26 -11.26 -63.26
C GLU D 1107 -0.11 -10.27 -63.37
N LEU D 1108 -0.41 -8.98 -63.35
CA LEU D 1108 0.61 -7.93 -63.37
C LEU D 1108 0.95 -7.50 -61.95
N ALA D 1109 1.67 -8.38 -61.27
CA ALA D 1109 2.13 -8.09 -59.91
C ALA D 1109 3.54 -8.61 -59.75
N GLU D 1110 4.43 -7.78 -59.21
CA GLU D 1110 5.83 -8.16 -59.13
C GLU D 1110 6.49 -7.50 -57.93
N ASP D 1111 7.48 -8.18 -57.38
CA ASP D 1111 8.29 -7.64 -56.31
C ASP D 1111 8.98 -6.36 -56.79
N PRO D 1112 8.91 -5.27 -56.02
CA PRO D 1112 9.71 -4.07 -56.35
C PRO D 1112 11.19 -4.37 -56.59
N ALA D 1113 11.78 -5.28 -55.81
CA ALA D 1113 13.19 -5.61 -55.98
C ALA D 1113 13.46 -6.19 -57.36
N TYR D 1114 12.76 -7.29 -57.70
CA TYR D 1114 12.95 -7.92 -59.00
C TYR D 1114 12.60 -6.94 -60.13
N ALA D 1115 11.57 -6.13 -59.94
CA ALA D 1115 11.14 -5.23 -61.00
C ALA D 1115 12.00 -3.98 -61.09
N ILE D 1116 12.92 -3.77 -60.16
CA ILE D 1116 13.86 -2.66 -60.24
C ILE D 1116 15.20 -3.16 -60.79
N ALA D 1117 15.57 -4.39 -60.41
CA ALA D 1117 16.84 -4.94 -60.91
C ALA D 1117 16.74 -5.45 -62.34
N HIS D 1118 15.53 -5.76 -62.81
CA HIS D 1118 15.31 -6.09 -64.22
C HIS D 1118 14.88 -4.89 -65.05
N GLY D 1119 14.87 -3.69 -64.46
CA GLY D 1119 14.52 -2.49 -65.19
C GLY D 1119 13.13 -2.49 -65.76
N VAL D 1120 12.21 -3.23 -65.14
CA VAL D 1120 10.86 -3.36 -65.68
C VAL D 1120 10.09 -2.06 -65.50
N ALA D 1121 9.19 -1.77 -66.44
CA ALA D 1121 8.42 -0.54 -66.45
C ALA D 1121 7.01 -0.78 -65.93
N LEU D 1122 6.46 0.25 -65.28
CA LEU D 1122 5.18 0.14 -64.61
C LEU D 1122 4.01 0.32 -65.58
N ASN D 1123 2.83 -0.07 -65.13
CA ASN D 1123 1.58 0.21 -65.84
C ASN D 1123 1.10 1.58 -65.40
N THR D 1124 1.55 2.62 -66.12
CA THR D 1124 1.14 3.98 -65.82
C THR D 1124 -0.37 4.12 -65.83
N ASP D 1125 -1.03 3.44 -66.77
CA ASP D 1125 -2.49 3.53 -66.89
C ASP D 1125 -3.17 3.06 -65.61
N TYR D 1126 -2.65 1.99 -64.99
CA TYR D 1126 -3.30 1.46 -63.80
C TYR D 1126 -3.25 2.48 -62.66
N TYR D 1127 -2.08 3.07 -62.43
CA TYR D 1127 -1.95 4.02 -61.33
C TYR D 1127 -2.74 5.28 -61.58
N PHE D 1128 -2.84 5.72 -62.84
CA PHE D 1128 -3.65 6.92 -63.11
C PHE D 1128 -5.13 6.62 -62.98
N SER D 1129 -5.58 5.46 -63.49
CA SER D 1129 -6.98 5.07 -63.34
C SER D 1129 -7.37 4.91 -61.88
N HIS D 1130 -6.43 4.45 -61.04
CA HIS D 1130 -6.78 4.31 -59.62
C HIS D 1130 -6.67 5.62 -58.87
N LEU D 1131 -5.81 6.54 -59.31
CA LEU D 1131 -5.89 7.91 -58.80
C LEU D 1131 -7.26 8.51 -59.10
N LEU D 1132 -7.76 8.27 -60.31
CA LEU D 1132 -9.09 8.77 -60.68
C LEU D 1132 -10.18 8.06 -59.89
N GLY D 1133 -10.01 6.76 -59.62
CA GLY D 1133 -10.97 6.05 -58.79
C GLY D 1133 -11.03 6.58 -57.38
N ALA D 1134 -9.87 6.86 -56.79
CA ALA D 1134 -9.83 7.46 -55.46
C ALA D 1134 -10.48 8.83 -55.44
N ALA D 1135 -10.20 9.64 -56.48
CA ALA D 1135 -10.84 10.94 -56.58
C ALA D 1135 -12.36 10.81 -56.66
N CYS D 1136 -12.84 9.88 -57.51
CA CYS D 1136 -14.27 9.66 -57.64
C CYS D 1136 -14.89 9.24 -56.30
N VAL D 1137 -14.23 8.32 -55.60
CA VAL D 1137 -14.78 7.82 -54.33
C VAL D 1137 -14.83 8.93 -53.30
N THR D 1138 -13.79 9.77 -53.25
CA THR D 1138 -13.76 10.82 -52.24
C THR D 1138 -14.70 11.97 -52.56
N PHE D 1139 -14.93 12.27 -53.84
CA PHE D 1139 -15.67 13.47 -54.21
C PHE D 1139 -17.02 13.18 -54.85
N LYS D 1140 -17.49 11.93 -54.84
CA LYS D 1140 -18.85 11.66 -55.27
C LYS D 1140 -19.88 12.39 -54.40
N ALA D 1141 -19.51 12.72 -53.16
CA ALA D 1141 -20.43 13.42 -52.26
C ALA D 1141 -20.99 14.69 -52.91
N LEU D 1142 -20.12 15.49 -53.52
CA LEU D 1142 -20.53 16.76 -54.09
C LEU D 1142 -21.42 16.62 -55.32
N PHE D 1143 -21.67 15.39 -55.80
CA PHE D 1143 -22.52 15.19 -56.96
C PHE D 1143 -23.68 14.25 -56.64
N GLY D 1144 -24.40 14.53 -55.56
CA GLY D 1144 -25.50 13.67 -55.14
C GLY D 1144 -25.13 12.21 -54.98
N ASN D 1145 -23.86 11.95 -54.68
CA ASN D 1145 -23.33 10.59 -54.52
C ASN D 1145 -23.72 9.69 -55.69
N ASN D 1146 -23.42 10.16 -56.90
CA ASN D 1146 -23.48 9.35 -58.10
C ASN D 1146 -22.06 9.13 -58.60
N ALA D 1147 -21.74 7.88 -58.92
CA ALA D 1147 -20.37 7.55 -59.32
C ALA D 1147 -20.13 7.87 -60.79
N LYS D 1148 -21.07 7.50 -61.66
CA LYS D 1148 -20.90 7.77 -63.09
C LYS D 1148 -20.86 9.28 -63.36
N ILE D 1149 -21.76 10.04 -62.73
CA ILE D 1149 -21.75 11.49 -62.90
C ILE D 1149 -20.43 12.08 -62.43
N THR D 1150 -19.89 11.55 -61.33
CA THR D 1150 -18.65 12.08 -60.79
C THR D 1150 -17.47 11.77 -61.70
N GLU D 1151 -17.40 10.53 -62.21
CA GLU D 1151 -16.36 10.18 -63.16
C GLU D 1151 -16.43 11.08 -64.40
N SER D 1152 -17.64 11.29 -64.91
CA SER D 1152 -17.82 12.19 -66.05
C SER D 1152 -17.30 13.59 -65.74
N LEU D 1153 -17.80 14.20 -64.67
CA LEU D 1153 -17.42 15.58 -64.35
C LEU D 1153 -15.95 15.72 -63.96
N LEU D 1154 -15.27 14.62 -63.62
CA LEU D 1154 -13.81 14.68 -63.51
C LEU D 1154 -13.12 14.54 -64.85
N LYS D 1155 -13.69 13.78 -65.79
CA LYS D 1155 -13.11 13.67 -67.12
C LYS D 1155 -12.84 15.03 -67.78
N ARG D 1156 -13.53 16.08 -67.34
CA ARG D 1156 -13.34 17.43 -67.88
C ARG D 1156 -12.08 18.13 -67.39
N PHE D 1157 -11.18 17.41 -66.72
CA PHE D 1157 -9.91 18.00 -66.29
C PHE D 1157 -8.70 17.31 -66.90
N ILE D 1158 -8.91 16.28 -67.72
CA ILE D 1158 -7.81 15.51 -68.32
C ILE D 1158 -8.05 15.42 -69.82
N PRO D 1159 -7.03 15.60 -70.65
CA PRO D 1159 -7.18 15.38 -72.09
C PRO D 1159 -7.83 14.03 -72.37
N GLU D 1160 -8.72 14.01 -73.36
CA GLU D 1160 -9.52 12.82 -73.65
C GLU D 1160 -8.67 11.61 -74.01
N VAL D 1161 -7.39 11.82 -74.36
CA VAL D 1161 -6.51 10.72 -74.72
C VAL D 1161 -6.04 9.92 -73.51
N TRP D 1162 -6.50 10.26 -72.30
CA TRP D 1162 -6.13 9.54 -71.09
C TRP D 1162 -7.28 8.77 -70.47
N HIS D 1163 -8.52 9.08 -70.85
CA HIS D 1163 -9.70 8.40 -70.32
C HIS D 1163 -9.59 6.88 -70.46
C10 YE4 G . -2.41 -3.91 28.76
C13 YE4 G . -2.22 -4.56 31.11
C15 YE4 G . 4.58 -2.27 31.56
C17 YE4 G . 6.91 -1.24 31.12
C20 YE4 G . 8.61 -5.26 31.11
C21 YE4 G . 7.77 -6.44 31.33
C22 YE4 G . 8.42 -7.90 31.32
C24 YE4 G . 8.55 -7.93 29.14
C28 YE4 G . 10.09 -9.11 30.54
C02 YE4 G . 4.32 -4.85 31.77
C03 YE4 G . 3.72 -3.49 31.78
C04 YE4 G . 2.19 -3.29 32.00
C06 YE4 G . -0.09 -4.17 32.47
C07 YE4 G . -0.90 -4.07 31.14
C08 YE4 G . -0.33 -3.50 30.00
C09 YE4 G . -1.08 -3.42 28.81
C12 YE4 G . -2.97 -4.47 29.89
C18 YE4 G . 6.66 -3.82 31.33
C19 YE4 G . 8.03 -3.96 31.13
C25 YE4 G . 8.75 -9.02 28.06
C27 YE4 G . 9.84 -10.34 29.69
C29 YE4 G . 6.40 -6.30 31.54
C30 YE4 G . 5.82 -5.00 31.54
N05 YE4 G . 1.32 -4.42 32.24
N16 YE4 G . 6.04 -2.43 31.34
N23 YE4 G . 9.23 -8.03 30.33
O01 YE4 G . 3.65 -5.79 31.93
O14 YE4 G . 1.72 -2.16 32.01
O26 YE4 G . 9.58 -10.08 28.35
CL11 YE4 G . -3.35 -3.80 27.23
C10 YE4 H . -11.05 -10.00 -25.27
C13 YE4 H . -12.26 -10.42 -27.33
C15 YE4 H . -10.75 -3.93 -30.05
C17 YE4 H . -9.91 -1.54 -30.51
C20 YE4 H . -13.93 -0.03 -29.72
C21 YE4 H . -15.03 -0.93 -29.35
C22 YE4 H . -16.48 -0.36 -29.08
C24 YE4 H . -15.94 0.46 -27.11
C28 YE4 H . -17.60 1.48 -28.51
C02 YE4 H . -13.24 -4.33 -29.42
C03 YE4 H . -11.87 -4.87 -29.68
C04 YE4 H . -11.59 -6.38 -29.59
C06 YE4 H . -12.37 -8.73 -29.23
C07 YE4 H . -11.89 -9.16 -27.81
C08 YE4 H . -11.09 -8.31 -27.03
C09 YE4 H . -10.66 -8.71 -25.76
C12 YE4 H . -11.82 -10.84 -26.03
C18 YE4 H . -12.41 -1.92 -29.88
C19 YE4 H . -12.63 -0.56 -29.97
C25 YE4 H . -16.68 1.06 -25.88
C27 YE4 H . -18.49 1.58 -27.29
C29 YE4 H . -14.80 -2.31 -29.27
C30 YE4 H . -13.50 -2.82 -29.53
N05 YE4 H . -12.67 -7.31 -29.29
N16 YE4 H . -11.01 -2.46 -30.15
N23 YE4 H . -16.44 0.71 -28.36
O01 YE4 H . -14.11 -5.06 -29.13
O14 YE4 H . -10.46 -6.81 -29.80
O26 YE4 H . -17.83 1.79 -26.09
CL11 YE4 H . -10.49 -10.52 -23.63
#